data_6S8O
#
_entry.id   6S8O
#
_cell.length_a   145.564
_cell.length_b   152.531
_cell.length_c   142.515
_cell.angle_alpha   90.000
_cell.angle_beta   120.690
_cell.angle_gamma   90.000
#
_symmetry.space_group_name_H-M   'C 1 2 1'
#
loop_
_entity.id
_entity.type
_entity.pdbx_description
1 polymer 'U5 small nuclear ribonucleoprotein 200 kDa helicase'
2 water water
#
_entity_poly.entity_id   1
_entity_poly.type   'polypeptide(L)'
_entity_poly.pdbx_seq_one_letter_code
;GAEFMDLDQGGEALAPRQVLDLEDLVFTQGSHFMANKRCQLPDGSFRRQRKGYEEVHVPALKPKPFGSEEQLLPVEKLPK
YAQAGFEGFKTLNRIQSKLYRAALETDENLLLCAPTGAGKTNVALMCMLREIGKHINMDGTINVDDFKIIYIAPMRSLVQ
EMVGSFGKRLATYGITVAELTGDHQLCKEEISATQIIVCTPEKWDIITRKGGERTYTQLVRLIILDEIHLLHDDRGPVLE
ALVARAIRNIECTQEDVRLIGLSATLPNYEDVATFLRVDPAKGLFYFDNSFRPVPLEQTYVGITEKKAIKRFQIMNEIVY
EKIMEHAGKNQVLVFVHSRKETGKTARAIRDMCLEKDTLGLFLREGSASTEVLRTEAEQCKNLELKDLLPYGFAIHHAGM
TRVDRTLVEDLFADKHIQVLVSTATLAWGVNLPAHTVIIKGTQVYSPEKGRWTELGALDILQMLGRAGRPQYDTKGEGIL
ITSHGELQYYLSLLNQQLPIESQMVSKLPDMLNAEIVLGNVQNAKDAVNWLGYAYLYIRMLRSPTLYGISHDDLKGDPLL
DQRRLDLVHTAALMLDKNNLVKYDKKTGNFQVTELGRIASHYYITNDTVQTYNQLLKPTLSEIELFRVFSLSSEFKNITV
REEEKLELQKLLERVPIPVKESIEEPSAKINVLLQAFISQLKLEGFALMADMVYVTQSAGRLMRAIFEIVLNRGWAQLTD
KTLNLCKMIDKRMWQSMCPLRQFRKLPEEVVKKIEKKNFPFERLYDLNHNEIGELIRMPKMGKTIHKYVHLFPKLELSVH
LQPITRSTLKVELTITPDFQWDEKVHGSSEAFWILVEDVDSEVILHHEYFLLKAKYAQDEHLITFFVPVFEPLPPQYFIR
VVSDRWLSCETQLPVSFRHLILPEKYPPPTELLDLQPLPVSALRNSAFESLYQDKFPFFNPIQTQVFNTVYNSDDNVFVG
APTGSGKTICAEFAILRMLLQSSEGRCVYITPMEALAEQVYMDWYEKFQDRLNKKVVLLTGETSTDLKLLGKGNIIISTP
EKWDILSRRWKQRKNVQNINLFVVDEVHLIGGENGPVLEVICSRMRYISSQIERPIRIVALSSSLSNAKDVAHWLGCSAT
STFNFHPNVRPVPLELHIQGFNISHTQTRLLSMAKPVYHAITKHSPKKPVIVFVPSRKQTRLTAIDILTTCACDIQRQRF
LHCTEKDLIPYLEKLSDSTLKETLLNGVGYLHEGLSPMERRLVEQLFSSGAIQVVVASRSLCWGMNVAAHLVIIMDTQYY
NGKIHAYVDYPIYDVLQMVGHANRPLQDDEGRCVIMCQGSKKDFFKKFLYEPLPVESHLDHCMHDHFNAEIVTKTIENKQ
DAVDYLTWTFLYRRMTQNPNYYNLQGISHRHLSDHLSELVEQTLSDLEQSKCISIEDEMDVAPLNLGMIAAYYYINYTTI
ELFSMSLNAKTKVRGLIEIISNAAEYENIPIRHHEDNLLRQLAQKVPHKLNNPKFNDPHVKTNLLLQAHLSRMQLSAELQ
SDTEEILSKAIRLIQACVDVLSSNGWLSPALAAMELAQMVTQAMWSKDSYLKQLPHFTSEHIKRCTDKGVESVFDIMEME
DEERNALLQLTDSQIADVARFCNRYPNIELSYEVVDKDSIRSGGPVVVLVQLEREEEVTGPVIAPLFPQKREEGWWVVIG
DAKSNSLISIKRLTLQQKAKVKLDFVAPATGAHNYTLYFMSDAYMGCDQEYKFSVDVKEAETDSDSD
;
_entity_poly.pdbx_strand_id   B
#
# COMPACT_ATOMS: atom_id res chain seq x y z
N ALA A 13 0.46 -19.95 30.23
CA ALA A 13 0.70 -19.68 31.64
C ALA A 13 -0.60 -19.75 32.43
N LEU A 14 -0.82 -20.86 33.11
CA LEU A 14 -2.04 -21.08 33.89
C LEU A 14 -1.82 -20.68 35.34
N ALA A 15 -2.81 -19.99 35.90
CA ALA A 15 -2.77 -19.57 37.29
C ALA A 15 -4.20 -19.31 37.74
N PRO A 16 -4.57 -19.68 38.96
CA PRO A 16 -5.95 -19.44 39.43
C PRO A 16 -6.25 -17.95 39.48
N ARG A 17 -7.41 -17.57 38.96
CA ARG A 17 -7.83 -16.18 38.88
C ARG A 17 -9.13 -15.99 39.65
N GLN A 18 -9.42 -14.73 39.97
CA GLN A 18 -10.63 -14.36 40.69
C GLN A 18 -11.32 -13.21 39.98
N VAL A 19 -12.65 -13.26 39.93
CA VAL A 19 -13.44 -12.24 39.25
C VAL A 19 -13.60 -11.04 40.17
N LEU A 20 -13.47 -9.85 39.59
CA LEU A 20 -13.57 -8.59 40.33
C LEU A 20 -14.76 -7.78 39.82
N ASP A 21 -15.39 -7.04 40.73
CA ASP A 21 -16.42 -6.07 40.35
C ASP A 21 -15.73 -4.72 40.14
N LEU A 22 -15.75 -4.24 38.89
CA LEU A 22 -15.01 -3.03 38.56
C LEU A 22 -15.60 -1.80 39.23
N GLU A 23 -16.90 -1.82 39.54
CA GLU A 23 -17.53 -0.66 40.17
C GLU A 23 -16.97 -0.37 41.56
N ASP A 24 -16.38 -1.37 42.22
CA ASP A 24 -15.81 -1.15 43.55
C ASP A 24 -14.42 -0.51 43.46
N LEU A 25 -13.62 -0.92 42.48
CA LEU A 25 -12.28 -0.37 42.33
C LEU A 25 -12.23 0.88 41.47
N VAL A 26 -13.28 1.16 40.70
CA VAL A 26 -13.28 2.32 39.83
C VAL A 26 -13.45 3.59 40.67
N PHE A 27 -12.95 4.70 40.13
CA PHE A 27 -13.16 6.01 40.74
C PHE A 27 -14.49 6.55 40.20
N THR A 28 -15.55 6.35 40.97
CA THR A 28 -16.89 6.67 40.49
C THR A 28 -17.05 8.16 40.21
N GLN A 29 -16.39 9.02 41.00
CA GLN A 29 -16.51 10.45 40.79
C GLN A 29 -15.87 10.91 39.49
N GLY A 30 -14.95 10.12 38.93
CA GLY A 30 -14.35 10.44 37.65
C GLY A 30 -13.31 11.54 37.71
N SER A 31 -13.57 12.64 37.00
CA SER A 31 -12.56 13.70 36.88
C SER A 31 -12.39 14.46 38.20
N HIS A 32 -13.45 14.58 38.99
CA HIS A 32 -13.40 15.38 40.21
C HIS A 32 -13.21 14.53 41.47
N PHE A 33 -12.63 13.34 41.33
CA PHE A 33 -12.29 12.51 42.49
C PHE A 33 -10.93 12.96 43.03
N MET A 34 -10.94 13.55 44.23
CA MET A 34 -9.71 14.00 44.86
C MET A 34 -9.20 12.92 45.82
N ALA A 35 -7.92 12.60 45.70
CA ALA A 35 -7.34 11.55 46.54
C ALA A 35 -6.85 12.11 47.88
N ASN A 36 -6.51 13.39 47.91
CA ASN A 36 -6.03 13.99 49.16
C ASN A 36 -7.18 14.19 50.14
N LYS A 37 -6.85 14.04 51.42
CA LYS A 37 -7.85 14.18 52.47
C LYS A 37 -8.13 15.65 52.78
N ARG A 38 -7.10 16.38 53.17
CA ARG A 38 -7.21 17.78 53.56
C ARG A 38 -6.77 18.66 52.39
N CYS A 39 -6.46 19.93 52.68
CA CYS A 39 -5.96 20.85 51.67
C CYS A 39 -5.14 21.92 52.37
N GLN A 40 -3.82 21.89 52.18
CA GLN A 40 -2.92 22.83 52.84
C GLN A 40 -3.17 24.24 52.31
N LEU A 41 -3.78 25.08 53.12
CA LEU A 41 -3.95 26.48 52.76
C LEU A 41 -2.61 27.20 52.91
N PRO A 42 -2.31 28.17 52.04
CA PRO A 42 -1.05 28.93 52.19
C PRO A 42 -1.06 29.81 53.42
N ASP A 43 0.01 30.59 53.61
CA ASP A 43 0.15 31.37 54.83
C ASP A 43 -0.84 32.53 54.87
N GLY A 44 -1.04 33.20 53.74
CA GLY A 44 -1.92 34.35 53.70
C GLY A 44 -3.38 33.99 53.43
N SER A 45 -3.85 32.91 54.04
CA SER A 45 -5.20 32.42 53.84
C SER A 45 -6.08 32.86 55.02
N PHE A 46 -7.04 33.73 54.74
CA PHE A 46 -8.01 34.16 55.74
C PHE A 46 -9.41 33.81 55.26
N ARG A 47 -10.29 33.51 56.22
CA ARG A 47 -11.64 33.03 55.92
C ARG A 47 -12.66 34.05 56.43
N ARG A 48 -13.20 34.85 55.51
CA ARG A 48 -14.24 35.81 55.81
C ARG A 48 -15.60 35.24 55.41
N GLN A 49 -16.65 35.65 56.12
CA GLN A 49 -17.97 35.06 55.94
C GLN A 49 -19.02 36.14 55.79
N ARG A 50 -20.12 35.76 55.14
CA ARG A 50 -21.32 36.58 55.07
C ARG A 50 -22.48 35.82 55.70
N LYS A 51 -23.70 36.03 55.19
CA LYS A 51 -24.86 35.28 55.63
C LYS A 51 -25.36 34.31 54.56
N GLY A 52 -24.63 34.17 53.46
CA GLY A 52 -25.01 33.25 52.40
C GLY A 52 -23.83 32.56 51.76
N TYR A 53 -22.66 33.19 51.82
CA TYR A 53 -21.44 32.64 51.25
C TYR A 53 -20.25 33.10 52.08
N GLU A 54 -19.33 32.18 52.36
CA GLU A 54 -18.13 32.47 53.13
C GLU A 54 -16.91 32.52 52.21
N GLU A 55 -16.06 33.51 52.42
CA GLU A 55 -14.90 33.73 51.55
C GLU A 55 -13.67 33.05 52.13
N VAL A 56 -12.84 32.51 51.25
CA VAL A 56 -11.55 31.91 51.60
C VAL A 56 -10.54 32.41 50.59
N HIS A 57 -9.65 33.29 51.02
CA HIS A 57 -8.70 33.92 50.11
C HIS A 57 -7.34 33.28 50.23
N VAL A 58 -6.57 33.35 49.15
CA VAL A 58 -5.14 33.08 49.18
C VAL A 58 -4.44 34.27 48.52
N PRO A 59 -3.27 34.67 48.98
CA PRO A 59 -2.65 35.89 48.44
C PRO A 59 -1.89 35.61 47.15
N ALA A 60 -1.47 36.70 46.51
CA ALA A 60 -0.63 36.61 45.33
C ALA A 60 0.82 36.39 45.78
N LEU A 61 1.37 35.23 45.43
CA LEU A 61 2.72 34.89 45.86
C LEU A 61 3.73 35.87 45.27
N LYS A 62 4.62 36.35 46.13
CA LYS A 62 5.61 37.35 45.70
C LYS A 62 6.53 36.77 44.64
N PRO A 63 7.04 37.59 43.73
CA PRO A 63 8.00 37.10 42.74
C PRO A 63 9.34 36.77 43.39
N LYS A 64 9.89 35.61 43.03
CA LYS A 64 11.16 35.17 43.57
C LYS A 64 12.31 35.73 42.75
N PRO A 65 13.31 36.35 43.38
CA PRO A 65 14.47 36.83 42.63
C PRO A 65 15.26 35.68 42.03
N PHE A 66 15.94 35.98 40.92
CA PHE A 66 16.71 34.96 40.23
C PHE A 66 17.89 34.51 41.07
N GLY A 67 18.03 33.20 41.20
CA GLY A 67 19.14 32.64 41.95
C GLY A 67 20.47 32.79 41.20
N SER A 68 21.54 32.39 41.88
CA SER A 68 22.87 32.50 41.30
C SER A 68 23.11 31.47 40.21
N GLU A 69 22.32 30.39 40.18
CA GLU A 69 22.52 29.33 39.19
C GLU A 69 21.67 29.50 37.95
N GLU A 70 20.56 30.23 38.03
CA GLU A 70 19.69 30.44 36.88
C GLU A 70 19.59 31.94 36.58
N GLN A 71 19.66 32.27 35.29
CA GLN A 71 19.55 33.64 34.82
C GLN A 71 18.80 33.64 33.49
N LEU A 72 18.26 34.80 33.14
CA LEU A 72 17.53 34.91 31.87
C LEU A 72 18.48 34.75 30.70
N LEU A 73 18.04 33.98 29.70
CA LEU A 73 18.87 33.65 28.54
C LEU A 73 18.16 34.08 27.27
N PRO A 74 18.62 35.13 26.58
CA PRO A 74 17.95 35.57 25.34
C PRO A 74 18.04 34.57 24.21
N VAL A 75 17.55 34.94 23.03
CA VAL A 75 17.47 34.04 21.89
C VAL A 75 18.65 34.22 20.94
N GLU A 76 19.71 34.92 21.36
CA GLU A 76 20.78 35.23 20.44
C GLU A 76 21.81 34.11 20.37
N LYS A 77 22.10 33.46 21.49
CA LYS A 77 23.17 32.47 21.54
C LYS A 77 22.69 31.04 21.25
N LEU A 78 21.38 30.80 21.22
CA LEU A 78 20.89 29.50 20.82
C LEU A 78 21.24 29.25 19.36
N PRO A 79 21.39 27.98 18.96
CA PRO A 79 21.97 27.68 17.64
C PRO A 79 21.21 28.36 16.50
N LYS A 80 21.97 28.78 15.48
CA LYS A 80 21.42 29.62 14.44
C LYS A 80 20.40 28.89 13.58
N TYR A 81 20.49 27.56 13.48
CA TYR A 81 19.56 26.82 12.64
C TYR A 81 18.14 26.87 13.18
N ALA A 82 17.95 27.21 14.45
CA ALA A 82 16.63 27.21 15.07
C ALA A 82 16.25 28.56 15.66
N GLN A 83 17.00 29.63 15.34
CA GLN A 83 16.63 30.95 15.85
C GLN A 83 15.39 31.50 15.17
N ALA A 84 15.06 31.03 13.97
CA ALA A 84 13.84 31.44 13.30
C ALA A 84 12.62 30.96 14.08
N GLY A 85 11.49 31.62 13.86
CA GLY A 85 10.28 31.32 14.60
C GLY A 85 10.24 32.04 15.92
N PHE A 86 11.40 32.32 16.50
CA PHE A 86 11.52 33.11 17.71
C PHE A 86 11.65 34.61 17.43
N GLU A 87 11.41 35.02 16.19
CA GLU A 87 11.41 36.45 15.87
C GLU A 87 10.30 37.15 16.64
N GLY A 88 10.60 38.34 17.15
CA GLY A 88 9.70 39.05 18.03
C GLY A 88 9.81 38.65 19.48
N PHE A 89 10.52 37.57 19.80
CA PHE A 89 10.78 37.14 21.17
C PHE A 89 12.26 37.37 21.43
N LYS A 90 12.56 38.41 22.21
CA LYS A 90 13.96 38.78 22.44
C LYS A 90 14.60 37.90 23.50
N THR A 91 14.00 37.81 24.68
CA THR A 91 14.53 37.05 25.79
C THR A 91 13.58 35.91 26.14
N LEU A 92 14.14 34.72 26.36
CA LEU A 92 13.33 33.57 26.74
C LEU A 92 12.72 33.78 28.13
N ASN A 93 11.61 33.09 28.37
CA ASN A 93 10.98 33.13 29.68
C ASN A 93 11.87 32.46 30.72
N ARG A 94 11.58 32.72 32.00
CA ARG A 94 12.37 32.14 33.07
C ARG A 94 12.31 30.62 33.07
N ILE A 95 11.19 30.05 32.63
CA ILE A 95 11.08 28.60 32.52
C ILE A 95 11.82 28.10 31.28
N GLN A 96 11.65 28.79 30.15
CA GLN A 96 12.35 28.40 28.94
C GLN A 96 13.86 28.50 29.09
N SER A 97 14.33 29.49 29.83
CA SER A 97 15.76 29.65 30.04
C SER A 97 16.34 28.49 30.85
N LYS A 98 15.53 27.88 31.71
CA LYS A 98 15.97 26.71 32.47
C LYS A 98 15.92 25.43 31.65
N LEU A 99 15.19 25.43 30.54
CA LEU A 99 15.08 24.27 29.67
C LEU A 99 15.68 24.50 28.30
N TYR A 100 16.44 25.59 28.13
CA TYR A 100 17.06 25.86 26.83
C TYR A 100 18.03 24.76 26.43
N ARG A 101 18.73 24.19 27.42
CA ARG A 101 19.67 23.11 27.12
C ARG A 101 18.98 21.75 27.08
N ALA A 102 17.91 21.56 27.84
CA ALA A 102 17.26 20.26 27.89
C ALA A 102 16.44 20.00 26.63
N ALA A 103 15.63 20.97 26.22
CA ALA A 103 14.72 20.79 25.09
C ALA A 103 15.38 21.02 23.73
N LEU A 104 16.66 21.39 23.69
CA LEU A 104 17.34 21.65 22.44
C LEU A 104 18.66 20.92 22.26
N GLU A 105 19.29 20.45 23.34
CA GLU A 105 20.58 19.78 23.25
C GLU A 105 20.55 18.33 23.71
N THR A 106 19.39 17.82 24.13
CA THR A 106 19.25 16.44 24.56
C THR A 106 17.95 15.87 24.04
N ASP A 107 17.96 14.60 23.68
CA ASP A 107 16.77 13.89 23.23
C ASP A 107 16.03 13.20 24.38
N GLU A 108 16.31 13.59 25.62
CA GLU A 108 15.69 12.95 26.77
C GLU A 108 14.22 13.28 26.85
N ASN A 109 13.43 12.34 27.38
CA ASN A 109 12.02 12.59 27.60
C ASN A 109 11.82 13.60 28.72
N LEU A 110 10.92 14.55 28.50
CA LEU A 110 10.69 15.63 29.44
C LEU A 110 9.28 15.55 30.01
N LEU A 111 9.09 16.13 31.19
CA LEU A 111 7.78 16.29 31.81
C LEU A 111 7.77 17.64 32.50
N LEU A 112 7.07 18.61 31.90
CA LEU A 112 7.03 19.96 32.42
C LEU A 112 5.85 20.13 33.37
N CYS A 113 6.14 20.46 34.62
CA CYS A 113 5.12 20.79 35.61
C CYS A 113 5.28 22.26 35.96
N ALA A 114 4.30 23.06 35.55
CA ALA A 114 4.36 24.51 35.69
C ALA A 114 2.94 25.02 35.92
N PRO A 115 2.79 26.26 36.39
CA PRO A 115 1.45 26.84 36.49
C PRO A 115 0.81 26.95 35.11
N THR A 116 -0.53 26.95 35.10
CA THR A 116 -1.26 26.97 33.84
C THR A 116 -0.98 28.23 33.03
N GLY A 117 -0.60 29.32 33.70
CA GLY A 117 -0.31 30.55 33.00
C GLY A 117 1.06 30.63 32.35
N ALA A 118 1.94 29.67 32.66
CA ALA A 118 3.30 29.71 32.14
C ALA A 118 3.36 29.60 30.61
N GLY A 119 2.24 29.32 29.95
CA GLY A 119 2.23 29.23 28.51
C GLY A 119 2.63 27.86 28.00
N LYS A 120 3.89 27.49 28.23
CA LYS A 120 4.45 26.20 27.87
C LYS A 120 4.47 25.96 26.37
N THR A 121 4.12 26.97 25.57
CA THR A 121 4.09 26.81 24.11
C THR A 121 5.47 26.88 23.50
N ASN A 122 6.42 27.57 24.15
CA ASN A 122 7.76 27.71 23.59
C ASN A 122 8.63 26.49 23.87
N VAL A 123 8.45 25.85 25.03
CA VAL A 123 9.24 24.66 25.33
C VAL A 123 8.88 23.53 24.38
N ALA A 124 7.58 23.36 24.09
CA ALA A 124 7.17 22.40 23.08
C ALA A 124 7.73 22.75 21.71
N LEU A 125 7.84 24.05 21.42
CA LEU A 125 8.42 24.47 20.14
C LEU A 125 9.91 24.20 20.08
N MET A 126 10.61 24.30 21.21
CA MET A 126 12.04 24.01 21.23
C MET A 126 12.31 22.54 20.99
N CYS A 127 11.43 21.66 21.47
CA CYS A 127 11.58 20.24 21.19
C CYS A 127 11.32 19.93 19.73
N MET A 128 10.41 20.68 19.09
CA MET A 128 10.19 20.53 17.66
C MET A 128 11.42 20.97 16.86
N LEU A 129 11.97 22.13 17.20
CA LEU A 129 13.12 22.64 16.48
C LEU A 129 14.33 21.72 16.60
N ARG A 130 14.44 20.99 17.72
CA ARG A 130 15.49 19.99 17.84
C ARG A 130 15.26 18.85 16.86
N GLU A 131 14.01 18.43 16.68
CA GLU A 131 13.70 17.41 15.69
C GLU A 131 13.85 17.97 14.27
N ILE A 132 13.47 19.23 14.06
CA ILE A 132 13.67 19.85 12.75
C ILE A 132 15.16 20.05 12.48
N GLY A 133 15.95 20.34 13.52
CA GLY A 133 17.37 20.59 13.36
C GLY A 133 18.20 19.39 12.95
N LYS A 134 17.59 18.24 12.73
CA LYS A 134 18.32 17.04 12.30
C LYS A 134 18.40 16.90 10.79
N HIS A 135 17.68 17.74 10.05
CA HIS A 135 17.66 17.66 8.58
C HIS A 135 17.70 19.10 8.05
N ILE A 136 18.90 19.57 7.73
CA ILE A 136 19.12 20.96 7.35
C ILE A 136 19.57 21.09 5.89
N ASN A 137 20.54 20.27 5.48
CA ASN A 137 21.12 20.31 4.14
C ASN A 137 21.78 21.66 3.85
N MET A 138 22.22 22.35 4.90
CA MET A 138 22.93 23.62 4.80
C MET A 138 22.13 24.64 3.99
N ASP A 139 20.86 24.80 4.36
CA ASP A 139 19.96 25.79 3.77
C ASP A 139 19.70 25.53 2.29
N GLY A 140 20.33 24.51 1.72
CA GLY A 140 20.03 24.16 0.34
C GLY A 140 18.60 23.67 0.20
N THR A 141 18.19 22.75 1.07
CA THR A 141 16.80 22.29 1.15
C THR A 141 16.48 22.13 2.64
N ILE A 142 15.84 23.15 3.22
CA ILE A 142 15.36 23.01 4.59
C ILE A 142 14.19 22.02 4.63
N ASN A 143 13.47 21.88 3.52
CA ASN A 143 12.31 21.00 3.45
C ASN A 143 12.76 19.56 3.24
N VAL A 144 13.27 18.97 4.33
CA VAL A 144 13.58 17.55 4.34
C VAL A 144 12.53 16.85 5.20
N ASP A 145 11.33 16.68 4.63
CA ASP A 145 10.17 16.21 5.38
C ASP A 145 10.18 14.68 5.49
N ASP A 146 11.22 14.17 6.13
CA ASP A 146 11.29 12.75 6.50
C ASP A 146 10.76 12.48 7.89
N PHE A 147 10.49 13.53 8.67
CA PHE A 147 10.03 13.40 10.04
C PHE A 147 8.58 13.87 10.15
N LYS A 148 7.95 13.52 11.27
CA LYS A 148 6.61 13.98 11.59
C LYS A 148 6.51 14.17 13.10
N ILE A 149 5.71 15.15 13.50
CA ILE A 149 5.51 15.48 14.91
C ILE A 149 4.02 15.44 15.21
N ILE A 150 3.66 14.93 16.37
CA ILE A 150 2.28 14.89 16.83
C ILE A 150 2.16 15.76 18.08
N TYR A 151 1.14 16.61 18.10
CA TYR A 151 0.84 17.45 19.25
C TYR A 151 -0.56 17.08 19.74
N ILE A 152 -0.63 16.45 20.91
CA ILE A 152 -1.88 15.95 21.47
C ILE A 152 -2.37 16.97 22.49
N ALA A 153 -3.40 17.74 22.11
CA ALA A 153 -4.09 18.69 22.97
C ALA A 153 -5.43 18.10 23.43
N PRO A 154 -5.81 18.31 24.68
CA PRO A 154 -7.01 17.61 25.18
C PRO A 154 -8.31 18.14 24.64
N MET A 155 -8.47 19.46 24.55
CA MET A 155 -9.74 20.07 24.16
C MET A 155 -9.75 20.41 22.67
N ARG A 156 -10.96 20.55 22.14
CA ARG A 156 -11.13 20.80 20.71
C ARG A 156 -10.63 22.18 20.32
N SER A 157 -11.04 23.21 21.08
CA SER A 157 -10.66 24.57 20.74
C SER A 157 -9.19 24.86 20.96
N LEU A 158 -8.50 24.06 21.79
CA LEU A 158 -7.06 24.24 21.96
C LEU A 158 -6.33 23.94 20.65
N VAL A 159 -6.83 22.96 19.88
CA VAL A 159 -6.15 22.56 18.65
C VAL A 159 -6.11 23.71 17.66
N GLN A 160 -7.18 24.52 17.60
CA GLN A 160 -7.19 25.66 16.70
C GLN A 160 -6.16 26.72 17.11
N GLU A 161 -5.75 26.72 18.38
CA GLU A 161 -4.74 27.67 18.84
C GLU A 161 -3.34 27.23 18.43
N MET A 162 -3.06 25.93 18.50
CA MET A 162 -1.71 25.45 18.22
C MET A 162 -1.42 25.39 16.72
N VAL A 163 -2.42 25.06 15.90
CA VAL A 163 -2.21 25.01 14.46
C VAL A 163 -1.86 26.41 13.94
N GLY A 164 -2.54 27.43 14.43
CA GLY A 164 -2.25 28.79 14.00
C GLY A 164 -0.95 29.32 14.57
N SER A 165 -0.69 29.04 15.86
CA SER A 165 0.53 29.52 16.49
C SER A 165 1.76 28.84 15.90
N PHE A 166 1.77 27.51 15.85
CA PHE A 166 2.87 26.79 15.25
C PHE A 166 2.97 27.03 13.75
N GLY A 167 1.89 27.49 13.12
CA GLY A 167 1.94 27.74 11.69
C GLY A 167 2.86 28.89 11.33
N LYS A 168 2.66 30.05 11.95
CA LYS A 168 3.48 31.21 11.65
C LYS A 168 4.90 31.06 12.19
N ARG A 169 5.06 30.41 13.33
CA ARG A 169 6.38 30.27 13.96
C ARG A 169 7.19 29.12 13.42
N LEU A 170 6.67 28.37 12.43
CA LEU A 170 7.42 27.29 11.81
C LEU A 170 7.38 27.29 10.30
N ALA A 171 6.57 28.15 9.67
CA ALA A 171 6.54 28.23 8.21
C ALA A 171 7.84 28.75 7.62
N THR A 172 8.71 29.36 8.43
CA THR A 172 9.99 29.84 7.95
C THR A 172 10.92 28.71 7.51
N TYR A 173 10.65 27.47 7.96
CA TYR A 173 11.45 26.32 7.57
C TYR A 173 10.80 25.50 6.47
N GLY A 174 9.67 25.95 5.92
CA GLY A 174 8.91 25.15 4.99
C GLY A 174 8.08 24.06 5.62
N ILE A 175 7.86 24.11 6.94
CA ILE A 175 7.09 23.10 7.64
C ILE A 175 5.60 23.41 7.49
N THR A 176 4.81 22.37 7.25
CA THR A 176 3.36 22.50 7.11
C THR A 176 2.71 21.76 8.27
N VAL A 177 2.04 22.52 9.14
CA VAL A 177 1.30 21.97 10.28
C VAL A 177 -0.18 21.99 9.95
N ALA A 178 -0.84 20.86 10.17
CA ALA A 178 -2.26 20.74 9.87
C ALA A 178 -2.98 20.15 11.07
N GLU A 179 -4.16 19.58 10.83
CA GLU A 179 -5.00 19.06 11.91
C GLU A 179 -6.04 18.14 11.29
N LEU A 180 -5.95 16.85 11.57
CA LEU A 180 -6.94 15.88 11.13
C LEU A 180 -7.77 15.47 12.35
N THR A 181 -9.05 15.81 12.33
CA THR A 181 -9.95 15.54 13.45
C THR A 181 -11.37 15.82 13.00
N GLY A 182 -12.32 15.49 13.87
CA GLY A 182 -13.72 15.77 13.60
C GLY A 182 -14.53 14.53 13.29
N ASP A 183 -15.22 14.54 12.15
CA ASP A 183 -16.10 13.44 11.77
C ASP A 183 -15.77 12.93 10.37
N HIS A 184 -14.52 13.09 9.94
CA HIS A 184 -14.08 12.58 8.65
C HIS A 184 -13.38 11.23 8.82
N GLN A 185 -13.10 10.60 7.69
CA GLN A 185 -12.54 9.24 7.67
C GLN A 185 -11.04 9.24 7.47
N LEU A 186 -10.32 10.06 8.24
CA LEU A 186 -8.86 10.13 8.22
C LEU A 186 -8.35 10.39 6.80
N CYS A 187 -8.67 11.60 6.32
CA CYS A 187 -8.31 11.98 4.97
C CYS A 187 -6.79 12.05 4.80
N LYS A 188 -6.26 11.24 3.89
CA LYS A 188 -4.84 11.21 3.61
C LYS A 188 -4.46 12.01 2.37
N GLU A 189 -5.37 12.82 1.85
CA GLU A 189 -5.09 13.66 0.69
C GLU A 189 -4.32 14.93 1.05
N GLU A 190 -4.03 15.15 2.33
CA GLU A 190 -3.32 16.34 2.77
C GLU A 190 -2.66 16.09 4.12
N ILE A 191 -1.91 14.99 4.23
CA ILE A 191 -1.27 14.62 5.48
C ILE A 191 0.20 14.30 5.21
N SER A 192 0.47 13.60 4.10
CA SER A 192 1.84 13.27 3.75
C SER A 192 2.70 14.51 3.56
N ALA A 193 2.09 15.66 3.28
CA ALA A 193 2.80 16.93 3.20
C ALA A 193 2.68 17.73 4.49
N THR A 194 2.36 17.09 5.60
CA THR A 194 2.24 17.75 6.89
C THR A 194 3.28 17.17 7.85
N GLN A 195 3.84 18.04 8.68
CA GLN A 195 4.93 17.66 9.58
C GLN A 195 4.57 17.69 11.04
N ILE A 196 3.65 18.56 11.45
CA ILE A 196 3.17 18.63 12.83
C ILE A 196 1.67 18.38 12.82
N ILE A 197 1.25 17.28 13.43
CA ILE A 197 -0.16 16.92 13.54
C ILE A 197 -0.67 17.35 14.91
N VAL A 198 -1.76 18.10 14.93
CA VAL A 198 -2.37 18.57 16.16
C VAL A 198 -3.77 18.00 16.23
N CYS A 199 -4.06 17.27 17.32
CA CYS A 199 -5.34 16.59 17.46
C CYS A 199 -5.54 16.24 18.93
N THR A 200 -6.70 15.67 19.24
CA THR A 200 -7.07 15.26 20.58
C THR A 200 -6.53 13.87 20.89
N PRO A 201 -6.48 13.48 22.17
CA PRO A 201 -6.08 12.10 22.48
C PRO A 201 -6.93 11.06 21.79
N GLU A 202 -8.26 11.22 21.84
CA GLU A 202 -9.15 10.24 21.20
C GLU A 202 -8.96 10.22 19.69
N LYS A 203 -8.55 11.34 19.10
CA LYS A 203 -8.35 11.38 17.65
C LYS A 203 -7.06 10.67 17.26
N TRP A 204 -5.94 10.99 17.90
CA TRP A 204 -4.70 10.26 17.64
C TRP A 204 -4.82 8.81 18.10
N ASP A 205 -5.70 8.51 19.04
CA ASP A 205 -5.97 7.12 19.39
C ASP A 205 -6.79 6.44 18.31
N ILE A 206 -7.72 7.17 17.69
CA ILE A 206 -8.46 6.65 16.53
C ILE A 206 -7.48 6.32 15.41
N ILE A 207 -6.45 7.14 15.23
CA ILE A 207 -5.40 6.90 14.25
C ILE A 207 -4.81 5.51 14.46
N THR A 208 -4.07 5.34 15.55
CA THR A 208 -3.40 4.09 15.90
C THR A 208 -4.38 2.98 16.28
N ARG A 209 -5.68 3.20 16.07
CA ARG A 209 -6.69 2.19 16.37
C ARG A 209 -6.95 1.25 15.19
N LYS A 210 -6.61 1.67 13.97
CA LYS A 210 -6.82 0.84 12.80
C LYS A 210 -5.75 -0.24 12.71
N GLY A 211 -5.92 -1.15 11.75
CA GLY A 211 -4.97 -2.25 11.61
C GLY A 211 -3.62 -1.80 11.10
N GLY A 212 -3.59 -1.06 10.00
CA GLY A 212 -2.34 -0.65 9.40
C GLY A 212 -2.12 0.84 9.36
N GLU A 213 -2.83 1.58 10.21
CA GLU A 213 -2.66 3.03 10.29
C GLU A 213 -1.41 3.37 11.12
N ARG A 214 -0.28 2.86 10.64
CA ARG A 214 1.01 3.13 11.25
C ARG A 214 1.91 3.98 10.36
N THR A 215 1.47 4.30 9.14
CA THR A 215 2.22 5.18 8.25
C THR A 215 2.61 6.47 8.96
N TYR A 216 1.71 7.01 9.78
CA TYR A 216 2.03 8.21 10.54
C TYR A 216 3.05 7.92 11.63
N THR A 217 2.87 6.81 12.36
CA THR A 217 3.74 6.51 13.49
C THR A 217 5.12 6.05 13.06
N GLN A 218 5.29 5.60 11.82
CA GLN A 218 6.61 5.15 11.38
C GLN A 218 7.53 6.33 11.08
N LEU A 219 6.98 7.50 10.72
CA LEU A 219 7.77 8.68 10.46
C LEU A 219 7.85 9.61 11.66
N VAL A 220 7.09 9.35 12.72
CA VAL A 220 7.03 10.25 13.86
C VAL A 220 8.23 9.98 14.77
N ARG A 221 9.02 11.02 15.01
CA ARG A 221 10.12 10.97 15.96
C ARG A 221 9.86 11.74 17.24
N LEU A 222 8.77 12.51 17.31
CA LEU A 222 8.50 13.36 18.45
C LEU A 222 6.99 13.48 18.64
N ILE A 223 6.53 13.24 19.86
CA ILE A 223 5.13 13.45 20.23
C ILE A 223 5.10 14.26 21.53
N ILE A 224 4.17 15.20 21.59
CA ILE A 224 4.03 16.11 22.73
C ILE A 224 2.66 15.92 23.34
N LEU A 225 2.61 15.68 24.65
CA LEU A 225 1.37 15.43 25.37
C LEU A 225 1.05 16.67 26.20
N ASP A 226 0.46 17.66 25.55
CA ASP A 226 0.10 18.90 26.24
C ASP A 226 -1.08 18.65 27.19
N GLU A 227 -1.04 19.34 28.34
CA GLU A 227 -2.05 19.19 29.37
C GLU A 227 -2.21 17.71 29.77
N ILE A 228 -1.07 17.08 30.08
CA ILE A 228 -1.06 15.64 30.31
C ILE A 228 -1.69 15.25 31.64
N HIS A 229 -2.02 16.23 32.49
CA HIS A 229 -2.78 15.87 33.69
C HIS A 229 -4.22 15.46 33.39
N LEU A 230 -4.58 15.41 32.10
CA LEU A 230 -5.82 14.76 31.68
C LEU A 230 -5.86 13.30 32.10
N LEU A 231 -4.71 12.73 32.47
CA LEU A 231 -4.68 11.38 33.04
C LEU A 231 -5.68 11.21 34.18
N HIS A 232 -5.98 12.29 34.89
CA HIS A 232 -6.94 12.24 35.99
C HIS A 232 -8.38 12.23 35.49
N ASP A 233 -8.63 12.81 34.32
CA ASP A 233 -9.97 12.89 33.77
C ASP A 233 -10.45 11.51 33.31
N ASP A 234 -11.76 11.43 33.05
CA ASP A 234 -12.32 10.20 32.49
C ASP A 234 -11.71 9.88 31.12
N ARG A 235 -11.23 10.90 30.42
CA ARG A 235 -10.47 10.71 29.19
C ARG A 235 -9.02 10.34 29.45
N GLY A 236 -8.66 10.09 30.72
CA GLY A 236 -7.33 9.67 31.08
C GLY A 236 -6.87 8.38 30.44
N PRO A 237 -7.69 7.32 30.52
CA PRO A 237 -7.32 6.06 29.85
C PRO A 237 -6.95 6.21 28.39
N VAL A 238 -7.48 7.22 27.70
CA VAL A 238 -7.10 7.46 26.32
C VAL A 238 -5.62 7.81 26.22
N LEU A 239 -5.14 8.67 27.14
CA LEU A 239 -3.73 9.02 27.15
C LEU A 239 -2.86 7.85 27.60
N GLU A 240 -3.38 7.01 28.49
CA GLU A 240 -2.63 5.81 28.88
C GLU A 240 -2.51 4.84 27.71
N ALA A 241 -3.58 4.69 26.93
CA ALA A 241 -3.53 3.81 25.77
C ALA A 241 -2.55 4.31 24.72
N LEU A 242 -2.47 5.63 24.55
CA LEU A 242 -1.53 6.20 23.59
C LEU A 242 -0.09 5.89 23.97
N VAL A 243 0.29 6.21 25.21
CA VAL A 243 1.69 6.07 25.62
C VAL A 243 2.06 4.60 25.74
N ALA A 244 1.17 3.77 26.28
CA ALA A 244 1.46 2.35 26.41
C ALA A 244 1.62 1.69 25.05
N ARG A 245 0.82 2.13 24.07
CA ARG A 245 0.94 1.58 22.72
C ARG A 245 2.18 2.12 22.01
N ALA A 246 2.53 3.38 22.29
CA ALA A 246 3.66 3.99 21.59
C ALA A 246 4.98 3.47 22.13
N ILE A 247 5.08 3.30 23.45
CA ILE A 247 6.33 2.82 24.04
C ILE A 247 6.59 1.37 23.63
N ARG A 248 5.54 0.54 23.65
CA ARG A 248 5.70 -0.84 23.21
C ARG A 248 6.15 -0.92 21.76
N ASN A 249 5.71 0.03 20.92
CA ASN A 249 6.17 0.08 19.54
C ASN A 249 7.58 0.63 19.42
N ILE A 250 8.01 1.48 20.36
CA ILE A 250 9.40 1.89 20.39
C ILE A 250 10.30 0.69 20.65
N GLU A 251 9.83 -0.24 21.48
CA GLU A 251 10.56 -1.48 21.71
C GLU A 251 10.38 -2.46 20.55
N CYS A 252 9.16 -2.58 20.04
CA CYS A 252 8.86 -3.54 18.99
C CYS A 252 9.40 -3.14 17.63
N THR A 253 9.98 -1.94 17.50
CA THR A 253 10.54 -1.49 16.23
C THR A 253 11.94 -0.91 16.37
N GLN A 254 12.46 -0.77 17.59
CA GLN A 254 13.82 -0.30 17.85
C GLN A 254 14.09 1.10 17.29
N GLU A 255 13.06 1.87 16.98
CA GLU A 255 13.20 3.25 16.53
C GLU A 255 12.62 4.16 17.60
N ASP A 256 13.47 5.02 18.16
CA ASP A 256 13.11 5.79 19.34
C ASP A 256 12.27 7.00 18.98
N VAL A 257 11.22 7.24 19.77
CA VAL A 257 10.37 8.42 19.64
C VAL A 257 10.43 9.19 20.95
N ARG A 258 10.73 10.48 20.87
CA ARG A 258 10.89 11.30 22.06
C ARG A 258 9.55 11.81 22.54
N LEU A 259 9.23 11.55 23.81
CA LEU A 259 7.98 11.98 24.41
C LEU A 259 8.22 13.18 25.30
N ILE A 260 7.37 14.20 25.16
CA ILE A 260 7.40 15.39 26.00
C ILE A 260 6.05 15.53 26.68
N GLY A 261 6.06 15.68 28.00
CA GLY A 261 4.85 15.80 28.78
C GLY A 261 4.69 17.21 29.31
N LEU A 262 3.51 17.77 29.12
CA LEU A 262 3.16 19.10 29.61
C LEU A 262 2.00 18.95 30.60
N SER A 263 2.22 19.39 31.84
CA SER A 263 1.24 19.19 32.89
C SER A 263 1.18 20.42 33.78
N ALA A 264 0.05 20.59 34.44
CA ALA A 264 -0.10 21.57 35.50
C ALA A 264 0.31 20.95 36.82
N THR A 265 0.89 21.78 37.69
CA THR A 265 1.45 21.30 38.95
C THR A 265 0.39 20.66 39.83
N LEU A 266 0.43 19.33 39.93
CA LEU A 266 -0.48 18.55 40.75
C LEU A 266 0.28 17.37 41.33
N PRO A 267 -0.14 16.86 42.48
CA PRO A 267 0.57 15.72 43.10
C PRO A 267 0.63 14.51 42.18
N ASN A 268 1.49 13.56 42.56
CA ASN A 268 1.79 12.36 41.79
C ASN A 268 2.41 12.68 40.43
N TYR A 269 3.02 13.87 40.30
CA TYR A 269 3.61 14.24 39.02
C TYR A 269 4.84 13.39 38.71
N GLU A 270 5.55 12.92 39.73
CA GLU A 270 6.68 12.03 39.48
C GLU A 270 6.22 10.68 38.92
N ASP A 271 5.02 10.24 39.29
CA ASP A 271 4.45 9.04 38.68
C ASP A 271 4.19 9.25 37.19
N VAL A 272 3.82 10.48 36.81
CA VAL A 272 3.65 10.79 35.39
C VAL A 272 4.99 10.75 34.67
N ALA A 273 6.08 11.07 35.38
CA ALA A 273 7.40 11.01 34.78
C ALA A 273 7.81 9.57 34.51
N THR A 274 7.63 8.68 35.49
CA THR A 274 7.90 7.27 35.28
C THR A 274 6.99 6.68 34.20
N PHE A 275 5.77 7.22 34.08
CA PHE A 275 4.85 6.76 33.05
C PHE A 275 5.39 7.05 31.65
N LEU A 276 6.09 8.18 31.50
CA LEU A 276 6.64 8.58 30.22
C LEU A 276 8.11 8.20 30.06
N ARG A 277 8.66 7.41 30.99
CA ARG A 277 10.08 7.04 30.98
C ARG A 277 10.96 8.28 30.99
N VAL A 278 10.74 9.12 32.00
CA VAL A 278 11.45 10.39 32.15
C VAL A 278 12.46 10.24 33.28
N ASP A 279 13.71 10.58 33.00
CA ASP A 279 14.75 10.53 34.01
C ASP A 279 14.57 11.71 34.97
N PRO A 280 14.32 11.46 36.26
CA PRO A 280 14.12 12.59 37.20
C PRO A 280 15.34 13.46 37.37
N ALA A 281 16.51 13.07 36.88
CA ALA A 281 17.71 13.86 37.02
C ALA A 281 18.00 14.74 35.80
N LYS A 282 17.51 14.38 34.62
CA LYS A 282 17.79 15.12 33.40
C LYS A 282 16.57 15.47 32.58
N GLY A 283 15.36 15.12 33.02
CA GLY A 283 14.18 15.36 32.23
C GLY A 283 13.00 15.94 32.99
N LEU A 284 12.92 15.67 34.29
CA LEU A 284 11.80 16.13 35.09
C LEU A 284 12.03 17.56 35.57
N PHE A 285 10.98 18.38 35.49
CA PHE A 285 11.05 19.78 35.92
C PHE A 285 9.72 20.17 36.53
N TYR A 286 9.78 20.82 37.70
CA TYR A 286 8.60 21.21 38.44
C TYR A 286 8.73 22.66 38.86
N PHE A 287 7.68 23.45 38.63
CA PHE A 287 7.66 24.88 38.96
C PHE A 287 6.32 25.18 39.62
N ASP A 288 6.33 25.41 40.93
CA ASP A 288 5.10 25.68 41.67
C ASP A 288 4.54 27.05 41.26
N ASN A 289 3.49 27.48 41.96
CA ASN A 289 2.82 28.74 41.62
C ASN A 289 3.72 29.95 41.79
N SER A 290 4.92 29.79 42.36
CA SER A 290 5.87 30.89 42.41
C SER A 290 6.34 31.29 41.02
N PHE A 291 6.15 30.42 40.01
CA PHE A 291 6.53 30.71 38.63
C PHE A 291 5.34 31.12 37.79
N ARG A 292 4.26 31.60 38.40
CA ARG A 292 3.14 32.12 37.65
C ARG A 292 3.59 33.33 36.84
N PRO A 293 3.10 33.50 35.60
CA PRO A 293 3.52 34.67 34.82
C PRO A 293 3.14 35.99 35.47
N VAL A 294 1.97 36.04 36.10
CA VAL A 294 1.56 37.19 36.90
C VAL A 294 1.02 36.65 38.23
N PRO A 295 1.55 37.11 39.36
CA PRO A 295 1.03 36.62 40.65
C PRO A 295 -0.44 36.93 40.85
N LEU A 296 -1.27 35.88 40.89
CA LEU A 296 -2.70 36.05 41.00
C LEU A 296 -3.14 35.97 42.46
N GLU A 297 -4.03 36.88 42.86
CA GLU A 297 -4.59 36.92 44.21
C GLU A 297 -5.95 36.25 44.17
N GLN A 298 -5.99 35.00 44.63
CA GLN A 298 -7.17 34.16 44.46
C GLN A 298 -8.12 34.29 45.65
N THR A 299 -9.41 34.18 45.36
CA THR A 299 -10.46 34.16 46.36
C THR A 299 -11.29 32.89 46.19
N TYR A 300 -11.79 32.36 47.29
CA TYR A 300 -12.62 31.15 47.25
C TYR A 300 -13.83 31.32 48.16
N VAL A 301 -15.02 31.26 47.58
CA VAL A 301 -16.24 31.38 48.37
C VAL A 301 -17.15 30.19 48.05
N GLY A 302 -18.07 29.93 48.97
CA GLY A 302 -19.00 28.83 48.78
C GLY A 302 -20.40 29.12 49.32
N ILE A 303 -21.41 28.93 48.47
CA ILE A 303 -22.79 29.15 48.90
C ILE A 303 -23.18 28.10 49.94
N THR A 304 -23.87 28.55 50.99
CA THR A 304 -24.27 27.66 52.06
C THR A 304 -25.43 26.77 51.63
N GLU A 305 -26.65 27.30 51.68
CA GLU A 305 -27.84 26.58 51.26
C GLU A 305 -28.68 27.46 50.37
N LYS A 306 -29.60 26.81 49.64
CA LYS A 306 -30.45 27.47 48.65
C LYS A 306 -31.91 27.21 49.00
N LYS A 307 -32.81 28.19 48.78
CA LYS A 307 -32.66 29.48 48.07
C LYS A 307 -32.23 29.29 46.61
N ALA A 308 -32.86 28.30 45.95
CA ALA A 308 -32.45 27.95 44.59
C ALA A 308 -32.68 29.10 43.61
N ILE A 309 -33.78 29.84 43.78
CA ILE A 309 -34.04 30.98 42.92
C ILE A 309 -33.09 32.13 43.26
N LYS A 310 -32.78 32.30 44.54
CA LYS A 310 -31.81 33.31 44.96
C LYS A 310 -30.38 32.90 44.67
N ARG A 311 -30.15 31.65 44.26
CA ARG A 311 -28.80 31.21 43.91
C ARG A 311 -28.25 32.01 42.74
N PHE A 312 -29.03 32.12 41.66
CA PHE A 312 -28.65 32.97 40.54
C PHE A 312 -28.49 34.42 40.98
N GLN A 313 -29.24 34.84 42.00
CA GLN A 313 -29.14 36.20 42.50
C GLN A 313 -27.91 36.37 43.41
N ILE A 314 -27.75 35.50 44.39
CA ILE A 314 -26.67 35.64 45.36
C ILE A 314 -25.31 35.63 44.65
N MET A 315 -25.17 34.79 43.62
CA MET A 315 -23.90 34.71 42.89
C MET A 315 -23.66 35.90 41.99
N ASN A 316 -24.61 36.84 41.87
CA ASN A 316 -24.47 37.97 40.97
C ASN A 316 -24.07 39.27 41.66
N GLU A 317 -24.57 39.51 42.87
CA GLU A 317 -24.13 40.70 43.60
C GLU A 317 -22.65 40.61 43.98
N ILE A 318 -22.07 39.41 43.95
CA ILE A 318 -20.64 39.25 44.15
C ILE A 318 -19.85 39.54 42.88
N VAL A 319 -20.52 39.70 41.74
CA VAL A 319 -19.83 40.04 40.50
C VAL A 319 -19.61 41.55 40.38
N TYR A 320 -20.49 42.35 40.99
CA TYR A 320 -20.42 43.80 40.78
C TYR A 320 -19.24 44.43 41.50
N GLU A 321 -19.19 44.30 42.83
CA GLU A 321 -18.15 44.95 43.61
C GLU A 321 -16.75 44.48 43.24
N LYS A 322 -16.63 43.38 42.48
CA LYS A 322 -15.35 43.01 41.92
C LYS A 322 -14.97 43.91 40.74
N ILE A 323 -15.95 44.52 40.08
CA ILE A 323 -15.67 45.55 39.09
C ILE A 323 -15.43 46.91 39.74
N MET A 324 -15.63 47.01 41.06
CA MET A 324 -15.53 48.27 41.77
C MET A 324 -14.11 48.61 42.20
N GLU A 325 -13.20 47.61 42.25
CA GLU A 325 -11.83 47.88 42.64
C GLU A 325 -11.19 48.93 41.73
N HIS A 326 -11.19 48.66 40.43
CA HIS A 326 -10.67 49.58 39.43
C HIS A 326 -11.73 49.81 38.37
N ALA A 327 -11.89 51.08 37.97
CA ALA A 327 -12.88 51.42 36.95
C ALA A 327 -12.53 50.75 35.62
N GLY A 328 -11.47 51.21 34.98
CA GLY A 328 -11.04 50.64 33.71
C GLY A 328 -9.86 49.71 33.82
N LYS A 329 -9.07 49.85 34.89
CA LYS A 329 -7.89 49.01 35.09
C LYS A 329 -8.26 47.56 35.43
N ASN A 330 -9.52 47.30 35.80
CA ASN A 330 -9.99 45.95 36.09
C ASN A 330 -10.70 45.42 34.86
N GLN A 331 -10.00 44.60 34.07
CA GLN A 331 -10.56 44.01 32.86
C GLN A 331 -11.11 42.62 33.18
N VAL A 332 -12.37 42.38 32.78
CA VAL A 332 -13.16 41.26 33.30
C VAL A 332 -13.79 40.53 32.11
N LEU A 333 -14.32 39.32 32.36
CA LEU A 333 -14.84 38.49 31.27
C LEU A 333 -16.06 37.62 31.58
N VAL A 334 -16.41 37.40 32.85
CA VAL A 334 -17.38 36.40 33.33
C VAL A 334 -17.51 35.12 32.51
N PHE A 335 -17.02 34.02 33.09
CA PHE A 335 -17.11 32.70 32.51
C PHE A 335 -18.42 32.04 32.93
N VAL A 336 -19.15 31.51 31.95
CA VAL A 336 -20.41 30.80 32.21
C VAL A 336 -20.30 29.38 31.67
N HIS A 337 -21.45 28.79 31.32
CA HIS A 337 -21.46 27.46 30.74
C HIS A 337 -22.32 27.41 29.48
N SER A 338 -23.52 27.96 29.53
CA SER A 338 -24.44 27.91 28.40
C SER A 338 -24.12 29.00 27.39
N ARG A 339 -24.50 28.75 26.13
CA ARG A 339 -24.20 29.71 25.07
C ARG A 339 -25.02 30.99 25.23
N LYS A 340 -26.32 30.85 25.50
CA LYS A 340 -27.15 32.03 25.70
C LYS A 340 -26.97 32.65 27.07
N GLU A 341 -26.42 31.90 28.04
CA GLU A 341 -26.10 32.48 29.34
C GLU A 341 -25.02 33.54 29.25
N THR A 342 -24.41 33.73 28.08
CA THR A 342 -23.60 34.91 27.83
C THR A 342 -24.45 36.17 27.82
N GLY A 343 -25.77 36.04 27.78
CA GLY A 343 -26.65 37.18 27.90
C GLY A 343 -27.39 37.19 29.22
N LYS A 344 -27.71 36.02 29.74
CA LYS A 344 -28.46 35.92 30.99
C LYS A 344 -27.71 36.58 32.14
N THR A 345 -26.49 36.13 32.40
CA THR A 345 -25.68 36.79 33.43
C THR A 345 -25.28 38.19 33.00
N ALA A 346 -25.20 38.44 31.69
CA ALA A 346 -25.00 39.80 31.19
C ALA A 346 -26.28 40.63 31.26
N ARG A 347 -27.44 39.98 31.36
CA ARG A 347 -28.68 40.67 31.70
C ARG A 347 -28.92 40.74 33.19
N ALA A 348 -28.28 39.85 33.97
CA ALA A 348 -28.39 39.93 35.41
C ALA A 348 -27.92 41.27 35.93
N ILE A 349 -26.79 41.76 35.41
CA ILE A 349 -26.39 43.13 35.72
C ILE A 349 -27.38 44.13 35.13
N ARG A 350 -27.86 43.85 33.91
CA ARG A 350 -28.82 44.73 33.25
C ARG A 350 -30.17 44.74 33.97
N ASP A 351 -30.43 43.76 34.83
CA ASP A 351 -31.65 43.72 35.63
C ASP A 351 -31.37 44.01 37.09
N MET A 352 -30.48 43.27 37.73
CA MET A 352 -30.16 43.51 39.14
C MET A 352 -29.44 44.84 39.31
N CYS A 353 -28.23 44.96 38.73
CA CYS A 353 -27.42 46.15 38.96
C CYS A 353 -28.03 47.41 38.39
N LEU A 354 -29.08 47.30 37.58
CA LEU A 354 -29.74 48.49 37.05
C LEU A 354 -30.70 49.10 38.06
N GLU A 355 -31.60 48.30 38.61
CA GLU A 355 -32.67 48.79 39.47
C GLU A 355 -32.27 48.91 40.93
N LYS A 356 -31.16 48.31 41.35
CA LYS A 356 -30.72 48.45 42.74
C LYS A 356 -29.85 49.69 42.92
N ASP A 357 -28.78 49.81 42.14
CA ASP A 357 -27.89 50.96 42.26
C ASP A 357 -27.31 51.35 40.90
N THR A 358 -26.04 51.77 40.88
CA THR A 358 -25.38 52.20 39.66
C THR A 358 -24.99 50.98 38.82
N LEU A 359 -25.63 50.83 37.66
CA LEU A 359 -25.31 49.75 36.74
C LEU A 359 -24.03 50.13 35.99
N GLY A 360 -22.90 49.83 36.61
CA GLY A 360 -21.59 50.07 36.05
C GLY A 360 -21.47 51.39 35.31
N LEU A 361 -21.94 52.47 35.91
CA LEU A 361 -21.93 53.78 35.27
C LEU A 361 -20.52 54.15 34.82
N PHE A 362 -20.08 53.57 33.72
CA PHE A 362 -18.75 53.83 33.20
C PHE A 362 -18.80 55.16 32.44
N LEU A 363 -17.86 56.07 32.73
CA LEU A 363 -17.94 57.38 32.13
C LEU A 363 -16.59 58.11 32.08
N ARG A 364 -15.53 57.40 31.67
CA ARG A 364 -14.21 58.01 31.67
C ARG A 364 -13.85 58.60 30.30
N GLU A 365 -13.37 57.77 29.38
CA GLU A 365 -12.82 58.21 28.09
C GLU A 365 -13.85 58.97 27.26
N GLY A 366 -14.34 60.10 27.77
CA GLY A 366 -15.30 60.89 27.03
C GLY A 366 -16.44 61.41 27.89
N SER A 367 -17.64 61.45 27.32
CA SER A 367 -18.79 62.01 28.03
C SER A 367 -20.06 61.18 27.90
N ALA A 368 -20.16 60.25 26.95
CA ALA A 368 -21.35 59.42 26.75
C ALA A 368 -20.91 57.96 26.85
N SER A 369 -20.84 57.47 28.08
CA SER A 369 -20.43 56.09 28.37
C SER A 369 -19.04 55.79 27.79
N THR A 370 -18.05 56.50 28.32
CA THR A 370 -16.62 56.27 28.05
C THR A 370 -16.33 56.45 26.56
N GLU A 371 -15.34 55.70 26.08
CA GLU A 371 -14.94 55.76 24.68
C GLU A 371 -15.99 55.10 23.81
N VAL A 372 -16.49 55.85 22.84
CA VAL A 372 -17.41 55.32 21.84
C VAL A 372 -16.84 55.66 20.47
N LEU A 373 -15.61 56.19 20.47
CA LEU A 373 -14.91 56.57 19.24
C LEU A 373 -14.74 55.38 18.32
N ARG A 374 -13.85 54.46 18.69
CA ARG A 374 -13.65 53.23 17.93
C ARG A 374 -14.75 52.21 18.18
N THR A 375 -15.74 52.53 19.01
CA THR A 375 -16.86 51.63 19.24
C THR A 375 -17.92 51.77 18.16
N GLU A 376 -18.40 53.00 17.92
CA GLU A 376 -19.43 53.23 16.92
C GLU A 376 -18.89 53.18 15.49
N ALA A 377 -17.57 53.27 15.32
CA ALA A 377 -16.99 53.21 13.99
C ALA A 377 -16.93 51.78 13.46
N GLU A 378 -16.21 50.90 14.16
CA GLU A 378 -16.20 49.49 13.82
C GLU A 378 -17.54 48.88 14.21
N GLN A 379 -18.52 48.95 13.30
CA GLN A 379 -19.91 48.69 13.64
C GLN A 379 -20.50 47.68 12.67
N CYS A 380 -20.52 46.41 13.08
CA CYS A 380 -21.11 45.33 12.29
C CYS A 380 -22.40 44.79 12.88
N LYS A 381 -22.60 44.90 14.20
CA LYS A 381 -23.83 44.50 14.87
C LYS A 381 -24.14 43.02 14.65
N ASN A 382 -23.49 42.14 15.42
CA ASN A 382 -23.72 40.70 15.27
C ASN A 382 -24.89 40.21 16.14
N LEU A 383 -26.05 40.85 15.97
CA LEU A 383 -27.34 40.43 16.52
C LEU A 383 -27.30 40.18 18.03
N GLU A 384 -26.30 40.70 18.74
CA GLU A 384 -26.20 40.49 20.18
C GLU A 384 -25.34 41.57 20.80
N LEU A 385 -24.42 42.12 20.01
CA LEU A 385 -23.36 42.99 20.50
C LEU A 385 -23.88 44.39 20.83
N LYS A 386 -25.12 44.72 20.46
CA LYS A 386 -25.59 46.10 20.46
C LYS A 386 -26.06 46.58 21.82
N ASP A 387 -27.01 45.86 22.43
CA ASP A 387 -27.54 46.26 23.73
C ASP A 387 -26.42 46.46 24.74
N LEU A 388 -25.24 45.91 24.48
CA LEU A 388 -24.04 46.17 25.26
C LEU A 388 -22.93 46.77 24.39
N LEU A 389 -23.19 47.94 23.81
CA LEU A 389 -22.25 48.53 22.85
C LEU A 389 -21.63 49.86 23.27
N PRO A 390 -22.42 50.91 23.62
CA PRO A 390 -21.79 52.20 23.95
C PRO A 390 -20.86 52.14 25.15
N TYR A 391 -20.52 50.91 25.58
CA TYR A 391 -19.64 50.66 26.70
C TYR A 391 -18.93 49.34 26.45
N GLY A 392 -17.94 49.05 27.29
CA GLY A 392 -17.10 47.87 27.10
C GLY A 392 -17.71 46.57 27.57
N PHE A 393 -18.75 46.09 26.89
CA PHE A 393 -19.35 44.80 27.18
C PHE A 393 -19.44 44.00 25.89
N ALA A 394 -19.19 42.69 25.97
CA ALA A 394 -19.09 41.87 24.78
C ALA A 394 -19.31 40.41 25.12
N ILE A 395 -19.83 39.66 24.15
CA ILE A 395 -20.17 38.25 24.33
C ILE A 395 -19.26 37.39 23.47
N HIS A 396 -19.08 36.14 23.89
CA HIS A 396 -18.23 35.20 23.16
C HIS A 396 -18.66 33.78 23.48
N HIS A 397 -18.87 32.97 22.43
CA HIS A 397 -19.26 31.57 22.59
C HIS A 397 -19.25 30.92 21.21
N ALA A 398 -19.48 29.61 21.18
CA ALA A 398 -19.59 28.84 19.94
C ALA A 398 -21.00 28.88 19.36
N GLY A 399 -21.81 29.86 19.73
CA GLY A 399 -23.18 29.92 19.27
C GLY A 399 -23.36 30.67 17.96
N MET A 400 -23.15 31.98 17.97
CA MET A 400 -23.45 32.83 16.83
C MET A 400 -22.21 33.62 16.44
N THR A 401 -22.36 34.40 15.35
CA THR A 401 -21.30 35.12 14.65
C THR A 401 -19.94 34.43 14.74
N ARG A 402 -19.92 33.11 14.53
CA ARG A 402 -18.68 32.36 14.53
C ARG A 402 -17.70 32.85 13.46
N VAL A 403 -18.19 33.61 12.47
CA VAL A 403 -17.30 34.17 11.46
C VAL A 403 -16.69 35.47 11.93
N ASP A 404 -17.49 36.34 12.57
CA ASP A 404 -17.02 37.65 13.02
C ASP A 404 -17.02 37.77 14.54
N ARG A 405 -16.91 36.65 15.25
CA ARG A 405 -16.59 36.72 16.67
C ARG A 405 -15.16 37.17 16.90
N THR A 406 -14.30 37.05 15.90
CA THR A 406 -12.95 37.58 16.00
C THR A 406 -12.95 39.09 16.15
N LEU A 407 -13.99 39.77 15.64
CA LEU A 407 -14.12 41.20 15.88
C LEU A 407 -14.42 41.50 17.34
N VAL A 408 -15.12 40.60 18.02
CA VAL A 408 -15.30 40.73 19.46
C VAL A 408 -13.98 40.55 20.19
N GLU A 409 -13.04 39.82 19.57
CA GLU A 409 -11.71 39.64 20.13
C GLU A 409 -10.72 40.69 19.65
N ASP A 410 -10.87 41.13 18.39
CA ASP A 410 -9.95 42.13 17.84
C ASP A 410 -10.07 43.45 18.60
N LEU A 411 -11.29 43.94 18.77
CA LEU A 411 -11.54 45.17 19.53
C LEU A 411 -11.48 44.94 21.04
N PHE A 412 -10.58 44.08 21.50
CA PHE A 412 -10.44 43.80 22.92
C PHE A 412 -8.97 43.71 23.31
N ALA A 413 -8.16 43.06 22.46
CA ALA A 413 -6.73 42.97 22.73
C ALA A 413 -6.06 44.34 22.69
N ASP A 414 -6.68 45.33 22.04
CA ASP A 414 -6.18 46.69 22.03
C ASP A 414 -6.68 47.51 23.20
N LYS A 415 -7.13 46.86 24.28
CA LYS A 415 -7.67 47.53 25.46
C LYS A 415 -8.84 48.43 25.09
N HIS A 416 -9.81 47.86 24.38
CA HIS A 416 -11.01 48.57 23.95
C HIS A 416 -12.26 48.13 24.68
N ILE A 417 -12.42 46.83 24.92
CA ILE A 417 -13.53 46.30 25.71
C ILE A 417 -13.01 46.01 27.13
N GLN A 418 -13.78 46.42 28.13
CA GLN A 418 -13.36 46.28 29.51
C GLN A 418 -14.02 45.12 30.25
N VAL A 419 -15.22 44.71 29.84
CA VAL A 419 -15.90 43.56 30.42
C VAL A 419 -16.42 42.68 29.29
N LEU A 420 -16.24 41.38 29.41
CA LEU A 420 -16.76 40.42 28.42
C LEU A 420 -17.74 39.48 29.12
N VAL A 421 -18.18 38.46 28.37
CA VAL A 421 -19.02 37.40 28.90
C VAL A 421 -18.96 36.21 27.95
N SER A 422 -18.18 35.20 28.31
CA SER A 422 -17.79 34.12 27.39
C SER A 422 -17.97 32.76 28.05
N THR A 423 -17.60 31.73 27.31
CA THR A 423 -17.70 30.33 27.72
C THR A 423 -16.31 29.72 27.85
N ALA A 424 -16.27 28.46 28.26
CA ALA A 424 -15.00 27.76 28.43
C ALA A 424 -14.25 27.57 27.12
N THR A 425 -14.95 27.64 25.99
CA THR A 425 -14.30 27.43 24.70
C THR A 425 -13.29 28.52 24.39
N LEU A 426 -13.50 29.74 24.90
CA LEU A 426 -12.58 30.83 24.60
C LEU A 426 -11.25 30.66 25.32
N ALA A 427 -11.27 30.15 26.55
CA ALA A 427 -10.04 29.95 27.29
C ALA A 427 -9.09 28.99 26.56
N TRP A 428 -9.64 28.00 25.87
CA TRP A 428 -8.84 27.11 25.04
C TRP A 428 -8.63 27.66 23.64
N GLY A 429 -9.59 28.43 23.12
CA GLY A 429 -9.54 28.92 21.76
C GLY A 429 -8.38 29.85 21.45
N VAL A 430 -8.43 31.06 21.99
CA VAL A 430 -7.39 32.06 21.77
C VAL A 430 -6.88 32.54 23.12
N ASN A 431 -5.56 32.64 23.25
CA ASN A 431 -4.95 33.09 24.50
C ASN A 431 -5.19 34.58 24.71
N LEU A 432 -6.35 34.94 25.26
CA LEU A 432 -6.67 36.33 25.59
C LEU A 432 -6.89 36.42 27.10
N PRO A 433 -5.89 36.84 27.86
CA PRO A 433 -6.03 36.87 29.33
C PRO A 433 -6.67 38.16 29.82
N ALA A 434 -6.59 38.42 31.11
CA ALA A 434 -7.12 39.64 31.69
C ALA A 434 -6.52 39.84 33.07
N HIS A 435 -6.85 40.99 33.68
CA HIS A 435 -6.43 41.26 35.04
C HIS A 435 -7.09 40.31 36.02
N THR A 436 -8.41 40.20 35.94
CA THR A 436 -9.19 39.30 36.78
C THR A 436 -10.02 38.38 35.89
N VAL A 437 -9.71 37.09 35.96
CA VAL A 437 -10.62 36.05 35.48
C VAL A 437 -11.86 36.16 36.35
N ILE A 438 -13.00 35.61 35.91
CA ILE A 438 -14.08 35.22 36.83
C ILE A 438 -14.79 33.96 36.34
N ILE A 439 -15.53 33.29 37.24
CA ILE A 439 -16.35 32.12 36.91
C ILE A 439 -17.69 32.15 37.65
N LYS A 440 -18.54 31.15 37.41
CA LYS A 440 -19.82 31.01 38.12
C LYS A 440 -19.98 29.62 38.74
N GLY A 441 -21.22 29.18 38.94
CA GLY A 441 -21.43 27.84 39.48
C GLY A 441 -20.87 26.75 38.60
N THR A 442 -19.71 26.20 38.97
CA THR A 442 -19.03 25.22 38.13
C THR A 442 -19.77 23.89 38.14
N GLN A 443 -20.97 23.85 37.57
CA GLN A 443 -21.76 22.62 37.46
C GLN A 443 -22.34 22.60 36.05
N VAL A 444 -21.66 21.92 35.14
CA VAL A 444 -22.06 21.88 33.75
C VAL A 444 -22.95 20.67 33.50
N TYR A 445 -23.71 20.71 32.41
CA TYR A 445 -24.54 19.59 31.99
C TYR A 445 -23.72 18.65 31.11
N SER A 446 -23.61 17.39 31.53
CA SER A 446 -22.85 16.39 30.79
C SER A 446 -23.80 15.39 30.17
N PRO A 447 -23.95 15.37 28.85
CA PRO A 447 -24.87 14.39 28.23
C PRO A 447 -24.45 12.95 28.44
N GLU A 448 -23.19 12.69 28.79
CA GLU A 448 -22.75 11.32 29.01
C GLU A 448 -23.48 10.67 30.17
N LYS A 449 -23.91 11.46 31.15
CA LYS A 449 -24.72 10.96 32.25
C LYS A 449 -26.09 11.64 32.33
N GLY A 450 -26.32 12.70 31.56
CA GLY A 450 -27.58 13.41 31.64
C GLY A 450 -27.80 14.15 32.93
N ARG A 451 -26.75 14.39 33.70
CA ARG A 451 -26.82 15.06 34.99
C ARG A 451 -26.14 16.41 34.92
N TRP A 452 -26.14 17.12 36.06
CA TRP A 452 -25.39 18.35 36.25
C TRP A 452 -24.35 18.07 37.32
N THR A 453 -23.21 17.54 36.90
CA THR A 453 -22.11 17.22 37.79
C THR A 453 -21.09 18.34 37.82
N GLU A 454 -20.13 18.23 38.73
CA GLU A 454 -19.11 19.26 38.88
C GLU A 454 -18.29 19.40 37.60
N LEU A 455 -17.84 20.63 37.36
CA LEU A 455 -17.10 20.94 36.13
C LEU A 455 -15.78 20.17 36.10
N GLY A 456 -15.34 19.84 34.89
CA GLY A 456 -14.09 19.12 34.74
C GLY A 456 -12.91 19.94 35.24
N ALA A 457 -12.00 19.27 35.94
CA ALA A 457 -10.85 19.95 36.54
C ALA A 457 -9.95 20.59 35.49
N LEU A 458 -9.84 19.96 34.32
CA LEU A 458 -8.96 20.48 33.28
C LEU A 458 -9.42 21.84 32.78
N ASP A 459 -10.74 22.08 32.77
CA ASP A 459 -11.26 23.37 32.34
C ASP A 459 -10.89 24.46 33.34
N ILE A 460 -11.07 24.18 34.64
CA ILE A 460 -10.94 25.21 35.66
C ILE A 460 -9.53 25.78 35.70
N LEU A 461 -8.52 24.91 35.56
CA LEU A 461 -7.14 25.39 35.58
C LEU A 461 -6.85 26.27 34.36
N GLN A 462 -7.25 25.82 33.17
CA GLN A 462 -7.10 26.64 31.98
C GLN A 462 -7.93 27.92 32.09
N MET A 463 -9.05 27.86 32.80
CA MET A 463 -9.89 29.04 32.98
C MET A 463 -9.16 30.12 33.75
N LEU A 464 -8.78 29.83 35.01
CA LEU A 464 -8.12 30.80 35.86
C LEU A 464 -6.71 31.14 35.39
N GLY A 465 -6.16 30.39 34.42
CA GLY A 465 -4.83 30.69 33.92
C GLY A 465 -4.76 31.99 33.14
N ARG A 466 -5.92 32.54 32.76
CA ARG A 466 -5.98 33.81 32.06
C ARG A 466 -5.93 35.01 32.99
N ALA A 467 -5.58 34.81 34.26
CA ALA A 467 -5.45 35.90 35.22
C ALA A 467 -4.03 36.42 35.16
N GLY A 468 -3.80 37.43 34.33
CA GLY A 468 -2.47 37.97 34.19
C GLY A 468 -2.31 39.11 33.21
N ARG A 469 -2.12 38.77 31.93
CA ARG A 469 -1.62 39.70 30.93
C ARG A 469 -0.28 40.26 31.40
N PRO A 470 0.79 39.45 31.36
CA PRO A 470 2.09 39.94 31.86
C PRO A 470 2.63 41.13 31.10
N GLN A 471 2.26 41.26 29.83
CA GLN A 471 2.70 42.40 29.03
C GLN A 471 1.95 43.69 29.36
N TYR A 472 0.87 43.61 30.15
CA TYR A 472 0.05 44.79 30.42
C TYR A 472 -0.50 44.78 31.84
N ASP A 473 0.19 44.14 32.78
CA ASP A 473 -0.30 44.06 34.15
C ASP A 473 0.82 43.57 35.06
N THR A 474 0.55 43.60 36.37
CA THR A 474 1.49 43.12 37.37
C THR A 474 0.81 42.36 38.50
N LYS A 475 -0.51 42.19 38.47
CA LYS A 475 -1.23 41.50 39.53
C LYS A 475 -2.45 40.81 38.93
N GLY A 476 -2.74 39.61 39.41
CA GLY A 476 -3.94 38.89 39.04
C GLY A 476 -5.00 38.97 40.14
N GLU A 477 -6.14 38.34 39.86
CA GLU A 477 -7.24 38.38 40.82
C GLU A 477 -8.10 37.13 40.66
N GLY A 478 -8.23 36.35 41.76
CA GLY A 478 -9.12 35.21 41.82
C GLY A 478 -10.55 35.56 42.25
N ILE A 479 -11.46 34.59 42.07
CA ILE A 479 -12.78 34.84 41.50
C ILE A 479 -13.78 33.69 41.36
N LEU A 480 -13.70 32.67 42.19
CA LEU A 480 -14.61 31.58 41.96
C LEU A 480 -15.80 31.67 42.92
N ILE A 481 -16.83 30.87 42.63
CA ILE A 481 -18.07 30.86 43.39
C ILE A 481 -18.73 29.51 43.16
N THR A 482 -18.84 28.69 44.20
CA THR A 482 -19.50 27.40 44.07
C THR A 482 -20.18 27.06 45.40
N SER A 483 -20.46 25.78 45.60
CA SER A 483 -21.10 25.32 46.83
C SER A 483 -20.08 25.21 47.96
N HIS A 484 -20.43 24.54 49.05
CA HIS A 484 -19.52 24.33 50.16
C HIS A 484 -19.24 22.85 50.41
N GLY A 485 -20.28 22.03 50.54
CA GLY A 485 -20.10 20.60 50.74
C GLY A 485 -19.43 19.94 49.55
N GLU A 486 -18.32 19.24 49.80
CA GLU A 486 -17.51 18.63 48.75
C GLU A 486 -16.97 19.67 47.78
N LEU A 487 -16.72 20.88 48.26
CA LEU A 487 -16.26 21.96 47.40
C LEU A 487 -14.92 22.56 47.79
N GLN A 488 -14.28 22.06 48.85
CA GLN A 488 -12.87 22.36 49.04
C GLN A 488 -12.01 21.68 47.99
N TYR A 489 -12.63 20.84 47.14
CA TYR A 489 -11.96 20.23 46.01
C TYR A 489 -11.26 21.26 45.14
N TYR A 490 -11.89 22.43 44.96
CA TYR A 490 -11.31 23.47 44.11
C TYR A 490 -10.15 24.17 44.78
N LEU A 491 -10.06 24.11 46.12
CA LEU A 491 -8.89 24.62 46.81
C LEU A 491 -7.66 23.78 46.49
N SER A 492 -7.84 22.46 46.40
CA SER A 492 -6.72 21.56 46.15
C SER A 492 -6.32 21.53 44.68
N LEU A 493 -7.23 21.85 43.77
CA LEU A 493 -6.89 21.85 42.35
C LEU A 493 -5.99 23.02 42.00
N LEU A 494 -6.44 24.24 42.31
CA LEU A 494 -5.72 25.45 41.96
C LEU A 494 -4.55 25.75 42.88
N ASN A 495 -4.22 24.84 43.80
CA ASN A 495 -3.11 25.04 44.73
C ASN A 495 -2.23 23.79 44.80
N GLN A 496 -2.12 23.05 43.70
CA GLN A 496 -1.13 21.98 43.54
C GLN A 496 -1.29 20.89 44.59
N GLN A 497 -2.53 20.59 44.96
CA GLN A 497 -2.81 19.55 45.95
C GLN A 497 -3.86 18.56 45.48
N LEU A 498 -4.22 18.58 44.20
CA LEU A 498 -5.18 17.64 43.64
C LEU A 498 -4.43 16.51 42.97
N PRO A 499 -4.37 15.32 43.56
CA PRO A 499 -3.50 14.27 43.01
C PRO A 499 -3.99 13.76 41.67
N ILE A 500 -3.05 13.56 40.75
CA ILE A 500 -3.34 12.92 39.47
C ILE A 500 -3.44 11.42 39.70
N GLU A 501 -4.55 10.83 39.27
CA GLU A 501 -4.78 9.40 39.45
C GLU A 501 -5.00 8.74 38.09
N SER A 502 -5.39 7.47 38.12
CA SER A 502 -5.59 6.67 36.93
C SER A 502 -7.02 6.15 36.91
N GLN A 503 -7.73 6.40 35.80
CA GLN A 503 -9.09 5.96 35.61
C GLN A 503 -9.19 4.77 34.66
N MET A 504 -8.09 4.03 34.47
CA MET A 504 -8.08 2.95 33.50
C MET A 504 -9.05 1.82 33.87
N VAL A 505 -9.38 1.68 35.16
CA VAL A 505 -10.34 0.65 35.55
C VAL A 505 -11.70 0.93 34.93
N SER A 506 -11.99 2.19 34.61
CA SER A 506 -13.26 2.53 33.98
C SER A 506 -13.36 1.95 32.58
N LYS A 507 -12.38 2.25 31.72
CA LYS A 507 -12.40 1.86 30.32
C LYS A 507 -11.41 0.74 30.02
N LEU A 508 -11.27 -0.22 30.95
CA LEU A 508 -10.31 -1.30 30.73
C LEU A 508 -10.73 -2.23 29.59
N PRO A 509 -11.98 -2.73 29.53
CA PRO A 509 -12.32 -3.63 28.41
C PRO A 509 -12.23 -2.97 27.05
N ASP A 510 -12.47 -1.67 26.97
CA ASP A 510 -12.37 -0.98 25.68
C ASP A 510 -10.91 -0.77 25.28
N MET A 511 -10.04 -0.51 26.25
CA MET A 511 -8.62 -0.35 25.94
C MET A 511 -7.94 -1.70 25.74
N LEU A 512 -8.47 -2.76 26.35
CA LEU A 512 -7.89 -4.09 26.16
C LEU A 512 -8.24 -4.65 24.78
N ASN A 513 -9.52 -4.60 24.42
CA ASN A 513 -9.95 -5.08 23.11
C ASN A 513 -9.23 -4.34 21.99
N ALA A 514 -8.79 -3.10 22.24
CA ALA A 514 -7.99 -2.39 21.27
C ALA A 514 -6.70 -3.14 20.97
N GLU A 515 -5.89 -3.38 22.00
CA GLU A 515 -4.60 -4.03 21.80
C GLU A 515 -4.75 -5.45 21.27
N ILE A 516 -5.86 -6.12 21.61
CA ILE A 516 -6.12 -7.45 21.05
C ILE A 516 -6.25 -7.37 19.54
N VAL A 517 -6.96 -6.34 19.05
CA VAL A 517 -7.16 -6.20 17.62
C VAL A 517 -5.85 -5.84 16.92
N LEU A 518 -5.05 -4.96 17.52
CA LEU A 518 -3.76 -4.62 16.94
C LEU A 518 -2.80 -5.79 16.92
N GLY A 519 -3.06 -6.83 17.71
CA GLY A 519 -2.13 -7.92 17.85
C GLY A 519 -1.03 -7.69 18.87
N ASN A 520 -1.03 -6.53 19.54
CA ASN A 520 -0.01 -6.26 20.54
C ASN A 520 -0.11 -7.22 21.72
N VAL A 521 -1.30 -7.73 22.01
CA VAL A 521 -1.50 -8.77 23.01
C VAL A 521 -2.22 -9.93 22.34
N GLN A 522 -1.87 -11.15 22.75
CA GLN A 522 -2.47 -12.35 22.20
C GLN A 522 -3.12 -13.25 23.23
N ASN A 523 -2.83 -13.07 24.51
CA ASN A 523 -3.38 -13.92 25.56
C ASN A 523 -3.42 -13.12 26.86
N ALA A 524 -3.72 -13.81 27.96
CA ALA A 524 -3.83 -13.14 29.25
C ALA A 524 -2.49 -12.58 29.71
N LYS A 525 -1.43 -13.39 29.60
CA LYS A 525 -0.11 -12.93 30.03
C LYS A 525 0.41 -11.80 29.14
N ASP A 526 0.02 -11.80 27.87
CA ASP A 526 0.39 -10.69 26.99
C ASP A 526 -0.19 -9.37 27.48
N ALA A 527 -1.40 -9.42 28.06
CA ALA A 527 -2.06 -8.21 28.50
C ALA A 527 -1.59 -7.76 29.88
N VAL A 528 -1.21 -8.69 30.75
CA VAL A 528 -0.71 -8.33 32.07
C VAL A 528 0.55 -7.49 31.95
N ASN A 529 1.40 -7.83 30.98
CA ASN A 529 2.58 -7.00 30.73
C ASN A 529 2.18 -5.65 30.14
N TRP A 530 1.17 -5.64 29.27
CA TRP A 530 0.68 -4.38 28.73
C TRP A 530 0.17 -3.45 29.82
N LEU A 531 -0.41 -4.00 30.89
CA LEU A 531 -0.89 -3.19 31.99
C LEU A 531 0.26 -2.54 32.76
N GLY A 532 1.47 -3.10 32.70
CA GLY A 532 2.63 -2.48 33.32
C GLY A 532 3.19 -1.29 32.57
N TYR A 533 2.72 -1.06 31.34
CA TYR A 533 3.14 0.09 30.55
C TYR A 533 2.25 1.31 30.76
N ALA A 534 1.16 1.16 31.51
CA ALA A 534 0.16 2.21 31.67
C ALA A 534 0.36 2.95 32.99
N TYR A 535 -0.36 4.07 33.12
CA TYR A 535 -0.29 4.87 34.33
C TYR A 535 -0.96 4.20 35.52
N LEU A 536 -1.85 3.24 35.27
CA LEU A 536 -2.51 2.54 36.35
C LEU A 536 -1.53 1.69 37.16
N TYR A 537 -0.49 1.16 36.52
CA TYR A 537 0.45 0.29 37.20
C TYR A 537 1.23 1.04 38.27
N ILE A 538 1.79 2.20 37.91
CA ILE A 538 2.59 2.96 38.86
C ILE A 538 1.72 3.47 40.01
N ARG A 539 0.52 3.96 39.69
CA ARG A 539 -0.36 4.46 40.74
C ARG A 539 -0.82 3.35 41.68
N MET A 540 -0.93 2.12 41.17
CA MET A 540 -1.25 0.98 42.03
C MET A 540 -0.08 0.57 42.92
N LEU A 541 1.13 1.04 42.63
CA LEU A 541 2.32 0.74 43.43
C LEU A 541 2.61 1.81 44.48
N ARG A 542 2.53 3.09 44.11
CA ARG A 542 2.90 4.15 45.03
C ARG A 542 1.86 4.31 46.14
N SER A 543 0.58 4.32 45.77
CA SER A 543 -0.53 4.41 46.72
C SER A 543 -1.42 3.19 46.55
N PRO A 544 -0.95 2.00 46.96
CA PRO A 544 -1.74 0.78 46.72
C PRO A 544 -3.00 0.72 47.54
N THR A 545 -3.02 1.33 48.74
CA THR A 545 -4.22 1.31 49.56
C THR A 545 -5.35 2.14 48.95
N LEU A 546 -5.02 3.07 48.05
CA LEU A 546 -6.05 3.86 47.39
C LEU A 546 -6.73 3.07 46.28
N TYR A 547 -6.02 2.15 45.63
CA TYR A 547 -6.54 1.38 44.51
C TYR A 547 -7.03 0.00 44.93
N GLY A 548 -7.66 -0.09 46.11
CA GLY A 548 -8.27 -1.33 46.55
C GLY A 548 -7.33 -2.43 46.94
N ILE A 549 -6.03 -2.19 46.97
CA ILE A 549 -5.04 -3.18 47.40
C ILE A 549 -4.71 -2.93 48.86
N SER A 550 -4.29 -3.98 49.55
CA SER A 550 -3.89 -3.90 50.94
C SER A 550 -2.37 -4.03 51.03
N HIS A 551 -1.86 -3.99 52.27
CA HIS A 551 -0.42 -4.05 52.49
C HIS A 551 0.10 -5.47 52.72
N ASP A 552 -0.79 -6.43 52.99
CA ASP A 552 -0.36 -7.81 53.22
C ASP A 552 -0.27 -8.60 51.93
N ASP A 553 -1.20 -8.38 50.99
CA ASP A 553 -1.10 -9.02 49.68
C ASP A 553 -0.12 -8.32 48.76
N LEU A 554 0.47 -7.20 49.19
CA LEU A 554 1.46 -6.50 48.39
C LEU A 554 2.87 -7.08 48.58
N LYS A 555 3.18 -7.57 49.78
CA LYS A 555 4.51 -8.14 50.02
C LYS A 555 4.70 -9.44 49.26
N GLY A 556 3.64 -10.24 49.11
CA GLY A 556 3.72 -11.45 48.32
C GLY A 556 3.64 -11.24 46.83
N ASP A 557 3.43 -10.01 46.39
CA ASP A 557 3.34 -9.68 44.97
C ASP A 557 3.65 -8.20 44.75
N PRO A 558 4.92 -7.79 44.91
CA PRO A 558 5.23 -6.36 44.71
C PRO A 558 5.09 -5.91 43.28
N LEU A 559 5.18 -6.81 42.31
CA LEU A 559 4.99 -6.47 40.91
C LEU A 559 3.52 -6.52 40.50
N LEU A 560 2.63 -6.90 41.42
CA LEU A 560 1.19 -6.97 41.16
C LEU A 560 0.88 -7.94 40.01
N ASP A 561 1.63 -9.04 39.95
CA ASP A 561 1.38 -10.06 38.95
C ASP A 561 0.02 -10.73 39.12
N GLN A 562 -0.55 -10.65 40.33
CA GLN A 562 -1.87 -11.22 40.58
C GLN A 562 -2.99 -10.21 40.33
N ARG A 563 -2.80 -8.95 40.74
CA ARG A 563 -3.84 -7.95 40.56
C ARG A 563 -4.04 -7.61 39.09
N ARG A 564 -2.95 -7.40 38.36
CA ARG A 564 -3.08 -7.12 36.92
C ARG A 564 -3.66 -8.31 36.19
N LEU A 565 -3.39 -9.54 36.67
CA LEU A 565 -4.01 -10.72 36.07
C LEU A 565 -5.50 -10.75 36.36
N ASP A 566 -5.89 -10.44 37.59
CA ASP A 566 -7.32 -10.41 37.94
C ASP A 566 -8.05 -9.30 37.20
N LEU A 567 -7.37 -8.19 36.90
CA LEU A 567 -7.98 -7.13 36.11
C LEU A 567 -8.15 -7.56 34.66
N VAL A 568 -7.11 -8.17 34.08
CA VAL A 568 -7.19 -8.63 32.70
C VAL A 568 -8.21 -9.76 32.56
N HIS A 569 -8.31 -10.62 33.59
CA HIS A 569 -9.24 -11.74 33.52
C HIS A 569 -10.68 -11.25 33.47
N THR A 570 -11.04 -10.29 34.32
CA THR A 570 -12.41 -9.81 34.35
C THR A 570 -12.77 -9.06 33.08
N ALA A 571 -11.85 -8.24 32.56
CA ALA A 571 -12.11 -7.51 31.32
C ALA A 571 -12.25 -8.47 30.14
N ALA A 572 -11.48 -9.56 30.15
CA ALA A 572 -11.59 -10.54 29.07
C ALA A 572 -12.92 -11.28 29.12
N LEU A 573 -13.49 -11.46 30.30
CA LEU A 573 -14.79 -12.12 30.40
C LEU A 573 -15.89 -11.25 29.82
N MET A 574 -15.79 -9.93 29.95
CA MET A 574 -16.79 -9.05 29.37
C MET A 574 -16.72 -9.05 27.84
N LEU A 575 -15.51 -9.06 27.28
CA LEU A 575 -15.37 -9.12 25.84
C LEU A 575 -15.87 -10.45 25.28
N ASP A 576 -15.80 -11.52 26.08
CA ASP A 576 -16.36 -12.79 25.66
C ASP A 576 -17.88 -12.79 25.76
N LYS A 577 -18.42 -12.16 26.80
CA LYS A 577 -19.88 -12.10 26.96
C LYS A 577 -20.52 -11.34 25.80
N ASN A 578 -19.94 -10.21 25.43
CA ASN A 578 -20.44 -9.41 24.30
C ASN A 578 -19.89 -9.89 22.97
N ASN A 579 -19.29 -11.08 22.91
CA ASN A 579 -18.77 -11.69 21.70
C ASN A 579 -17.74 -10.81 20.99
N LEU A 580 -17.09 -9.90 21.72
CA LEU A 580 -16.01 -9.12 21.13
C LEU A 580 -14.79 -9.98 20.85
N VAL A 581 -14.43 -10.85 21.79
CA VAL A 581 -13.23 -11.67 21.68
C VAL A 581 -13.51 -13.03 22.31
N LYS A 582 -13.30 -14.10 21.55
CA LYS A 582 -13.38 -15.44 22.09
C LYS A 582 -12.17 -15.72 22.97
N TYR A 583 -12.41 -16.07 24.23
CA TYR A 583 -11.33 -16.21 25.21
C TYR A 583 -11.66 -17.35 26.15
N ASP A 584 -10.76 -18.31 26.25
CA ASP A 584 -10.95 -19.49 27.10
C ASP A 584 -10.27 -19.29 28.45
N LYS A 585 -10.77 -20.01 29.46
CA LYS A 585 -10.24 -19.90 30.80
C LYS A 585 -8.90 -20.62 30.94
N LYS A 586 -8.77 -21.80 30.34
CA LYS A 586 -7.58 -22.62 30.52
C LYS A 586 -6.33 -21.94 29.96
N THR A 587 -6.19 -21.93 28.64
CA THR A 587 -5.01 -21.34 28.03
C THR A 587 -4.96 -19.82 28.18
N GLY A 588 -6.10 -19.18 28.38
CA GLY A 588 -6.13 -17.74 28.48
C GLY A 588 -5.78 -17.01 27.21
N ASN A 589 -5.92 -17.66 26.06
CA ASN A 589 -5.58 -17.07 24.78
C ASN A 589 -6.73 -16.24 24.23
N PHE A 590 -6.38 -15.20 23.48
CA PHE A 590 -7.36 -14.30 22.88
C PHE A 590 -7.53 -14.62 21.40
N GLN A 591 -8.76 -14.49 20.91
CA GLN A 591 -9.08 -14.65 19.50
C GLN A 591 -9.98 -13.50 19.08
N VAL A 592 -9.56 -12.76 18.06
CA VAL A 592 -10.30 -11.59 17.61
C VAL A 592 -11.48 -12.05 16.76
N THR A 593 -12.66 -11.53 17.08
CA THR A 593 -13.85 -11.74 16.26
C THR A 593 -14.06 -10.54 15.33
N GLU A 594 -14.96 -10.71 14.36
CA GLU A 594 -15.27 -9.61 13.46
C GLU A 594 -15.92 -8.46 14.20
N LEU A 595 -16.70 -8.76 15.25
CA LEU A 595 -17.31 -7.72 16.06
C LEU A 595 -16.25 -6.93 16.83
N GLY A 596 -15.23 -7.62 17.36
CA GLY A 596 -14.17 -6.93 18.05
C GLY A 596 -13.32 -6.06 17.14
N ARG A 597 -13.17 -6.47 15.89
CA ARG A 597 -12.39 -5.67 14.94
C ARG A 597 -13.08 -4.33 14.65
N ILE A 598 -14.41 -4.36 14.52
CA ILE A 598 -15.14 -3.14 14.18
C ILE A 598 -15.35 -2.28 15.42
N ALA A 599 -15.57 -2.91 16.58
CA ALA A 599 -15.67 -2.15 17.83
C ALA A 599 -14.40 -1.35 18.07
N SER A 600 -13.24 -1.90 17.70
CA SER A 600 -11.99 -1.18 17.87
C SER A 600 -11.85 -0.09 16.82
N HIS A 601 -11.95 -0.45 15.53
CA HIS A 601 -11.66 0.50 14.47
C HIS A 601 -12.59 1.71 14.48
N TYR A 602 -13.79 1.59 15.05
CA TYR A 602 -14.74 2.68 15.06
C TYR A 602 -15.05 3.19 16.46
N TYR A 603 -14.30 2.74 17.47
CA TYR A 603 -14.33 3.32 18.82
C TYR A 603 -15.73 3.27 19.43
N ILE A 604 -16.32 2.08 19.43
CA ILE A 604 -17.61 1.87 20.07
C ILE A 604 -17.43 0.86 21.20
N THR A 605 -18.23 1.01 22.24
CA THR A 605 -18.04 0.23 23.45
C THR A 605 -18.52 -1.21 23.28
N ASN A 606 -18.06 -2.07 24.19
CA ASN A 606 -18.40 -3.49 24.10
C ASN A 606 -19.88 -3.74 24.34
N ASP A 607 -20.53 -2.93 25.18
CA ASP A 607 -21.96 -3.08 25.41
C ASP A 607 -22.75 -2.77 24.14
N THR A 608 -22.28 -1.80 23.35
CA THR A 608 -22.98 -1.41 22.14
C THR A 608 -22.90 -2.50 21.09
N VAL A 609 -21.75 -3.17 20.96
CA VAL A 609 -21.62 -4.24 19.99
C VAL A 609 -22.58 -5.38 20.28
N GLN A 610 -22.74 -5.73 21.56
CA GLN A 610 -23.66 -6.80 21.92
C GLN A 610 -25.09 -6.45 21.52
N THR A 611 -25.50 -5.20 21.77
CA THR A 611 -26.84 -4.77 21.37
C THR A 611 -26.98 -4.80 19.85
N TYR A 612 -25.96 -4.32 19.13
CA TYR A 612 -26.00 -4.38 17.66
C TYR A 612 -26.11 -5.83 17.18
N ASN A 613 -25.27 -6.71 17.73
CA ASN A 613 -25.33 -8.12 17.33
C ASN A 613 -26.63 -8.77 17.78
N GLN A 614 -27.23 -8.29 18.86
CA GLN A 614 -28.46 -8.86 19.37
C GLN A 614 -29.69 -8.45 18.56
N LEU A 615 -29.60 -7.37 17.79
CA LEU A 615 -30.76 -6.82 17.10
C LEU A 615 -30.63 -6.79 15.59
N LEU A 616 -29.43 -6.64 15.04
CA LEU A 616 -29.27 -6.49 13.60
C LEU A 616 -29.71 -7.74 12.87
N LYS A 617 -30.61 -7.57 11.90
CA LYS A 617 -31.17 -8.65 11.10
C LYS A 617 -31.02 -8.31 9.63
N PRO A 618 -30.99 -9.32 8.76
CA PRO A 618 -31.01 -9.02 7.31
C PRO A 618 -32.26 -8.28 6.87
N THR A 619 -33.42 -8.65 7.43
CA THR A 619 -34.69 -8.01 7.11
C THR A 619 -35.06 -6.92 8.11
N LEU A 620 -34.07 -6.34 8.79
CA LEU A 620 -34.34 -5.30 9.77
C LEU A 620 -34.89 -4.06 9.08
N SER A 621 -36.02 -3.56 9.58
CA SER A 621 -36.68 -2.41 8.96
C SER A 621 -35.88 -1.14 9.20
N GLU A 622 -36.19 -0.12 8.40
CA GLU A 622 -35.51 1.16 8.53
C GLU A 622 -35.87 1.84 9.85
N ILE A 623 -37.13 1.71 10.29
CA ILE A 623 -37.52 2.28 11.57
C ILE A 623 -36.81 1.57 12.72
N GLU A 624 -36.51 0.28 12.56
CA GLU A 624 -35.74 -0.44 13.57
C GLU A 624 -34.27 -0.10 13.53
N LEU A 625 -33.76 0.36 12.39
CA LEU A 625 -32.36 0.79 12.32
C LEU A 625 -32.12 2.00 13.21
N PHE A 626 -33.02 2.98 13.16
CA PHE A 626 -32.95 4.10 14.09
C PHE A 626 -33.15 3.63 15.53
N ARG A 627 -33.87 2.52 15.73
CA ARG A 627 -34.01 1.96 17.07
C ARG A 627 -32.70 1.34 17.53
N VAL A 628 -32.07 0.53 16.68
CA VAL A 628 -30.80 -0.10 17.05
C VAL A 628 -29.74 0.96 17.35
N PHE A 629 -29.78 2.07 16.61
CA PHE A 629 -28.87 3.17 16.90
C PHE A 629 -29.15 3.76 18.29
N SER A 630 -30.42 4.03 18.58
CA SER A 630 -30.80 4.69 19.83
C SER A 630 -30.53 3.83 21.06
N LEU A 631 -30.26 2.53 20.88
CA LEU A 631 -29.93 1.65 21.98
C LEU A 631 -28.43 1.49 22.19
N SER A 632 -27.63 2.31 21.51
CA SER A 632 -26.18 2.30 21.74
C SER A 632 -25.89 2.71 23.17
N SER A 633 -25.03 1.94 23.85
CA SER A 633 -24.74 2.18 25.25
C SER A 633 -24.02 3.49 25.50
N GLU A 634 -23.53 4.15 24.45
CA GLU A 634 -23.06 5.52 24.60
C GLU A 634 -24.18 6.47 24.99
N PHE A 635 -25.43 6.08 24.75
CA PHE A 635 -26.60 6.87 25.10
C PHE A 635 -27.41 6.22 26.22
N LYS A 636 -26.79 5.33 26.99
CA LYS A 636 -27.53 4.58 28.00
C LYS A 636 -27.95 5.46 29.18
N ASN A 637 -27.32 6.62 29.35
CA ASN A 637 -27.68 7.54 30.43
C ASN A 637 -28.48 8.74 29.94
N ILE A 638 -28.69 8.87 28.63
CA ILE A 638 -29.52 9.95 28.09
C ILE A 638 -30.96 9.71 28.51
N THR A 639 -31.50 10.62 29.33
CA THR A 639 -32.87 10.56 29.79
C THR A 639 -33.66 11.69 29.14
N VAL A 640 -34.83 11.99 29.70
CA VAL A 640 -35.68 13.07 29.19
C VAL A 640 -36.25 13.83 30.39
N ARG A 641 -36.15 15.15 30.36
CA ARG A 641 -36.64 16.01 31.42
C ARG A 641 -37.98 16.63 31.02
N GLU A 642 -38.71 17.09 32.03
CA GLU A 642 -40.04 17.67 31.80
C GLU A 642 -39.97 18.89 30.91
N GLU A 643 -38.88 19.65 30.97
CA GLU A 643 -38.71 20.83 30.13
C GLU A 643 -38.54 20.49 28.66
N GLU A 644 -38.52 19.22 28.30
CA GLU A 644 -38.24 18.79 26.94
C GLU A 644 -39.43 18.12 26.26
N LYS A 645 -40.47 17.74 27.00
CA LYS A 645 -41.61 17.06 26.40
C LYS A 645 -42.29 17.93 25.35
N LEU A 646 -42.32 19.24 25.56
CA LEU A 646 -42.98 20.13 24.61
C LEU A 646 -42.23 20.18 23.28
N GLU A 647 -40.92 20.43 23.33
CA GLU A 647 -40.15 20.59 22.11
C GLU A 647 -39.94 19.25 21.40
N LEU A 648 -39.86 18.16 22.16
CA LEU A 648 -39.64 16.85 21.54
C LEU A 648 -40.86 16.40 20.74
N GLN A 649 -42.07 16.64 21.27
CA GLN A 649 -43.27 16.32 20.51
C GLN A 649 -43.39 17.20 19.27
N LYS A 650 -42.93 18.45 19.36
CA LYS A 650 -42.92 19.34 18.20
C LYS A 650 -41.82 18.98 17.20
N LEU A 651 -41.08 17.91 17.44
CA LEU A 651 -40.10 17.37 16.49
C LEU A 651 -40.51 16.02 15.94
N LEU A 652 -41.09 15.15 16.78
CA LEU A 652 -41.52 13.83 16.32
C LEU A 652 -42.53 13.92 15.19
N GLU A 653 -43.47 14.87 15.30
CA GLU A 653 -44.44 15.07 14.22
C GLU A 653 -43.82 15.73 13.01
N ARG A 654 -42.61 16.27 13.12
CA ARG A 654 -41.94 16.94 12.03
C ARG A 654 -40.85 16.09 11.38
N VAL A 655 -40.55 14.91 11.91
CA VAL A 655 -39.49 14.07 11.36
C VAL A 655 -40.12 12.94 10.54
N PRO A 656 -39.44 12.46 9.49
CA PRO A 656 -40.08 11.50 8.57
C PRO A 656 -40.27 10.11 9.16
N ILE A 657 -39.20 9.51 9.67
CA ILE A 657 -39.20 8.10 10.06
C ILE A 657 -40.21 7.86 11.17
N PRO A 658 -41.21 6.98 10.94
CA PRO A 658 -42.20 6.70 11.99
C PRO A 658 -41.57 6.03 13.21
N VAL A 659 -41.51 6.76 14.32
CA VAL A 659 -40.87 6.28 15.54
C VAL A 659 -41.89 5.43 16.30
N LYS A 660 -41.80 4.12 16.14
CA LYS A 660 -42.67 3.17 16.82
C LYS A 660 -42.03 2.58 18.07
N GLU A 661 -40.77 2.93 18.36
CA GLU A 661 -40.10 2.36 19.52
C GLU A 661 -40.78 2.78 20.82
N SER A 662 -41.06 4.06 20.97
CA SER A 662 -41.74 4.56 22.14
C SER A 662 -42.30 5.94 21.82
N ILE A 663 -43.34 6.32 22.57
CA ILE A 663 -43.92 7.66 22.37
C ILE A 663 -42.95 8.74 22.79
N GLU A 664 -42.03 8.44 23.71
CA GLU A 664 -41.04 9.38 24.21
C GLU A 664 -39.96 8.62 24.96
N GLU A 665 -39.87 8.82 26.27
CA GLU A 665 -39.03 8.02 27.15
C GLU A 665 -37.57 8.26 26.71
N PRO A 666 -36.57 7.36 26.94
CA PRO A 666 -35.21 7.71 26.49
C PRO A 666 -34.89 7.33 25.05
N SER A 667 -35.27 6.12 24.62
CA SER A 667 -34.81 5.62 23.32
C SER A 667 -35.32 6.46 22.16
N ALA A 668 -36.48 7.11 22.33
CA ALA A 668 -37.03 7.89 21.23
C ALA A 668 -36.44 9.29 21.17
N LYS A 669 -36.04 9.85 22.32
CA LYS A 669 -35.37 11.15 22.29
C LYS A 669 -34.11 11.10 21.45
N ILE A 670 -33.34 10.02 21.59
CA ILE A 670 -32.16 9.84 20.75
C ILE A 670 -32.57 9.64 19.30
N ASN A 671 -33.64 8.87 19.06
CA ASN A 671 -34.15 8.67 17.71
C ASN A 671 -34.62 9.99 17.11
N VAL A 672 -35.40 10.76 17.88
CA VAL A 672 -35.92 12.02 17.36
C VAL A 672 -34.79 13.04 17.18
N LEU A 673 -33.82 13.06 18.10
CA LEU A 673 -32.71 13.98 17.97
C LEU A 673 -31.88 13.71 16.72
N LEU A 674 -31.84 12.45 16.28
CA LEU A 674 -31.16 12.12 15.03
C LEU A 674 -31.86 12.78 13.84
N GLN A 675 -33.14 12.43 13.64
CA GLN A 675 -33.87 12.94 12.48
C GLN A 675 -34.01 14.45 12.52
N ALA A 676 -34.09 15.04 13.71
CA ALA A 676 -34.10 16.50 13.82
C ALA A 676 -32.76 17.08 13.34
N PHE A 677 -31.66 16.39 13.62
CA PHE A 677 -30.36 16.86 13.15
C PHE A 677 -30.19 16.61 11.66
N ILE A 678 -30.69 15.48 11.16
CA ILE A 678 -30.57 15.18 9.73
C ILE A 678 -31.38 16.18 8.91
N SER A 679 -32.61 16.45 9.33
CA SER A 679 -33.47 17.40 8.63
C SER A 679 -33.15 18.85 8.95
N GLN A 680 -32.11 19.10 9.75
CA GLN A 680 -31.68 20.46 10.10
C GLN A 680 -32.81 21.26 10.73
N LEU A 681 -33.49 20.64 11.69
CA LEU A 681 -34.56 21.31 12.43
C LEU A 681 -33.96 22.19 13.51
N LYS A 682 -34.21 23.50 13.40
CA LYS A 682 -33.73 24.45 14.40
C LYS A 682 -34.44 24.21 15.73
N LEU A 683 -33.66 24.09 16.79
CA LEU A 683 -34.18 23.86 18.13
C LEU A 683 -34.16 25.16 18.93
N GLU A 684 -35.02 25.21 19.95
CA GLU A 684 -35.15 26.39 20.80
C GLU A 684 -34.62 26.12 22.20
N GLY A 685 -35.19 25.14 22.91
CA GLY A 685 -34.74 24.82 24.24
C GLY A 685 -33.31 24.31 24.27
N PHE A 686 -32.47 24.96 25.07
CA PHE A 686 -31.05 24.62 25.12
C PHE A 686 -30.78 23.29 25.82
N ALA A 687 -31.79 22.69 26.46
CA ALA A 687 -31.62 21.36 27.03
C ALA A 687 -31.48 20.29 25.96
N LEU A 688 -31.98 20.56 24.75
CA LEU A 688 -31.85 19.63 23.63
C LEU A 688 -30.70 19.97 22.69
N MET A 689 -30.23 21.21 22.69
CA MET A 689 -29.12 21.58 21.82
C MET A 689 -27.84 20.88 22.24
N ALA A 690 -27.54 20.87 23.55
CA ALA A 690 -26.36 20.19 24.04
C ALA A 690 -26.49 18.67 23.96
N ASP A 691 -27.72 18.15 23.94
CA ASP A 691 -27.91 16.71 23.85
C ASP A 691 -27.89 16.20 22.42
N MET A 692 -28.31 17.03 21.46
CA MET A 692 -28.31 16.59 20.06
C MET A 692 -26.89 16.49 19.52
N VAL A 693 -26.00 17.36 19.94
CA VAL A 693 -24.61 17.31 19.46
C VAL A 693 -23.97 15.99 19.86
N TYR A 694 -24.28 15.49 21.06
CA TYR A 694 -23.65 14.28 21.56
C TYR A 694 -24.16 13.04 20.83
N VAL A 695 -25.41 13.04 20.38
CA VAL A 695 -26.00 11.87 19.74
C VAL A 695 -25.86 11.97 18.23
N THR A 696 -24.99 12.88 17.75
CA THR A 696 -24.78 13.04 16.32
C THR A 696 -23.30 12.99 15.96
N GLN A 697 -22.44 13.51 16.83
CA GLN A 697 -21.00 13.40 16.60
C GLN A 697 -20.55 11.94 16.65
N SER A 698 -21.18 11.14 17.50
CA SER A 698 -20.92 9.70 17.52
C SER A 698 -21.78 8.95 16.51
N ALA A 699 -22.80 9.59 15.94
CA ALA A 699 -23.65 8.92 14.97
C ALA A 699 -22.88 8.56 13.71
N GLY A 700 -21.85 9.32 13.36
CA GLY A 700 -21.05 8.99 12.20
C GLY A 700 -20.32 7.68 12.36
N ARG A 701 -19.65 7.49 13.49
CA ARG A 701 -18.90 6.26 13.72
C ARG A 701 -19.83 5.09 14.02
N LEU A 702 -20.89 5.34 14.80
CA LEU A 702 -21.80 4.27 15.20
C LEU A 702 -22.51 3.68 13.98
N MET A 703 -23.04 4.53 13.10
CA MET A 703 -23.72 4.03 11.92
C MET A 703 -22.74 3.44 10.91
N ARG A 704 -21.51 3.97 10.85
CA ARG A 704 -20.50 3.39 9.98
C ARG A 704 -20.08 2.01 10.47
N ALA A 705 -20.09 1.78 11.79
CA ALA A 705 -19.81 0.45 12.31
C ALA A 705 -20.92 -0.53 11.95
N ILE A 706 -22.17 -0.10 12.08
CA ILE A 706 -23.30 -0.95 11.68
C ILE A 706 -23.22 -1.24 10.18
N PHE A 707 -22.71 -0.29 9.40
CA PHE A 707 -22.57 -0.51 7.96
C PHE A 707 -21.57 -1.64 7.68
N GLU A 708 -20.40 -1.58 8.32
CA GLU A 708 -19.39 -2.61 8.08
C GLU A 708 -19.81 -3.95 8.65
N ILE A 709 -20.52 -3.94 9.79
CA ILE A 709 -21.03 -5.20 10.35
C ILE A 709 -21.98 -5.87 9.37
N VAL A 710 -22.85 -5.09 8.75
CA VAL A 710 -23.84 -5.65 7.84
C VAL A 710 -23.24 -5.93 6.47
N LEU A 711 -22.36 -5.05 5.99
CA LEU A 711 -21.74 -5.25 4.69
C LEU A 711 -20.92 -6.55 4.66
N ASN A 712 -20.11 -6.78 5.69
CA ASN A 712 -19.26 -7.96 5.71
C ASN A 712 -20.05 -9.25 5.90
N ARG A 713 -21.28 -9.16 6.40
CA ARG A 713 -22.14 -10.33 6.53
C ARG A 713 -22.94 -10.62 5.27
N GLY A 714 -22.95 -9.70 4.31
CA GLY A 714 -23.64 -9.94 3.05
C GLY A 714 -25.14 -9.70 3.09
N TRP A 715 -25.60 -8.80 3.96
CA TRP A 715 -27.02 -8.46 4.02
C TRP A 715 -27.24 -7.27 3.09
N ALA A 716 -27.63 -7.57 1.85
CA ALA A 716 -27.69 -6.54 0.82
C ALA A 716 -28.71 -5.45 1.16
N GLN A 717 -29.85 -5.83 1.73
CA GLN A 717 -30.89 -4.85 2.01
C GLN A 717 -30.45 -3.88 3.11
N LEU A 718 -30.02 -4.41 4.26
CA LEU A 718 -29.59 -3.53 5.34
C LEU A 718 -28.28 -2.83 5.04
N THR A 719 -27.46 -3.39 4.15
CA THR A 719 -26.25 -2.69 3.72
C THR A 719 -26.60 -1.40 3.01
N ASP A 720 -27.65 -1.42 2.18
CA ASP A 720 -28.08 -0.20 1.49
C ASP A 720 -28.72 0.78 2.46
N LYS A 721 -29.46 0.28 3.45
CA LYS A 721 -30.08 1.15 4.44
C LYS A 721 -29.02 1.82 5.32
N THR A 722 -28.08 1.03 5.83
CA THR A 722 -27.07 1.57 6.74
C THR A 722 -26.11 2.50 6.01
N LEU A 723 -25.78 2.18 4.76
CA LEU A 723 -24.88 3.04 4.00
C LEU A 723 -25.54 4.36 3.65
N ASN A 724 -26.84 4.33 3.33
CA ASN A 724 -27.57 5.57 3.07
C ASN A 724 -27.60 6.44 4.32
N LEU A 725 -27.90 5.84 5.48
CA LEU A 725 -27.95 6.61 6.71
C LEU A 725 -26.59 7.19 7.07
N CYS A 726 -25.51 6.54 6.64
CA CYS A 726 -24.19 7.13 6.83
C CYS A 726 -24.02 8.38 5.99
N LYS A 727 -24.50 8.38 4.75
CA LYS A 727 -24.45 9.58 3.93
C LYS A 727 -25.47 10.61 4.37
N MET A 728 -26.62 10.16 4.86
CA MET A 728 -27.66 11.11 5.29
C MET A 728 -27.20 11.92 6.50
N ILE A 729 -26.43 11.30 7.40
CA ILE A 729 -25.89 12.04 8.54
C ILE A 729 -24.78 12.98 8.09
N ASP A 730 -23.90 12.50 7.20
CA ASP A 730 -22.79 13.32 6.74
C ASP A 730 -23.28 14.51 5.91
N LYS A 731 -24.22 14.28 5.01
CA LYS A 731 -24.74 15.34 4.15
C LYS A 731 -25.90 16.10 4.78
N ARG A 732 -26.39 15.66 5.93
CA ARG A 732 -27.48 16.33 6.66
C ARG A 732 -28.70 16.52 5.76
N MET A 733 -29.14 15.43 5.14
CA MET A 733 -30.33 15.44 4.30
C MET A 733 -30.87 14.03 4.24
N TRP A 734 -32.03 13.89 3.60
CA TRP A 734 -32.69 12.60 3.46
C TRP A 734 -32.62 12.13 2.01
N GLN A 735 -32.86 10.83 1.82
CA GLN A 735 -32.86 10.27 0.47
C GLN A 735 -34.04 10.77 -0.35
N SER A 736 -35.14 11.16 0.32
CA SER A 736 -36.30 11.68 -0.40
C SER A 736 -36.02 13.05 -1.01
N MET A 737 -35.09 13.81 -0.43
CA MET A 737 -34.78 15.13 -0.93
C MET A 737 -33.99 15.05 -2.23
N CYS A 738 -33.71 16.20 -2.82
CA CYS A 738 -32.99 16.25 -4.08
C CYS A 738 -31.49 16.05 -3.86
N PRO A 739 -30.84 15.23 -4.67
CA PRO A 739 -29.39 15.02 -4.50
C PRO A 739 -28.56 16.28 -4.71
N LEU A 740 -29.11 17.32 -5.33
CA LEU A 740 -28.36 18.56 -5.55
C LEU A 740 -28.11 19.33 -4.26
N ARG A 741 -28.75 18.95 -3.15
CA ARG A 741 -28.47 19.60 -1.87
C ARG A 741 -27.03 19.36 -1.44
N GLN A 742 -26.42 18.27 -1.89
CA GLN A 742 -25.05 17.96 -1.52
C GLN A 742 -24.06 18.99 -2.06
N PHE A 743 -24.41 19.68 -3.14
CA PHE A 743 -23.62 20.84 -3.59
C PHE A 743 -23.94 22.00 -2.66
N ARG A 744 -23.07 22.23 -1.68
CA ARG A 744 -23.35 23.15 -0.60
C ARG A 744 -23.35 24.62 -1.02
N LYS A 745 -23.07 24.93 -2.29
CA LYS A 745 -23.05 26.31 -2.76
C LYS A 745 -24.21 26.63 -3.69
N LEU A 746 -25.26 25.81 -3.67
CA LEU A 746 -26.45 26.19 -4.42
C LEU A 746 -27.52 26.75 -3.48
N PRO A 747 -28.26 27.76 -3.91
CA PRO A 747 -29.30 28.34 -3.05
C PRO A 747 -30.35 27.30 -2.68
N GLU A 748 -30.60 27.19 -1.36
CA GLU A 748 -31.55 26.19 -0.89
C GLU A 748 -32.96 26.46 -1.39
N GLU A 749 -33.31 27.73 -1.59
CA GLU A 749 -34.63 28.06 -2.12
C GLU A 749 -34.81 27.54 -3.54
N VAL A 750 -33.74 27.57 -4.34
CA VAL A 750 -33.82 27.04 -5.70
C VAL A 750 -33.88 25.52 -5.67
N VAL A 751 -33.08 24.89 -4.82
CA VAL A 751 -33.11 23.44 -4.71
C VAL A 751 -34.42 22.97 -4.10
N LYS A 752 -35.00 23.75 -3.20
CA LYS A 752 -36.32 23.42 -2.68
C LYS A 752 -37.41 23.62 -3.72
N LYS A 753 -37.14 24.41 -4.76
CA LYS A 753 -38.13 24.65 -5.81
C LYS A 753 -38.05 23.60 -6.91
N ILE A 754 -36.88 23.05 -7.19
CA ILE A 754 -36.78 21.99 -8.19
C ILE A 754 -37.44 20.70 -7.71
N GLU A 755 -37.55 20.52 -6.40
CA GLU A 755 -38.22 19.36 -5.83
C GLU A 755 -39.67 19.64 -5.48
N LYS A 756 -40.23 20.76 -5.96
CA LYS A 756 -41.65 21.04 -5.80
C LYS A 756 -42.48 19.91 -6.38
N LYS A 757 -42.43 19.77 -7.70
CA LYS A 757 -43.06 18.63 -8.36
C LYS A 757 -42.13 17.43 -8.32
N ASN A 758 -42.71 16.24 -8.27
CA ASN A 758 -41.93 15.01 -8.22
C ASN A 758 -41.27 14.73 -9.55
N PHE A 759 -40.33 15.60 -9.95
CA PHE A 759 -39.61 15.46 -11.20
C PHE A 759 -38.38 14.59 -10.97
N PRO A 760 -38.21 13.49 -11.71
CA PRO A 760 -37.07 12.61 -11.46
C PRO A 760 -35.75 13.31 -11.74
N PHE A 761 -34.76 13.03 -10.90
CA PHE A 761 -33.45 13.68 -11.02
C PHE A 761 -32.72 13.25 -12.28
N GLU A 762 -32.89 12.00 -12.70
CA GLU A 762 -32.16 11.51 -13.88
C GLU A 762 -32.63 12.20 -15.15
N ARG A 763 -33.87 12.67 -15.19
CA ARG A 763 -34.38 13.36 -16.36
C ARG A 763 -33.70 14.71 -16.58
N LEU A 764 -32.98 15.23 -15.58
CA LEU A 764 -32.25 16.47 -15.76
C LEU A 764 -31.06 16.32 -16.70
N TYR A 765 -30.52 15.11 -16.84
CA TYR A 765 -29.41 14.89 -17.76
C TYR A 765 -29.83 15.16 -19.20
N ASP A 766 -31.09 14.85 -19.54
CA ASP A 766 -31.58 15.00 -20.91
C ASP A 766 -32.26 16.35 -21.13
N LEU A 767 -31.92 17.36 -20.33
CA LEU A 767 -32.49 18.70 -20.46
C LEU A 767 -31.36 19.72 -20.50
N ASN A 768 -31.41 20.63 -21.48
CA ASN A 768 -30.41 21.68 -21.58
C ASN A 768 -30.65 22.73 -20.50
N HIS A 769 -29.76 23.73 -20.44
CA HIS A 769 -29.87 24.76 -19.43
C HIS A 769 -31.04 25.70 -19.66
N ASN A 770 -31.67 25.65 -20.84
CA ASN A 770 -32.88 26.43 -21.08
C ASN A 770 -34.13 25.70 -20.64
N GLU A 771 -34.23 24.40 -20.95
CA GLU A 771 -35.35 23.60 -20.46
C GLU A 771 -35.36 23.50 -18.94
N ILE A 772 -34.19 23.66 -18.30
CA ILE A 772 -34.15 23.71 -16.84
C ILE A 772 -34.93 24.91 -16.33
N GLY A 773 -34.66 26.09 -16.90
CA GLY A 773 -35.42 27.28 -16.55
C GLY A 773 -36.89 27.20 -16.93
N GLU A 774 -37.23 26.39 -17.94
CA GLU A 774 -38.62 26.23 -18.34
C GLU A 774 -39.44 25.55 -17.26
N LEU A 775 -38.83 24.63 -16.50
CA LEU A 775 -39.54 23.83 -15.51
C LEU A 775 -39.29 24.31 -14.08
N ILE A 776 -38.66 25.47 -13.91
CA ILE A 776 -38.30 25.93 -12.57
C ILE A 776 -38.76 27.38 -12.39
N ARG A 777 -39.50 27.89 -13.38
CA ARG A 777 -40.00 29.26 -13.42
C ARG A 777 -38.91 30.29 -13.11
N MET A 778 -37.64 29.87 -13.17
CA MET A 778 -36.51 30.70 -12.79
C MET A 778 -35.36 30.46 -13.75
N PRO A 779 -35.40 31.07 -14.94
CA PRO A 779 -34.30 30.88 -15.90
C PRO A 779 -33.08 31.72 -15.54
N LYS A 780 -33.07 32.29 -14.33
CA LYS A 780 -31.95 33.10 -13.89
C LYS A 780 -30.67 32.27 -13.81
N MET A 781 -30.70 31.19 -13.02
CA MET A 781 -29.54 30.33 -12.82
C MET A 781 -29.76 28.94 -13.41
N GLY A 782 -30.52 28.85 -14.50
CA GLY A 782 -30.66 27.58 -15.20
C GLY A 782 -29.37 27.10 -15.84
N LYS A 783 -28.40 27.99 -16.04
CA LYS A 783 -27.12 27.59 -16.61
C LYS A 783 -26.18 27.02 -15.54
N THR A 784 -26.23 27.59 -14.33
CA THR A 784 -25.38 27.09 -13.25
C THR A 784 -25.95 25.83 -12.59
N ILE A 785 -27.16 25.41 -12.94
CA ILE A 785 -27.67 24.13 -12.50
C ILE A 785 -27.25 23.02 -13.46
N HIS A 786 -27.24 23.30 -14.77
CA HIS A 786 -26.66 22.38 -15.73
C HIS A 786 -25.17 22.16 -15.47
N LYS A 787 -24.52 23.09 -14.77
CA LYS A 787 -23.12 22.89 -14.39
C LYS A 787 -22.99 21.82 -13.30
N TYR A 788 -23.87 21.87 -12.29
CA TYR A 788 -23.76 20.94 -11.17
C TYR A 788 -24.41 19.59 -11.44
N VAL A 789 -25.36 19.51 -12.37
CA VAL A 789 -25.92 18.22 -12.74
C VAL A 789 -24.83 17.33 -13.36
N HIS A 790 -24.01 17.91 -14.23
CA HIS A 790 -22.89 17.17 -14.81
C HIS A 790 -21.68 17.11 -13.89
N LEU A 791 -21.70 17.82 -12.77
CA LEU A 791 -20.68 17.65 -11.74
C LEU A 791 -21.00 16.49 -10.79
N PHE A 792 -22.23 15.99 -10.81
CA PHE A 792 -22.58 14.85 -9.99
C PHE A 792 -21.88 13.60 -10.49
N PRO A 793 -21.32 12.78 -9.61
CA PRO A 793 -20.60 11.59 -10.06
C PRO A 793 -21.55 10.59 -10.73
N LYS A 794 -21.12 10.06 -11.88
CA LYS A 794 -21.90 9.10 -12.64
C LYS A 794 -20.95 8.09 -13.27
N LEU A 795 -21.19 6.81 -13.01
CA LEU A 795 -20.36 5.74 -13.54
C LEU A 795 -21.15 4.93 -14.57
N GLU A 796 -20.42 4.38 -15.53
CA GLU A 796 -20.98 3.46 -16.51
C GLU A 796 -20.42 2.06 -16.29
N LEU A 797 -21.28 1.06 -16.37
CA LEU A 797 -20.91 -0.31 -16.05
C LEU A 797 -21.10 -1.18 -17.30
N SER A 798 -20.02 -1.80 -17.75
CA SER A 798 -20.05 -2.80 -18.81
C SER A 798 -19.33 -4.04 -18.31
N VAL A 799 -19.87 -5.21 -18.62
CA VAL A 799 -19.43 -6.47 -18.03
C VAL A 799 -19.13 -7.47 -19.13
N HIS A 800 -18.04 -8.21 -18.97
CA HIS A 800 -17.74 -9.38 -19.79
C HIS A 800 -17.67 -10.59 -18.86
N LEU A 801 -18.44 -11.63 -19.18
CA LEU A 801 -18.59 -12.79 -18.32
C LEU A 801 -17.85 -13.99 -18.90
N GLN A 802 -17.18 -14.74 -18.03
CA GLN A 802 -16.46 -15.94 -18.43
C GLN A 802 -16.66 -17.05 -17.40
N PRO A 803 -17.30 -18.15 -17.78
CA PRO A 803 -17.44 -19.28 -16.83
C PRO A 803 -16.12 -20.01 -16.66
N ILE A 804 -15.85 -20.41 -15.42
CA ILE A 804 -14.67 -21.20 -15.08
C ILE A 804 -15.05 -22.63 -14.74
N THR A 805 -15.94 -22.82 -13.75
CA THR A 805 -16.50 -24.13 -13.45
C THR A 805 -18.01 -24.04 -13.48
N ARG A 806 -18.68 -25.11 -13.06
CA ARG A 806 -20.13 -25.09 -12.90
C ARG A 806 -20.56 -24.38 -11.62
N SER A 807 -19.63 -23.76 -10.90
CA SER A 807 -19.94 -23.06 -9.67
C SER A 807 -19.28 -21.69 -9.55
N THR A 808 -18.43 -21.30 -10.50
CA THR A 808 -17.76 -20.01 -10.46
C THR A 808 -17.82 -19.35 -11.82
N LEU A 809 -17.82 -18.02 -11.82
CA LEU A 809 -17.74 -17.22 -13.03
C LEU A 809 -16.65 -16.16 -12.86
N LYS A 810 -16.01 -15.81 -13.96
CA LYS A 810 -14.97 -14.77 -13.97
C LYS A 810 -15.58 -13.50 -14.57
N VAL A 811 -15.93 -12.56 -13.70
CA VAL A 811 -16.54 -11.30 -14.11
C VAL A 811 -15.47 -10.25 -14.33
N GLU A 812 -15.58 -9.52 -15.44
CA GLU A 812 -14.66 -8.44 -15.77
C GLU A 812 -15.48 -7.15 -15.91
N LEU A 813 -15.72 -6.50 -14.78
CA LEU A 813 -16.50 -5.26 -14.75
C LEU A 813 -15.64 -4.11 -15.24
N THR A 814 -16.06 -3.47 -16.33
CA THR A 814 -15.36 -2.33 -16.89
C THR A 814 -16.09 -1.06 -16.46
N ILE A 815 -15.46 -0.28 -15.59
CA ILE A 815 -16.05 0.93 -15.05
C ILE A 815 -15.62 2.12 -15.91
N THR A 816 -16.59 2.90 -16.37
CA THR A 816 -16.32 4.06 -17.22
C THR A 816 -16.88 5.31 -16.57
N PRO A 817 -16.05 6.30 -16.23
CA PRO A 817 -16.56 7.53 -15.63
C PRO A 817 -17.32 8.36 -16.65
N ASP A 818 -18.41 8.97 -16.20
CA ASP A 818 -19.28 9.77 -17.05
C ASP A 818 -19.70 11.05 -16.33
N PHE A 819 -18.72 11.89 -16.00
CA PHE A 819 -18.97 13.17 -15.35
C PHE A 819 -17.68 14.00 -15.44
N GLN A 820 -17.82 15.27 -15.08
CA GLN A 820 -16.69 16.19 -15.06
C GLN A 820 -16.06 16.20 -13.68
N TRP A 821 -14.74 16.11 -13.62
CA TRP A 821 -14.03 16.06 -12.35
C TRP A 821 -13.79 17.47 -11.81
N ASP A 822 -13.66 17.57 -10.48
CA ASP A 822 -13.44 18.84 -9.82
C ASP A 822 -12.94 18.56 -8.42
N GLU A 823 -11.73 19.02 -8.10
CA GLU A 823 -11.20 18.85 -6.75
C GLU A 823 -11.93 19.73 -5.73
N LYS A 824 -12.61 20.78 -6.19
CA LYS A 824 -13.43 21.56 -5.29
C LYS A 824 -14.66 20.78 -4.84
N VAL A 825 -15.22 19.96 -5.73
CA VAL A 825 -16.44 19.22 -5.45
C VAL A 825 -16.14 17.80 -5.01
N HIS A 826 -15.35 17.05 -5.79
CA HIS A 826 -15.06 15.66 -5.47
C HIS A 826 -13.80 15.50 -4.63
N GLY A 827 -12.78 16.32 -4.89
CA GLY A 827 -11.52 16.18 -4.18
C GLY A 827 -10.46 15.49 -5.01
N SER A 828 -9.58 14.75 -4.36
CA SER A 828 -8.53 14.02 -5.05
C SER A 828 -8.91 12.58 -5.36
N SER A 829 -10.10 12.14 -4.96
CA SER A 829 -10.52 10.77 -5.20
C SER A 829 -12.03 10.68 -4.98
N GLU A 830 -12.63 9.62 -5.53
CA GLU A 830 -14.04 9.33 -5.34
C GLU A 830 -14.18 7.83 -5.09
N ALA A 831 -14.73 7.47 -3.93
CA ALA A 831 -14.83 6.08 -3.53
C ALA A 831 -16.16 5.48 -3.94
N PHE A 832 -16.14 4.17 -4.21
CA PHE A 832 -17.34 3.45 -4.61
C PHE A 832 -17.31 2.06 -3.98
N TRP A 833 -18.46 1.38 -4.04
CA TRP A 833 -18.61 0.04 -3.51
C TRP A 833 -19.15 -0.87 -4.62
N ILE A 834 -18.27 -1.72 -5.16
CA ILE A 834 -18.67 -2.69 -6.18
C ILE A 834 -19.42 -3.81 -5.46
N LEU A 835 -20.74 -3.75 -5.49
CA LEU A 835 -21.60 -4.75 -4.86
C LEU A 835 -22.24 -5.60 -5.95
N VAL A 836 -22.02 -6.91 -5.90
CA VAL A 836 -22.70 -7.85 -6.79
C VAL A 836 -23.59 -8.73 -5.94
N GLU A 837 -24.88 -8.72 -6.24
CA GLU A 837 -25.90 -9.42 -5.47
C GLU A 837 -26.67 -10.37 -6.36
N ASP A 838 -27.52 -11.19 -5.74
CA ASP A 838 -28.33 -12.16 -6.47
C ASP A 838 -29.56 -11.44 -7.06
N VAL A 839 -30.53 -12.24 -7.52
CA VAL A 839 -31.71 -11.66 -8.16
C VAL A 839 -32.50 -10.82 -7.17
N ASP A 840 -32.80 -11.40 -6.00
CA ASP A 840 -33.64 -10.73 -5.02
C ASP A 840 -32.93 -9.58 -4.32
N SER A 841 -31.67 -9.31 -4.64
CA SER A 841 -30.88 -8.25 -4.01
C SER A 841 -30.90 -8.39 -2.49
N GLU A 842 -30.67 -9.61 -2.03
CA GLU A 842 -30.70 -9.93 -0.61
C GLU A 842 -29.35 -10.36 -0.05
N VAL A 843 -28.49 -10.97 -0.87
CA VAL A 843 -27.20 -11.49 -0.44
C VAL A 843 -26.12 -10.87 -1.32
N ILE A 844 -25.12 -10.26 -0.69
CA ILE A 844 -23.96 -9.72 -1.40
C ILE A 844 -22.97 -10.87 -1.55
N LEU A 845 -23.01 -11.54 -2.71
CA LEU A 845 -22.12 -12.66 -2.97
C LEU A 845 -20.66 -12.22 -3.05
N HIS A 846 -20.39 -10.97 -3.38
CA HIS A 846 -19.04 -10.45 -3.42
C HIS A 846 -19.10 -8.93 -3.36
N HIS A 847 -18.06 -8.33 -2.78
CA HIS A 847 -18.01 -6.88 -2.63
C HIS A 847 -16.55 -6.46 -2.49
N GLU A 848 -16.21 -5.31 -3.07
CA GLU A 848 -14.88 -4.76 -2.91
C GLU A 848 -14.93 -3.25 -3.08
N TYR A 849 -13.97 -2.57 -2.46
CA TYR A 849 -13.93 -1.12 -2.38
C TYR A 849 -13.15 -0.57 -3.57
N PHE A 850 -13.84 0.02 -4.53
CA PHE A 850 -13.21 0.58 -5.71
C PHE A 850 -12.94 2.06 -5.50
N LEU A 851 -11.73 2.49 -5.86
CA LEU A 851 -11.31 3.88 -5.73
C LEU A 851 -11.09 4.49 -7.11
N LEU A 852 -11.42 5.77 -7.25
CA LEU A 852 -11.27 6.49 -8.51
C LEU A 852 -10.41 7.73 -8.22
N LYS A 853 -9.11 7.62 -8.52
CA LYS A 853 -8.20 8.71 -8.26
C LYS A 853 -8.43 9.86 -9.23
N ALA A 854 -7.91 11.03 -8.87
CA ALA A 854 -8.18 12.25 -9.64
C ALA A 854 -7.34 12.30 -10.91
N LYS A 855 -6.04 12.03 -10.81
CA LYS A 855 -5.17 12.13 -11.98
C LYS A 855 -5.47 11.07 -13.02
N TYR A 856 -6.09 9.95 -12.64
CA TYR A 856 -6.53 8.92 -13.57
C TYR A 856 -8.06 8.87 -13.64
N ALA A 857 -8.69 10.05 -13.64
CA ALA A 857 -10.14 10.16 -13.57
C ALA A 857 -10.82 9.55 -14.79
N GLN A 858 -10.68 10.19 -15.94
CA GLN A 858 -11.40 9.75 -17.14
C GLN A 858 -10.84 8.47 -17.73
N ASP A 859 -9.76 7.92 -17.20
CA ASP A 859 -9.27 6.64 -17.68
C ASP A 859 -10.24 5.52 -17.32
N GLU A 860 -10.20 4.45 -18.11
CA GLU A 860 -11.09 3.32 -17.91
C GLU A 860 -10.45 2.28 -17.02
N HIS A 861 -11.20 1.77 -16.05
CA HIS A 861 -10.72 0.82 -15.07
C HIS A 861 -11.47 -0.50 -15.21
N LEU A 862 -10.73 -1.60 -15.14
CA LEU A 862 -11.29 -2.95 -15.28
C LEU A 862 -11.05 -3.72 -14.00
N ILE A 863 -12.14 -4.09 -13.32
CA ILE A 863 -12.08 -4.83 -12.07
C ILE A 863 -12.41 -6.28 -12.35
N THR A 864 -11.55 -7.19 -11.93
CA THR A 864 -11.67 -8.61 -12.21
C THR A 864 -11.91 -9.36 -10.91
N PHE A 865 -13.12 -9.89 -10.74
CA PHE A 865 -13.48 -10.67 -9.56
C PHE A 865 -14.23 -11.93 -10.00
N PHE A 866 -14.56 -12.78 -9.03
CA PHE A 866 -15.23 -14.04 -9.28
C PHE A 866 -16.50 -14.12 -8.44
N VAL A 867 -17.53 -14.75 -9.00
CA VAL A 867 -18.82 -14.88 -8.33
C VAL A 867 -19.27 -16.33 -8.37
N PRO A 868 -19.99 -16.82 -7.37
CA PRO A 868 -20.50 -18.20 -7.40
C PRO A 868 -21.87 -18.29 -8.05
N VAL A 869 -22.14 -19.48 -8.61
CA VAL A 869 -23.42 -19.80 -9.21
C VAL A 869 -23.84 -21.18 -8.71
N PHE A 870 -25.09 -21.54 -9.03
CA PHE A 870 -25.67 -22.79 -8.55
C PHE A 870 -26.47 -23.44 -9.67
N GLU A 871 -26.87 -24.71 -9.45
CA GLU A 871 -27.54 -25.46 -10.50
C GLU A 871 -28.91 -24.88 -10.85
N PRO A 872 -29.80 -24.58 -9.89
CA PRO A 872 -31.00 -23.81 -10.26
C PRO A 872 -30.64 -22.39 -10.63
N LEU A 873 -29.98 -22.22 -11.77
CA LEU A 873 -29.35 -20.96 -12.13
C LEU A 873 -30.39 -19.86 -12.32
N PRO A 874 -30.36 -18.80 -11.53
CA PRO A 874 -31.29 -17.69 -11.72
C PRO A 874 -31.02 -16.98 -13.02
N PRO A 875 -31.99 -16.22 -13.55
CA PRO A 875 -31.78 -15.58 -14.86
C PRO A 875 -30.73 -14.48 -14.85
N GLN A 876 -30.62 -13.74 -13.76
CA GLN A 876 -29.76 -12.57 -13.71
C GLN A 876 -28.94 -12.56 -12.42
N TYR A 877 -27.93 -11.70 -12.41
CA TYR A 877 -27.29 -11.17 -11.21
C TYR A 877 -27.38 -9.64 -11.29
N PHE A 878 -26.79 -8.97 -10.30
CA PHE A 878 -26.83 -7.51 -10.27
C PHE A 878 -25.51 -6.99 -9.72
N ILE A 879 -24.84 -6.16 -10.50
CA ILE A 879 -23.60 -5.50 -10.09
C ILE A 879 -23.95 -4.04 -9.82
N ARG A 880 -24.22 -3.72 -8.55
CA ARG A 880 -24.56 -2.36 -8.13
C ARG A 880 -23.29 -1.68 -7.62
N VAL A 881 -22.97 -0.52 -8.21
CA VAL A 881 -21.81 0.27 -7.80
C VAL A 881 -22.36 1.59 -7.27
N VAL A 882 -22.43 1.72 -5.96
CA VAL A 882 -22.90 2.94 -5.32
C VAL A 882 -21.69 3.73 -4.83
N SER A 883 -21.91 5.01 -4.58
CA SER A 883 -20.85 5.83 -4.03
C SER A 883 -20.69 5.58 -2.53
N ASP A 884 -19.52 5.92 -2.03
CA ASP A 884 -19.23 5.79 -0.60
C ASP A 884 -19.52 7.07 0.17
N ARG A 885 -19.78 8.18 -0.52
CA ARG A 885 -20.00 9.46 0.14
C ARG A 885 -21.28 10.13 -0.36
N TRP A 886 -21.46 10.16 -1.68
CA TRP A 886 -22.59 10.87 -2.26
C TRP A 886 -23.89 10.11 -2.06
N LEU A 887 -24.96 10.84 -1.80
CA LEU A 887 -26.30 10.25 -1.65
C LEU A 887 -26.95 10.09 -3.02
N SER A 888 -27.59 8.94 -3.22
CA SER A 888 -28.26 8.61 -4.47
C SER A 888 -27.31 8.73 -5.66
N CYS A 889 -26.19 8.00 -5.56
CA CYS A 889 -25.16 7.96 -6.59
C CYS A 889 -24.88 6.50 -6.92
N GLU A 890 -25.86 5.83 -7.53
CA GLU A 890 -25.82 4.40 -7.77
C GLU A 890 -25.99 4.10 -9.25
N THR A 891 -25.19 3.16 -9.75
CA THR A 891 -25.32 2.64 -11.10
C THR A 891 -25.47 1.13 -11.02
N GLN A 892 -26.57 0.62 -11.56
CA GLN A 892 -26.89 -0.81 -11.49
C GLN A 892 -26.82 -1.42 -12.88
N LEU A 893 -26.45 -2.70 -12.93
CA LEU A 893 -26.32 -3.43 -14.19
C LEU A 893 -26.60 -4.90 -14.00
N PRO A 894 -27.64 -5.44 -14.63
CA PRO A 894 -27.90 -6.89 -14.51
C PRO A 894 -26.92 -7.71 -15.32
N VAL A 895 -26.72 -8.95 -14.88
CA VAL A 895 -25.84 -9.90 -15.55
C VAL A 895 -26.70 -11.11 -15.89
N SER A 896 -27.29 -11.11 -17.08
CA SER A 896 -28.24 -12.15 -17.47
C SER A 896 -27.51 -13.43 -17.82
N PHE A 897 -28.00 -14.55 -17.28
CA PHE A 897 -27.46 -15.88 -17.57
C PHE A 897 -28.29 -16.62 -18.61
N ARG A 898 -29.15 -15.92 -19.35
CA ARG A 898 -30.04 -16.57 -20.30
C ARG A 898 -29.26 -17.19 -21.46
N HIS A 899 -28.08 -16.65 -21.77
CA HIS A 899 -27.20 -17.22 -22.77
C HIS A 899 -25.98 -17.90 -22.15
N LEU A 900 -25.96 -18.06 -20.84
CA LEU A 900 -24.83 -18.66 -20.16
C LEU A 900 -24.84 -20.17 -20.37
N ILE A 901 -23.70 -20.72 -20.80
CA ILE A 901 -23.53 -22.15 -21.00
C ILE A 901 -22.45 -22.61 -20.02
N LEU A 902 -22.87 -23.19 -18.91
CA LEU A 902 -21.92 -23.65 -17.91
C LEU A 902 -21.06 -24.77 -18.48
N PRO A 903 -19.78 -24.85 -18.08
CA PRO A 903 -18.90 -25.90 -18.61
C PRO A 903 -19.33 -27.30 -18.22
N GLU A 904 -18.59 -28.30 -18.71
CA GLU A 904 -18.89 -29.69 -18.38
C GLU A 904 -18.33 -30.04 -17.00
N LYS A 905 -18.99 -31.00 -16.35
CA LYS A 905 -18.54 -31.46 -15.04
C LYS A 905 -17.16 -32.11 -15.16
N TYR A 906 -16.37 -31.95 -14.08
CA TYR A 906 -15.06 -32.58 -14.15
C TYR A 906 -15.11 -33.97 -13.53
N PRO A 907 -14.40 -34.94 -14.12
CA PRO A 907 -14.41 -36.29 -13.58
C PRO A 907 -13.66 -36.33 -12.24
N PRO A 908 -13.98 -37.28 -11.38
CA PRO A 908 -13.31 -37.38 -10.08
C PRO A 908 -11.82 -37.67 -10.27
N PRO A 909 -10.99 -37.33 -9.29
CA PRO A 909 -9.56 -37.62 -9.41
C PRO A 909 -9.29 -39.11 -9.32
N THR A 910 -8.18 -39.52 -9.92
CA THR A 910 -7.80 -40.94 -9.91
C THR A 910 -7.51 -41.38 -8.48
N GLU A 911 -8.21 -42.43 -8.06
CA GLU A 911 -8.14 -42.87 -6.67
C GLU A 911 -6.73 -43.30 -6.29
N LEU A 912 -6.25 -42.81 -5.16
CA LEU A 912 -4.94 -43.16 -4.64
C LEU A 912 -5.08 -44.38 -3.73
N LEU A 913 -4.48 -45.49 -4.14
CA LEU A 913 -4.51 -46.72 -3.35
C LEU A 913 -3.35 -46.74 -2.37
N ASP A 914 -3.60 -47.27 -1.18
CA ASP A 914 -2.56 -47.36 -0.15
C ASP A 914 -1.63 -48.52 -0.44
N LEU A 915 -1.05 -48.55 -1.64
CA LEU A 915 -0.12 -49.61 -2.01
C LEU A 915 1.08 -49.60 -1.08
N GLN A 916 1.55 -50.78 -0.73
CA GLN A 916 2.74 -50.91 0.09
C GLN A 916 3.90 -50.21 -0.62
N PRO A 917 4.57 -49.24 0.00
CA PRO A 917 5.53 -48.41 -0.72
C PRO A 917 6.65 -49.23 -1.35
N LEU A 918 6.72 -49.17 -2.67
CA LEU A 918 7.73 -49.92 -3.41
C LEU A 918 9.12 -49.35 -3.12
N PRO A 919 10.07 -50.16 -2.66
CA PRO A 919 11.42 -49.64 -2.43
C PRO A 919 12.18 -49.41 -3.73
N VAL A 920 13.41 -48.90 -3.63
CA VAL A 920 14.27 -48.78 -4.79
C VAL A 920 14.73 -50.13 -5.32
N SER A 921 14.57 -51.19 -4.52
CA SER A 921 14.91 -52.53 -4.98
C SER A 921 14.04 -52.98 -6.14
N ALA A 922 12.85 -52.41 -6.30
CA ALA A 922 12.03 -52.73 -7.45
C ALA A 922 12.70 -52.28 -8.74
N LEU A 923 13.40 -51.14 -8.69
CA LEU A 923 14.24 -50.71 -9.81
C LEU A 923 15.40 -51.68 -9.95
N ARG A 924 15.53 -52.29 -11.13
CA ARG A 924 16.48 -53.40 -11.29
C ARG A 924 17.92 -52.88 -11.35
N ASN A 925 18.19 -51.88 -12.17
CA ASN A 925 19.55 -51.43 -12.40
C ASN A 925 20.15 -50.87 -11.11
N SER A 926 21.23 -51.50 -10.65
CA SER A 926 21.89 -51.06 -9.43
C SER A 926 22.67 -49.76 -9.63
N ALA A 927 23.04 -49.44 -10.88
CA ALA A 927 23.68 -48.16 -11.17
C ALA A 927 22.73 -46.99 -10.95
N PHE A 928 21.42 -47.25 -10.95
CA PHE A 928 20.42 -46.22 -10.67
C PHE A 928 19.96 -46.23 -9.22
N GLU A 929 20.04 -47.38 -8.54
CA GLU A 929 19.67 -47.43 -7.14
C GLU A 929 20.59 -46.57 -6.29
N SER A 930 21.84 -46.39 -6.71
CA SER A 930 22.77 -45.53 -6.00
C SER A 930 22.34 -44.07 -6.03
N LEU A 931 21.49 -43.68 -6.99
CA LEU A 931 20.97 -42.33 -7.06
C LEU A 931 19.63 -42.16 -6.35
N TYR A 932 19.11 -43.22 -5.74
CA TYR A 932 17.83 -43.14 -5.05
C TYR A 932 17.80 -43.84 -3.71
N GLN A 933 18.86 -44.55 -3.30
CA GLN A 933 18.86 -45.25 -2.03
C GLN A 933 19.45 -44.41 -0.90
N ASP A 934 20.52 -43.67 -1.17
CA ASP A 934 21.16 -42.84 -0.16
C ASP A 934 20.29 -41.67 0.28
N LYS A 935 19.13 -41.46 -0.36
CA LYS A 935 18.24 -40.36 -0.05
C LYS A 935 17.00 -40.80 0.72
N PHE A 936 16.28 -41.80 0.19
CA PHE A 936 15.08 -42.30 0.83
C PHE A 936 14.81 -43.71 0.33
N PRO A 937 14.25 -44.58 1.16
CA PRO A 937 14.06 -45.98 0.74
C PRO A 937 12.81 -46.21 -0.08
N PHE A 938 11.67 -45.68 0.37
CA PHE A 938 10.37 -45.97 -0.21
C PHE A 938 9.78 -44.73 -0.86
N PHE A 939 9.21 -44.91 -2.05
CA PHE A 939 8.50 -43.83 -2.72
C PHE A 939 7.14 -43.59 -2.07
N ASN A 940 6.61 -42.40 -2.28
CA ASN A 940 5.31 -42.03 -1.72
C ASN A 940 4.19 -42.72 -2.50
N PRO A 941 2.99 -42.82 -1.91
CA PRO A 941 1.89 -43.54 -2.59
C PRO A 941 1.55 -42.99 -3.96
N ILE A 942 1.79 -41.70 -4.21
CA ILE A 942 1.54 -41.15 -5.54
C ILE A 942 2.55 -41.69 -6.54
N GLN A 943 3.80 -41.89 -6.10
CA GLN A 943 4.84 -42.38 -6.99
C GLN A 943 4.73 -43.89 -7.20
N THR A 944 4.47 -44.66 -6.14
CA THR A 944 4.39 -46.10 -6.25
C THR A 944 3.24 -46.57 -7.12
N GLN A 945 2.25 -45.70 -7.36
CA GLN A 945 1.12 -46.06 -8.20
C GLN A 945 1.36 -45.75 -9.68
N VAL A 946 2.13 -44.70 -9.97
CA VAL A 946 2.45 -44.35 -11.37
C VAL A 946 3.74 -45.00 -11.84
N PHE A 947 4.48 -45.67 -10.95
CA PHE A 947 5.74 -46.32 -11.30
C PHE A 947 5.55 -47.25 -12.49
N ASN A 948 4.64 -48.22 -12.37
CA ASN A 948 4.54 -49.29 -13.35
C ASN A 948 4.26 -48.76 -14.75
N THR A 949 3.58 -47.61 -14.86
CA THR A 949 3.23 -47.06 -16.16
C THR A 949 4.33 -46.20 -16.75
N VAL A 950 5.00 -45.39 -15.92
CA VAL A 950 5.97 -44.44 -16.46
C VAL A 950 7.29 -45.12 -16.79
N TYR A 951 7.62 -46.23 -16.12
CA TYR A 951 8.89 -46.92 -16.33
C TYR A 951 8.72 -48.23 -17.10
N ASN A 952 7.87 -49.13 -16.62
CA ASN A 952 7.69 -50.44 -17.25
C ASN A 952 6.76 -50.39 -18.46
N SER A 953 6.87 -49.38 -19.30
CA SER A 953 6.06 -49.27 -20.51
C SER A 953 6.70 -48.24 -21.42
N ASP A 954 6.13 -48.07 -22.61
CA ASP A 954 6.56 -47.08 -23.58
C ASP A 954 5.37 -46.34 -24.16
N ASP A 955 4.39 -46.02 -23.31
CA ASP A 955 3.21 -45.27 -23.71
C ASP A 955 3.23 -43.89 -23.08
N ASN A 956 2.28 -43.06 -23.51
CA ASN A 956 2.17 -41.69 -23.01
C ASN A 956 1.42 -41.69 -21.68
N VAL A 957 1.98 -41.00 -20.68
CA VAL A 957 1.40 -40.96 -19.35
C VAL A 957 1.30 -39.52 -18.87
N PHE A 958 0.28 -39.25 -18.06
CA PHE A 958 0.02 -37.93 -17.49
C PHE A 958 -0.14 -38.08 -15.99
N VAL A 959 0.64 -37.32 -15.23
CA VAL A 959 0.62 -37.39 -13.77
C VAL A 959 0.14 -36.04 -13.24
N GLY A 960 -0.90 -36.07 -12.41
CA GLY A 960 -1.43 -34.85 -11.83
C GLY A 960 -1.44 -34.88 -10.31
N ALA A 961 -0.47 -34.21 -9.70
CA ALA A 961 -0.32 -34.16 -8.26
C ALA A 961 0.11 -32.75 -7.86
N PRO A 962 -0.28 -32.30 -6.66
CA PRO A 962 0.05 -30.93 -6.25
C PRO A 962 1.55 -30.67 -6.28
N THR A 963 1.90 -29.40 -6.45
CA THR A 963 3.31 -29.01 -6.47
C THR A 963 3.96 -29.32 -5.12
N GLY A 964 5.15 -29.92 -5.18
CA GLY A 964 5.81 -30.39 -3.98
C GLY A 964 5.28 -31.74 -3.55
N SER A 965 5.30 -32.71 -4.46
CA SER A 965 4.79 -34.05 -4.18
C SER A 965 5.70 -35.13 -4.74
N GLY A 966 6.99 -34.82 -4.87
CA GLY A 966 7.92 -35.78 -5.46
C GLY A 966 7.63 -36.10 -6.90
N LYS A 967 6.86 -35.25 -7.58
CA LYS A 967 6.47 -35.51 -8.97
C LYS A 967 7.63 -35.36 -9.93
N THR A 968 8.73 -34.69 -9.52
CA THR A 968 9.83 -34.43 -10.44
C THR A 968 10.55 -35.72 -10.83
N ILE A 969 10.71 -36.65 -9.88
CA ILE A 969 11.40 -37.89 -10.20
C ILE A 969 10.54 -38.82 -11.05
N CYS A 970 9.23 -38.61 -11.08
CA CYS A 970 8.38 -39.39 -11.97
C CYS A 970 8.78 -39.17 -13.42
N ALA A 971 9.19 -37.95 -13.76
CA ALA A 971 9.73 -37.70 -15.10
C ALA A 971 11.07 -38.39 -15.29
N GLU A 972 11.83 -38.58 -14.20
CA GLU A 972 13.10 -39.27 -14.30
C GLU A 972 12.92 -40.76 -14.53
N PHE A 973 11.82 -41.34 -14.01
CA PHE A 973 11.53 -42.74 -14.29
C PHE A 973 11.33 -42.99 -15.77
N ALA A 974 10.76 -42.01 -16.49
CA ALA A 974 10.68 -42.12 -17.94
C ALA A 974 12.05 -41.94 -18.58
N ILE A 975 12.96 -41.23 -17.92
CA ILE A 975 14.29 -41.04 -18.46
C ILE A 975 15.10 -42.32 -18.38
N LEU A 976 14.94 -43.07 -17.27
CA LEU A 976 15.64 -44.35 -17.14
C LEU A 976 15.14 -45.36 -18.16
N ARG A 977 13.89 -45.24 -18.61
CA ARG A 977 13.37 -46.12 -19.64
C ARG A 977 14.08 -45.88 -20.98
N MET A 978 14.40 -44.63 -21.27
CA MET A 978 15.05 -44.31 -22.55
C MET A 978 16.50 -44.75 -22.56
N LEU A 979 17.19 -44.63 -21.43
CA LEU A 979 18.61 -45.00 -21.39
C LEU A 979 18.80 -46.50 -21.50
N LEU A 980 17.85 -47.30 -21.03
CA LEU A 980 17.97 -48.75 -21.11
C LEU A 980 17.79 -49.26 -22.54
N GLN A 981 17.20 -48.47 -23.43
CA GLN A 981 16.93 -48.89 -24.80
C GLN A 981 17.57 -47.95 -25.82
N SER A 982 18.60 -47.21 -25.42
CA SER A 982 19.31 -46.32 -26.32
C SER A 982 20.65 -45.97 -25.70
N SER A 983 21.71 -46.00 -26.53
CA SER A 983 23.05 -45.65 -26.07
C SER A 983 23.09 -44.20 -25.63
N GLU A 984 23.12 -43.28 -26.59
CA GLU A 984 23.01 -41.85 -26.32
C GLU A 984 21.61 -41.41 -26.77
N GLY A 985 20.65 -41.55 -25.85
CA GLY A 985 19.27 -41.24 -26.18
C GLY A 985 19.06 -39.76 -26.47
N ARG A 986 17.83 -39.45 -26.88
CA ARG A 986 17.45 -38.10 -27.26
C ARG A 986 16.20 -37.71 -26.45
N CYS A 987 16.38 -36.93 -25.40
CA CYS A 987 15.29 -36.51 -24.54
C CYS A 987 15.27 -35.00 -24.43
N VAL A 988 14.10 -34.40 -24.63
CA VAL A 988 13.92 -32.95 -24.54
C VAL A 988 12.96 -32.68 -23.39
N TYR A 989 13.47 -32.05 -22.33
CA TYR A 989 12.68 -31.71 -21.15
C TYR A 989 12.31 -30.23 -21.23
N ILE A 990 11.01 -29.94 -21.19
CA ILE A 990 10.49 -28.59 -21.35
C ILE A 990 9.91 -28.11 -20.03
N THR A 991 10.23 -26.87 -19.65
CA THR A 991 9.72 -26.26 -18.44
C THR A 991 9.35 -24.82 -18.78
N PRO A 992 8.15 -24.37 -18.37
CA PRO A 992 7.72 -23.02 -18.76
C PRO A 992 8.54 -21.90 -18.16
N MET A 993 9.23 -22.14 -17.05
CA MET A 993 10.01 -21.11 -16.38
C MET A 993 11.50 -21.32 -16.64
N GLU A 994 12.20 -20.21 -16.91
CA GLU A 994 13.65 -20.28 -17.12
C GLU A 994 14.36 -20.59 -15.81
N ALA A 995 13.85 -20.07 -14.69
CA ALA A 995 14.46 -20.36 -13.40
C ALA A 995 14.36 -21.84 -13.06
N LEU A 996 13.18 -22.44 -13.28
CA LEU A 996 13.03 -23.87 -13.06
C LEU A 996 13.80 -24.70 -14.08
N ALA A 997 14.12 -24.13 -15.24
CA ALA A 997 14.93 -24.86 -16.21
C ALA A 997 16.35 -25.07 -15.70
N GLU A 998 17.00 -24.00 -15.24
CA GLU A 998 18.32 -24.13 -14.64
C GLU A 998 18.27 -24.90 -13.34
N GLN A 999 17.14 -24.86 -12.63
CA GLN A 999 17.01 -25.54 -11.36
C GLN A 999 16.98 -27.06 -11.54
N VAL A 1000 16.38 -27.54 -12.62
CA VAL A 1000 16.37 -28.97 -12.90
C VAL A 1000 17.60 -29.39 -13.69
N TYR A 1001 18.15 -28.49 -14.52
CA TYR A 1001 19.33 -28.82 -15.31
C TYR A 1001 20.51 -29.19 -14.42
N MET A 1002 20.87 -28.33 -13.47
CA MET A 1002 21.95 -28.64 -12.54
C MET A 1002 21.57 -29.81 -11.64
N ASP A 1003 20.28 -29.96 -11.32
CA ASP A 1003 19.84 -31.12 -10.55
C ASP A 1003 19.99 -32.40 -11.34
N TRP A 1004 19.76 -32.34 -12.65
CA TRP A 1004 19.90 -33.50 -13.51
C TRP A 1004 21.29 -33.65 -14.11
N TYR A 1005 22.11 -32.58 -14.07
CA TYR A 1005 23.48 -32.70 -14.54
C TYR A 1005 24.27 -33.68 -13.67
N GLU A 1006 24.09 -33.61 -12.36
CA GLU A 1006 24.80 -34.52 -11.46
C GLU A 1006 24.28 -35.95 -11.59
N LYS A 1007 22.96 -36.10 -11.69
CA LYS A 1007 22.33 -37.43 -11.69
C LYS A 1007 22.37 -38.11 -13.04
N PHE A 1008 22.97 -37.50 -14.06
CA PHE A 1008 23.03 -38.12 -15.38
C PHE A 1008 24.35 -37.91 -16.12
N GLN A 1009 25.05 -36.78 -15.93
CA GLN A 1009 26.33 -36.57 -16.58
C GLN A 1009 27.52 -36.74 -15.64
N ASP A 1010 27.34 -36.44 -14.35
CA ASP A 1010 28.42 -36.61 -13.40
C ASP A 1010 28.57 -38.07 -12.98
N ARG A 1011 27.48 -38.70 -12.56
CA ARG A 1011 27.53 -40.07 -12.06
C ARG A 1011 27.13 -41.11 -13.09
N LEU A 1012 26.36 -40.73 -14.12
CA LEU A 1012 25.98 -41.64 -15.19
C LEU A 1012 26.71 -41.39 -16.48
N ASN A 1013 27.47 -40.29 -16.57
CA ASN A 1013 28.31 -39.97 -17.74
C ASN A 1013 27.48 -39.92 -19.02
N LYS A 1014 26.31 -39.30 -18.94
CA LYS A 1014 25.46 -39.05 -20.09
C LYS A 1014 25.24 -37.55 -20.19
N LYS A 1015 25.70 -36.95 -21.29
CA LYS A 1015 25.72 -35.49 -21.40
C LYS A 1015 24.32 -34.91 -21.28
N VAL A 1016 24.18 -33.92 -20.39
CA VAL A 1016 22.94 -33.20 -20.17
C VAL A 1016 23.21 -31.73 -20.48
N VAL A 1017 22.44 -31.16 -21.40
CA VAL A 1017 22.67 -29.81 -21.89
C VAL A 1017 21.46 -28.93 -21.51
N LEU A 1018 21.63 -27.64 -21.76
CA LEU A 1018 20.57 -26.65 -21.57
C LEU A 1018 20.59 -25.70 -22.75
N LEU A 1019 19.41 -25.46 -23.33
CA LEU A 1019 19.34 -24.60 -24.51
C LEU A 1019 19.73 -23.16 -24.16
N THR A 1020 19.94 -22.37 -25.20
CA THR A 1020 20.44 -21.01 -25.04
C THR A 1020 19.60 -20.07 -25.91
N GLY A 1021 20.15 -18.89 -26.21
CA GLY A 1021 19.45 -17.90 -27.00
C GLY A 1021 19.74 -17.99 -28.48
N GLU A 1022 21.02 -18.06 -28.85
CA GLU A 1022 21.38 -18.18 -30.26
C GLU A 1022 21.02 -19.56 -30.79
N THR A 1023 20.34 -19.59 -31.93
CA THR A 1023 19.90 -20.85 -32.51
C THR A 1023 21.03 -21.65 -33.15
N SER A 1024 22.16 -21.01 -33.45
CA SER A 1024 23.29 -21.72 -34.04
C SER A 1024 23.88 -22.70 -33.02
N THR A 1025 24.27 -22.20 -31.85
CA THR A 1025 24.77 -23.07 -30.79
C THR A 1025 23.66 -23.93 -30.19
N ASP A 1026 22.42 -23.50 -30.30
CA ASP A 1026 21.30 -24.33 -29.84
C ASP A 1026 21.21 -25.62 -30.64
N LEU A 1027 21.48 -25.54 -31.95
CA LEU A 1027 21.40 -26.73 -32.79
C LEU A 1027 22.50 -27.74 -32.44
N LYS A 1028 23.70 -27.25 -32.12
CA LYS A 1028 24.78 -28.15 -31.76
C LYS A 1028 24.62 -28.68 -30.34
N LEU A 1029 24.02 -27.90 -29.44
CA LEU A 1029 23.70 -28.42 -28.12
C LEU A 1029 22.59 -29.46 -28.19
N LEU A 1030 21.68 -29.33 -29.16
CA LEU A 1030 20.68 -30.37 -29.40
C LEU A 1030 21.33 -31.67 -29.83
N GLY A 1031 22.47 -31.60 -30.52
CA GLY A 1031 23.13 -32.81 -30.98
C GLY A 1031 23.80 -33.57 -29.84
N LYS A 1032 24.64 -32.88 -29.06
CA LYS A 1032 25.33 -33.52 -27.95
C LYS A 1032 24.38 -33.94 -26.84
N GLY A 1033 23.22 -33.31 -26.73
CA GLY A 1033 22.37 -33.49 -25.56
C GLY A 1033 21.69 -34.85 -25.56
N ASN A 1034 21.74 -35.53 -24.43
CA ASN A 1034 20.91 -36.70 -24.16
C ASN A 1034 19.68 -36.35 -23.33
N ILE A 1035 19.83 -35.45 -22.36
CA ILE A 1035 18.73 -34.85 -21.62
C ILE A 1035 18.78 -33.36 -21.89
N ILE A 1036 17.82 -32.85 -22.64
CA ILE A 1036 17.81 -31.46 -23.09
C ILE A 1036 16.77 -30.69 -22.30
N ILE A 1037 17.19 -29.59 -21.67
CA ILE A 1037 16.32 -28.72 -20.91
C ILE A 1037 16.07 -27.46 -21.73
N SER A 1038 14.82 -27.00 -21.74
CA SER A 1038 14.47 -25.84 -22.57
C SER A 1038 13.18 -25.22 -22.07
N THR A 1039 13.10 -23.90 -22.22
CA THR A 1039 11.86 -23.16 -22.05
C THR A 1039 11.04 -23.25 -23.33
N PRO A 1040 9.74 -22.97 -23.27
CA PRO A 1040 8.92 -23.07 -24.48
C PRO A 1040 9.40 -22.21 -25.64
N GLU A 1041 9.99 -21.05 -25.35
CA GLU A 1041 10.41 -20.15 -26.43
C GLU A 1041 11.68 -20.64 -27.12
N LYS A 1042 12.63 -21.20 -26.35
CA LYS A 1042 13.86 -21.68 -26.96
C LYS A 1042 13.62 -22.94 -27.78
N TRP A 1043 12.70 -23.80 -27.35
CA TRP A 1043 12.38 -25.01 -28.10
C TRP A 1043 11.43 -24.74 -29.26
N ASP A 1044 10.69 -23.64 -29.24
CA ASP A 1044 9.81 -23.31 -30.34
C ASP A 1044 10.58 -22.89 -31.58
N ILE A 1045 11.60 -22.05 -31.41
CA ILE A 1045 12.37 -21.57 -32.55
C ILE A 1045 13.16 -22.70 -33.19
N LEU A 1046 13.49 -23.74 -32.43
CA LEU A 1046 14.22 -24.87 -33.00
C LEU A 1046 13.27 -25.86 -33.67
N SER A 1047 12.16 -26.18 -33.01
CA SER A 1047 11.22 -27.17 -33.54
C SER A 1047 10.31 -26.60 -34.62
N ARG A 1048 10.36 -25.29 -34.89
CA ARG A 1048 9.57 -24.74 -35.98
C ARG A 1048 10.08 -25.23 -37.33
N ARG A 1049 11.40 -25.19 -37.53
CA ARG A 1049 12.03 -25.74 -38.72
C ARG A 1049 12.25 -27.24 -38.61
N TRP A 1050 11.30 -27.96 -38.02
CA TRP A 1050 11.45 -29.40 -37.80
C TRP A 1050 11.55 -30.18 -39.11
N LYS A 1051 11.05 -29.61 -40.20
CA LYS A 1051 11.13 -30.31 -41.49
C LYS A 1051 12.58 -30.45 -41.94
N GLN A 1052 13.39 -29.41 -41.72
CA GLN A 1052 14.80 -29.45 -42.08
C GLN A 1052 15.66 -29.97 -40.93
N ARG A 1053 15.47 -29.41 -39.72
CA ARG A 1053 16.20 -29.85 -38.54
C ARG A 1053 15.63 -31.19 -38.09
N LYS A 1054 16.08 -32.25 -38.76
CA LYS A 1054 15.51 -33.58 -38.52
C LYS A 1054 15.93 -34.19 -37.19
N ASN A 1055 16.90 -33.60 -36.49
CA ASN A 1055 17.25 -34.04 -35.15
C ASN A 1055 16.25 -33.59 -34.10
N VAL A 1056 15.13 -33.00 -34.53
CA VAL A 1056 14.03 -32.68 -33.62
C VAL A 1056 13.01 -33.82 -33.58
N GLN A 1057 12.84 -34.55 -34.68
CA GLN A 1057 11.90 -35.66 -34.71
C GLN A 1057 12.48 -36.93 -34.08
N ASN A 1058 13.78 -37.15 -34.22
CA ASN A 1058 14.42 -38.38 -33.74
C ASN A 1058 14.50 -38.44 -32.22
N ILE A 1059 13.86 -37.53 -31.48
CA ILE A 1059 13.88 -37.60 -30.02
C ILE A 1059 13.09 -38.82 -29.56
N ASN A 1060 13.56 -39.47 -28.49
CA ASN A 1060 12.86 -40.62 -27.94
C ASN A 1060 11.95 -40.26 -26.78
N LEU A 1061 12.18 -39.12 -26.14
CA LEU A 1061 11.47 -38.75 -24.93
C LEU A 1061 11.31 -37.24 -24.92
N PHE A 1062 10.11 -36.78 -24.54
CA PHE A 1062 9.78 -35.35 -24.59
C PHE A 1062 9.00 -35.01 -23.33
N VAL A 1063 9.72 -34.52 -22.32
CA VAL A 1063 9.14 -34.21 -21.01
C VAL A 1063 8.75 -32.75 -20.97
N VAL A 1064 7.57 -32.46 -20.38
CA VAL A 1064 7.07 -31.11 -20.21
C VAL A 1064 6.58 -31.00 -18.76
N ASP A 1065 7.32 -30.27 -17.94
CA ASP A 1065 6.95 -30.07 -16.55
C ASP A 1065 5.98 -28.89 -16.43
N GLU A 1066 5.07 -29.00 -15.45
CA GLU A 1066 4.11 -27.94 -15.13
C GLU A 1066 3.35 -27.47 -16.39
N VAL A 1067 2.57 -28.40 -16.95
CA VAL A 1067 1.81 -28.09 -18.15
C VAL A 1067 0.51 -27.37 -17.86
N HIS A 1068 0.13 -27.25 -16.58
CA HIS A 1068 -1.01 -26.41 -16.24
C HIS A 1068 -0.73 -24.94 -16.51
N LEU A 1069 0.54 -24.57 -16.70
CA LEU A 1069 0.97 -23.23 -17.07
C LEU A 1069 0.67 -22.88 -18.52
N ILE A 1070 -0.14 -23.69 -19.18
CA ILE A 1070 -0.55 -23.40 -20.55
C ILE A 1070 -1.56 -22.26 -20.59
N GLY A 1071 -2.36 -22.11 -19.54
CA GLY A 1071 -3.39 -21.08 -19.50
C GLY A 1071 -2.93 -19.73 -19.00
N GLY A 1072 -1.67 -19.59 -18.59
CA GLY A 1072 -1.15 -18.35 -18.10
C GLY A 1072 -0.41 -17.57 -19.18
N GLU A 1073 0.26 -16.50 -18.73
CA GLU A 1073 1.07 -15.70 -19.63
C GLU A 1073 2.18 -16.56 -20.25
N ASN A 1074 2.49 -16.30 -21.52
CA ASN A 1074 3.45 -17.10 -22.28
C ASN A 1074 3.04 -18.57 -22.28
N GLY A 1075 1.75 -18.81 -22.48
CA GLY A 1075 1.19 -20.14 -22.46
C GLY A 1075 1.01 -20.76 -23.83
N PRO A 1076 0.38 -20.02 -24.75
CA PRO A 1076 0.24 -20.53 -26.13
C PRO A 1076 1.54 -21.06 -26.74
N VAL A 1077 2.69 -20.48 -26.41
CA VAL A 1077 3.96 -21.00 -26.94
C VAL A 1077 4.23 -22.40 -26.40
N LEU A 1078 3.66 -22.76 -25.25
CA LEU A 1078 3.78 -24.12 -24.74
C LEU A 1078 2.76 -25.05 -25.38
N GLU A 1079 1.57 -24.53 -25.73
CA GLU A 1079 0.57 -25.35 -26.39
C GLU A 1079 0.96 -25.64 -27.84
N VAL A 1080 1.61 -24.69 -28.51
CA VAL A 1080 1.97 -24.88 -29.91
C VAL A 1080 3.03 -25.97 -30.05
N ILE A 1081 4.04 -25.95 -29.19
CA ILE A 1081 5.13 -26.92 -29.32
C ILE A 1081 4.70 -28.31 -28.83
N CYS A 1082 3.79 -28.39 -27.87
CA CYS A 1082 3.29 -29.68 -27.43
C CYS A 1082 2.39 -30.32 -28.48
N SER A 1083 1.64 -29.49 -29.22
CA SER A 1083 0.89 -30.00 -30.37
C SER A 1083 1.80 -30.22 -31.56
N ARG A 1084 2.87 -29.42 -31.68
CA ARG A 1084 3.87 -29.66 -32.71
C ARG A 1084 4.49 -31.04 -32.58
N MET A 1085 4.64 -31.54 -31.35
CA MET A 1085 5.19 -32.88 -31.14
C MET A 1085 4.13 -33.95 -31.38
N ARG A 1086 2.89 -33.72 -30.91
CA ARG A 1086 1.83 -34.69 -31.15
C ARG A 1086 1.51 -34.86 -32.62
N TYR A 1087 1.84 -33.87 -33.45
CA TYR A 1087 1.57 -33.96 -34.88
C TYR A 1087 2.70 -34.63 -35.65
N ILE A 1088 3.96 -34.32 -35.30
CA ILE A 1088 5.10 -34.91 -35.98
C ILE A 1088 5.39 -36.28 -35.38
N SER A 1089 4.42 -36.83 -34.65
CA SER A 1089 4.49 -38.21 -34.16
C SER A 1089 3.52 -39.12 -34.89
N SER A 1090 2.94 -38.66 -36.01
CA SER A 1090 1.97 -39.44 -36.77
C SER A 1090 2.65 -40.57 -37.52
N GLN A 1091 3.17 -41.56 -36.79
CA GLN A 1091 3.84 -42.73 -37.37
C GLN A 1091 5.01 -42.34 -38.27
N ILE A 1092 5.68 -41.24 -37.94
CA ILE A 1092 6.85 -40.82 -38.72
C ILE A 1092 8.00 -41.78 -38.48
N GLU A 1093 8.40 -41.96 -37.22
CA GLU A 1093 9.40 -42.94 -36.87
C GLU A 1093 8.89 -43.85 -35.75
N ARG A 1094 8.55 -43.26 -34.62
CA ARG A 1094 8.13 -44.00 -33.43
C ARG A 1094 7.53 -42.99 -32.45
N PRO A 1095 6.64 -43.43 -31.56
CA PRO A 1095 6.13 -42.53 -30.53
C PRO A 1095 7.26 -41.84 -29.77
N ILE A 1096 7.16 -40.53 -29.66
CA ILE A 1096 8.20 -39.71 -29.06
C ILE A 1096 7.97 -39.52 -27.55
N ARG A 1097 7.11 -40.34 -26.94
CA ARG A 1097 6.82 -40.33 -25.51
C ARG A 1097 6.58 -38.93 -24.95
N ILE A 1098 5.31 -38.57 -24.78
CA ILE A 1098 4.95 -37.23 -24.38
C ILE A 1098 4.51 -37.25 -22.91
N VAL A 1099 5.49 -37.32 -22.01
CA VAL A 1099 5.23 -37.31 -20.57
C VAL A 1099 5.15 -35.86 -20.14
N ALA A 1100 3.96 -35.44 -19.69
CA ALA A 1100 3.68 -34.05 -19.33
C ALA A 1100 3.46 -33.98 -17.83
N LEU A 1101 4.45 -33.49 -17.10
CA LEU A 1101 4.36 -33.36 -15.66
C LEU A 1101 3.43 -32.20 -15.31
N SER A 1102 2.30 -32.52 -14.68
CA SER A 1102 1.34 -31.48 -14.32
C SER A 1102 0.95 -31.55 -12.86
N SER A 1103 -0.11 -30.84 -12.47
CA SER A 1103 -0.55 -30.79 -11.09
C SER A 1103 -2.02 -31.20 -11.05
N SER A 1104 -2.68 -30.89 -9.93
CA SER A 1104 -4.08 -31.24 -9.74
C SER A 1104 -4.94 -30.44 -10.70
N LEU A 1105 -5.48 -31.12 -11.72
CA LEU A 1105 -6.33 -30.50 -12.73
C LEU A 1105 -7.70 -31.15 -12.70
N SER A 1106 -8.74 -30.32 -12.65
CA SER A 1106 -10.10 -30.85 -12.70
C SER A 1106 -10.41 -31.40 -14.08
N ASN A 1107 -10.08 -30.66 -15.13
CA ASN A 1107 -10.27 -31.12 -16.51
C ASN A 1107 -8.98 -31.75 -17.04
N ALA A 1108 -8.50 -32.75 -16.30
CA ALA A 1108 -7.29 -33.46 -16.71
C ALA A 1108 -7.54 -34.41 -17.87
N LYS A 1109 -8.78 -34.84 -18.08
CA LYS A 1109 -9.08 -35.70 -19.22
C LYS A 1109 -8.84 -34.99 -20.53
N ASP A 1110 -9.00 -33.66 -20.56
CA ASP A 1110 -8.79 -32.90 -21.78
C ASP A 1110 -7.31 -32.77 -22.10
N VAL A 1111 -6.45 -32.74 -21.08
CA VAL A 1111 -5.01 -32.68 -21.33
C VAL A 1111 -4.47 -34.05 -21.70
N ALA A 1112 -5.05 -35.12 -21.16
CA ALA A 1112 -4.62 -36.47 -21.50
C ALA A 1112 -5.05 -36.83 -22.92
N HIS A 1113 -6.32 -36.60 -23.25
CA HIS A 1113 -6.81 -36.86 -24.60
C HIS A 1113 -6.08 -35.99 -25.63
N TRP A 1114 -5.62 -34.81 -25.21
CA TRP A 1114 -4.86 -33.96 -26.12
C TRP A 1114 -3.53 -34.59 -26.49
N LEU A 1115 -2.84 -35.21 -25.52
CA LEU A 1115 -1.50 -35.74 -25.72
C LEU A 1115 -1.48 -37.26 -25.89
N GLY A 1116 -2.59 -37.84 -26.34
CA GLY A 1116 -2.64 -39.27 -26.58
C GLY A 1116 -2.55 -40.14 -25.35
N CYS A 1117 -2.59 -39.55 -24.16
CA CYS A 1117 -2.55 -40.34 -22.93
C CYS A 1117 -3.86 -41.10 -22.76
N SER A 1118 -3.77 -42.39 -22.45
CA SER A 1118 -4.94 -43.22 -22.24
C SER A 1118 -5.54 -42.91 -20.87
N ALA A 1119 -6.56 -43.67 -20.48
CA ALA A 1119 -7.18 -43.46 -19.17
C ALA A 1119 -6.39 -44.16 -18.06
N THR A 1120 -5.80 -45.32 -18.35
CA THR A 1120 -4.97 -45.99 -17.35
C THR A 1120 -3.68 -45.20 -17.10
N SER A 1121 -3.12 -44.60 -18.15
CA SER A 1121 -1.91 -43.78 -18.03
C SER A 1121 -2.23 -42.31 -17.81
N THR A 1122 -3.28 -42.02 -17.04
CA THR A 1122 -3.64 -40.64 -16.70
C THR A 1122 -3.96 -40.62 -15.20
N PHE A 1123 -2.98 -40.22 -14.40
CA PHE A 1123 -3.11 -40.18 -12.95
C PHE A 1123 -3.27 -38.72 -12.53
N ASN A 1124 -4.49 -38.33 -12.24
CA ASN A 1124 -4.80 -36.99 -11.74
C ASN A 1124 -5.32 -37.12 -10.31
N PHE A 1125 -4.57 -36.57 -9.36
CA PHE A 1125 -4.86 -36.73 -7.94
C PHE A 1125 -5.41 -35.44 -7.35
N HIS A 1126 -6.30 -35.59 -6.37
CA HIS A 1126 -6.85 -34.45 -5.66
C HIS A 1126 -5.77 -33.81 -4.79
N PRO A 1127 -5.87 -32.52 -4.50
CA PRO A 1127 -4.85 -31.88 -3.64
C PRO A 1127 -4.74 -32.47 -2.25
N ASN A 1128 -5.76 -33.18 -1.76
CA ASN A 1128 -5.75 -33.69 -0.40
C ASN A 1128 -4.92 -34.97 -0.23
N VAL A 1129 -4.50 -35.60 -1.32
CA VAL A 1129 -3.68 -36.81 -1.23
C VAL A 1129 -2.21 -36.42 -1.31
N ARG A 1130 -1.92 -35.16 -1.01
CA ARG A 1130 -0.56 -34.66 -0.97
C ARG A 1130 0.28 -35.52 -0.02
N PRO A 1131 1.49 -35.93 -0.42
CA PRO A 1131 2.31 -36.76 0.47
C PRO A 1131 2.53 -36.15 1.84
N VAL A 1132 2.88 -34.87 1.89
CA VAL A 1132 2.96 -34.12 3.14
C VAL A 1132 1.61 -33.42 3.33
N PRO A 1133 0.81 -33.82 4.31
CA PRO A 1133 -0.52 -33.22 4.48
C PRO A 1133 -0.41 -31.72 4.75
N LEU A 1134 -1.19 -30.95 4.00
CA LEU A 1134 -1.13 -29.49 4.04
C LEU A 1134 -2.25 -28.94 4.90
N GLU A 1135 -1.91 -27.93 5.72
CA GLU A 1135 -2.87 -27.23 6.56
C GLU A 1135 -2.91 -25.78 6.10
N LEU A 1136 -3.75 -25.51 5.10
CA LEU A 1136 -3.86 -24.16 4.56
C LEU A 1136 -4.70 -23.29 5.49
N HIS A 1137 -4.23 -22.07 5.74
CA HIS A 1137 -4.92 -21.12 6.60
C HIS A 1137 -5.01 -19.79 5.86
N ILE A 1138 -6.21 -19.43 5.42
CA ILE A 1138 -6.44 -18.19 4.70
C ILE A 1138 -7.11 -17.20 5.65
N GLN A 1139 -6.45 -16.08 5.91
CA GLN A 1139 -7.02 -15.00 6.69
C GLN A 1139 -7.07 -13.74 5.84
N GLY A 1140 -8.12 -12.94 6.04
CA GLY A 1140 -8.38 -11.77 5.23
C GLY A 1140 -8.08 -10.48 5.97
N PHE A 1141 -7.63 -9.47 5.23
CA PHE A 1141 -7.37 -8.14 5.76
C PHE A 1141 -8.25 -7.17 5.00
N ASN A 1142 -9.34 -6.73 5.64
CA ASN A 1142 -10.28 -5.82 5.00
C ASN A 1142 -9.69 -4.42 4.89
N ILE A 1143 -8.62 -4.29 4.10
CA ILE A 1143 -7.96 -3.01 3.87
C ILE A 1143 -7.71 -2.90 2.37
N SER A 1144 -8.42 -1.99 1.71
CA SER A 1144 -8.30 -1.86 0.27
C SER A 1144 -6.99 -1.22 -0.14
N HIS A 1145 -6.51 -0.24 0.64
CA HIS A 1145 -5.24 0.41 0.34
C HIS A 1145 -4.11 -0.60 0.52
N THR A 1146 -3.40 -0.88 -0.58
CA THR A 1146 -2.39 -1.93 -0.55
C THR A 1146 -1.21 -1.56 0.33
N GLN A 1147 -0.73 -0.31 0.25
CA GLN A 1147 0.40 0.10 1.05
C GLN A 1147 0.11 0.04 2.54
N THR A 1148 -1.16 0.19 2.92
CA THR A 1148 -1.54 0.05 4.32
C THR A 1148 -1.72 -1.42 4.71
N ARG A 1149 -2.27 -2.22 3.80
CA ARG A 1149 -2.52 -3.63 4.10
C ARG A 1149 -1.22 -4.37 4.40
N LEU A 1150 -0.14 -4.03 3.69
CA LEU A 1150 1.14 -4.67 3.94
C LEU A 1150 1.65 -4.36 5.35
N LEU A 1151 1.52 -3.10 5.78
CA LEU A 1151 2.00 -2.72 7.09
C LEU A 1151 1.11 -3.30 8.20
N SER A 1152 -0.15 -3.58 7.89
CA SER A 1152 -1.04 -4.24 8.84
C SER A 1152 -0.76 -5.73 8.97
N MET A 1153 0.11 -6.27 8.12
CA MET A 1153 0.44 -7.69 8.15
C MET A 1153 1.78 -7.98 8.81
N ALA A 1154 2.63 -6.97 8.99
CA ALA A 1154 3.95 -7.18 9.56
C ALA A 1154 3.88 -7.72 10.99
N LYS A 1155 2.75 -7.56 11.67
CA LYS A 1155 2.58 -8.09 13.02
C LYS A 1155 1.93 -9.48 12.97
N PRO A 1156 0.87 -9.70 12.19
CA PRO A 1156 0.38 -11.08 12.04
C PRO A 1156 1.37 -12.02 11.40
N VAL A 1157 2.32 -11.52 10.62
CA VAL A 1157 3.34 -12.39 10.02
C VAL A 1157 4.22 -13.00 11.12
N TYR A 1158 4.67 -12.17 12.07
CA TYR A 1158 5.44 -12.69 13.18
C TYR A 1158 4.59 -13.58 14.07
N HIS A 1159 3.34 -13.18 14.33
CA HIS A 1159 2.46 -13.97 15.17
C HIS A 1159 2.04 -15.28 14.51
N ALA A 1160 2.23 -15.40 13.21
CA ALA A 1160 1.95 -16.67 12.53
C ALA A 1160 3.12 -17.63 12.67
N ILE A 1161 4.35 -17.11 12.65
CA ILE A 1161 5.53 -17.96 12.81
C ILE A 1161 5.54 -18.57 14.21
N THR A 1162 5.24 -17.78 15.23
CA THR A 1162 5.29 -18.25 16.61
C THR A 1162 4.20 -19.27 16.93
N LYS A 1163 3.19 -19.42 16.08
CA LYS A 1163 2.09 -20.34 16.33
C LYS A 1163 2.14 -21.60 15.49
N HIS A 1164 2.45 -21.48 14.19
CA HIS A 1164 2.43 -22.64 13.30
C HIS A 1164 3.78 -23.33 13.18
N SER A 1165 4.88 -22.59 13.31
CA SER A 1165 6.22 -23.16 13.20
C SER A 1165 7.17 -22.42 14.12
N PRO A 1166 7.14 -22.73 15.42
CA PRO A 1166 7.98 -21.99 16.36
C PRO A 1166 9.46 -22.28 16.20
N LYS A 1167 9.83 -23.55 15.97
CA LYS A 1167 11.22 -23.94 15.85
C LYS A 1167 11.61 -24.45 14.47
N LYS A 1168 10.65 -24.70 13.59
CA LYS A 1168 10.93 -25.24 12.26
C LYS A 1168 11.04 -24.11 11.25
N PRO A 1169 11.75 -24.33 10.14
CA PRO A 1169 12.00 -23.25 9.17
C PRO A 1169 10.71 -22.68 8.58
N VAL A 1170 10.82 -21.43 8.13
CA VAL A 1170 9.68 -20.67 7.62
C VAL A 1170 10.12 -19.86 6.42
N ILE A 1171 9.28 -19.82 5.37
CA ILE A 1171 9.49 -18.99 4.20
C ILE A 1171 8.37 -17.97 4.13
N VAL A 1172 8.71 -16.72 3.85
CA VAL A 1172 7.75 -15.64 3.71
C VAL A 1172 7.91 -15.01 2.34
N PHE A 1173 6.82 -14.93 1.58
CA PHE A 1173 6.82 -14.37 0.23
C PHE A 1173 6.15 -13.01 0.26
N VAL A 1174 6.94 -11.96 0.00
CA VAL A 1174 6.43 -10.60 -0.06
C VAL A 1174 6.36 -10.17 -1.53
N PRO A 1175 5.48 -9.22 -1.88
CA PRO A 1175 5.35 -8.85 -3.30
C PRO A 1175 6.57 -8.17 -3.89
N SER A 1176 7.03 -7.09 -3.27
CA SER A 1176 8.15 -6.31 -3.78
C SER A 1176 9.46 -6.76 -3.13
N ARG A 1177 10.57 -6.38 -3.75
CA ARG A 1177 11.88 -6.70 -3.21
C ARG A 1177 12.30 -5.73 -2.11
N LYS A 1178 11.76 -4.52 -2.10
CA LYS A 1178 11.98 -3.62 -0.98
C LYS A 1178 11.31 -4.12 0.29
N GLN A 1179 10.28 -4.96 0.16
CA GLN A 1179 9.61 -5.54 1.32
C GLN A 1179 10.38 -6.73 1.90
N THR A 1180 11.31 -7.32 1.12
CA THR A 1180 12.14 -8.39 1.66
C THR A 1180 12.96 -7.92 2.85
N ARG A 1181 13.53 -6.71 2.75
CA ARG A 1181 14.26 -6.14 3.88
C ARG A 1181 13.31 -5.74 5.00
N LEU A 1182 12.20 -5.09 4.64
CA LEU A 1182 11.27 -4.57 5.65
C LEU A 1182 10.66 -5.70 6.47
N THR A 1183 10.13 -6.71 5.79
CA THR A 1183 9.53 -7.85 6.50
C THR A 1183 10.57 -8.59 7.33
N ALA A 1184 11.81 -8.67 6.85
CA ALA A 1184 12.87 -9.32 7.63
C ALA A 1184 13.20 -8.52 8.87
N ILE A 1185 13.43 -7.21 8.72
CA ILE A 1185 13.74 -6.37 9.87
C ILE A 1185 12.55 -6.30 10.83
N ASP A 1186 11.33 -6.30 10.29
CA ASP A 1186 10.16 -6.32 11.17
C ASP A 1186 10.11 -7.60 11.99
N ILE A 1187 10.49 -8.73 11.40
CA ILE A 1187 10.57 -9.97 12.16
C ILE A 1187 11.68 -9.88 13.20
N LEU A 1188 12.80 -9.22 12.86
CA LEU A 1188 13.87 -9.02 13.82
C LEU A 1188 13.39 -8.24 15.03
N THR A 1189 12.86 -7.04 14.79
CA THR A 1189 12.46 -6.16 15.89
C THR A 1189 11.33 -6.76 16.71
N THR A 1190 10.35 -7.37 16.05
CA THR A 1190 9.26 -8.00 16.77
C THR A 1190 9.71 -9.25 17.53
N CYS A 1191 10.83 -9.84 17.12
CA CYS A 1191 11.34 -11.02 17.83
C CYS A 1191 11.99 -10.62 19.15
N ALA A 1192 12.88 -9.62 19.12
CA ALA A 1192 13.48 -9.12 20.36
C ALA A 1192 12.46 -8.38 21.21
N CYS A 1193 11.33 -7.99 20.63
CA CYS A 1193 10.27 -7.34 21.40
C CYS A 1193 9.62 -8.31 22.37
N ASP A 1194 9.55 -9.59 22.01
CA ASP A 1194 9.00 -10.64 22.86
C ASP A 1194 9.99 -11.14 23.90
N ILE A 1195 11.07 -10.38 24.15
CA ILE A 1195 12.15 -10.77 25.05
C ILE A 1195 12.68 -12.13 24.61
N GLN A 1196 12.63 -12.39 23.30
CA GLN A 1196 13.08 -13.67 22.75
C GLN A 1196 14.13 -13.42 21.68
N ARG A 1197 15.25 -12.82 22.06
CA ARG A 1197 16.27 -12.46 21.09
C ARG A 1197 17.02 -13.70 20.62
N GLN A 1198 17.20 -13.81 19.31
CA GLN A 1198 17.97 -14.89 18.68
C GLN A 1198 17.37 -16.26 18.99
N ARG A 1199 16.05 -16.37 18.78
CA ARG A 1199 15.39 -17.67 18.78
C ARG A 1199 15.20 -18.22 17.36
N PHE A 1200 15.47 -17.41 16.34
CA PHE A 1200 15.50 -17.89 14.96
C PHE A 1200 16.89 -18.25 14.50
N LEU A 1201 17.92 -17.89 15.26
CA LEU A 1201 19.30 -18.29 14.97
C LEU A 1201 19.58 -19.57 15.76
N HIS A 1202 19.70 -20.69 15.06
CA HIS A 1202 19.93 -21.98 15.69
C HIS A 1202 21.40 -22.36 15.72
N CYS A 1203 22.30 -21.44 15.39
CA CYS A 1203 23.72 -21.66 15.56
C CYS A 1203 24.31 -20.51 16.37
N THR A 1204 25.63 -20.40 16.41
CA THR A 1204 26.29 -19.31 17.10
C THR A 1204 26.86 -18.31 16.09
N GLU A 1205 26.95 -17.05 16.51
CA GLU A 1205 27.42 -16.01 15.60
C GLU A 1205 28.85 -16.27 15.14
N LYS A 1206 29.67 -16.92 15.97
CA LYS A 1206 31.04 -17.25 15.56
C LYS A 1206 31.05 -18.18 14.35
N ASP A 1207 30.04 -19.04 14.22
CA ASP A 1207 29.98 -19.97 13.09
C ASP A 1207 29.59 -19.27 11.79
N LEU A 1208 29.11 -18.02 11.85
CA LEU A 1208 28.66 -17.31 10.67
C LEU A 1208 29.63 -16.26 10.17
N ILE A 1209 30.50 -15.74 11.04
CA ILE A 1209 31.43 -14.66 10.69
C ILE A 1209 32.26 -15.00 9.45
N PRO A 1210 32.80 -16.22 9.30
CA PRO A 1210 33.51 -16.53 8.06
C PRO A 1210 32.63 -16.44 6.82
N TYR A 1211 31.38 -16.94 6.90
CA TYR A 1211 30.49 -16.89 5.75
C TYR A 1211 30.01 -15.48 5.46
N LEU A 1212 29.60 -14.76 6.51
CA LEU A 1212 29.07 -13.41 6.33
C LEU A 1212 30.14 -12.41 5.90
N GLU A 1213 31.42 -12.78 5.99
CA GLU A 1213 32.48 -11.88 5.54
C GLU A 1213 32.44 -11.67 4.03
N LYS A 1214 32.06 -12.70 3.28
CA LYS A 1214 31.98 -12.60 1.82
C LYS A 1214 30.72 -11.90 1.34
N LEU A 1215 29.87 -11.42 2.24
CA LEU A 1215 28.66 -10.70 1.86
C LEU A 1215 28.94 -9.21 1.75
N SER A 1216 28.29 -8.57 0.78
CA SER A 1216 28.42 -7.13 0.58
C SER A 1216 27.26 -6.35 1.14
N ASP A 1217 26.05 -6.90 1.11
CA ASP A 1217 24.88 -6.23 1.66
C ASP A 1217 25.00 -6.17 3.17
N SER A 1218 25.20 -4.96 3.72
CA SER A 1218 25.41 -4.80 5.15
C SER A 1218 24.16 -5.20 5.94
N THR A 1219 22.98 -5.03 5.36
CA THR A 1219 21.76 -5.40 6.08
C THR A 1219 21.59 -6.91 6.16
N LEU A 1220 21.91 -7.62 5.07
CA LEU A 1220 21.86 -9.08 5.12
C LEU A 1220 22.85 -9.64 6.13
N LYS A 1221 24.01 -9.01 6.27
CA LYS A 1221 24.97 -9.43 7.28
C LYS A 1221 24.46 -9.20 8.69
N GLU A 1222 23.55 -8.25 8.88
CA GLU A 1222 22.99 -7.96 10.19
C GLU A 1222 21.74 -8.80 10.49
N THR A 1223 20.87 -9.00 9.49
CA THR A 1223 19.67 -9.79 9.72
C THR A 1223 19.99 -11.28 9.84
N LEU A 1224 20.99 -11.76 9.11
CA LEU A 1224 21.40 -13.15 9.23
C LEU A 1224 21.98 -13.46 10.60
N LEU A 1225 22.63 -12.48 11.23
CA LEU A 1225 23.11 -12.65 12.59
C LEU A 1225 21.95 -12.84 13.57
N ASN A 1226 20.75 -12.44 13.20
CA ASN A 1226 19.55 -12.69 13.99
C ASN A 1226 18.76 -13.89 13.48
N GLY A 1227 19.34 -14.69 12.59
CA GLY A 1227 18.70 -15.89 12.11
C GLY A 1227 17.60 -15.67 11.09
N VAL A 1228 17.60 -14.56 10.38
CA VAL A 1228 16.58 -14.25 9.38
C VAL A 1228 17.27 -13.67 8.16
N GLY A 1229 17.29 -14.43 7.06
CA GLY A 1229 17.78 -13.94 5.79
C GLY A 1229 16.65 -13.53 4.87
N TYR A 1230 17.03 -12.92 3.75
CA TYR A 1230 16.05 -12.54 2.74
C TYR A 1230 16.67 -12.68 1.35
N LEU A 1231 15.80 -12.85 0.36
CA LEU A 1231 16.20 -13.11 -1.01
C LEU A 1231 15.44 -12.20 -1.95
N HIS A 1232 16.16 -11.45 -2.78
CA HIS A 1232 15.55 -10.63 -3.81
C HIS A 1232 16.49 -10.56 -5.01
N GLU A 1233 15.96 -10.07 -6.13
CA GLU A 1233 16.73 -10.04 -7.36
C GLU A 1233 17.91 -9.07 -7.30
N GLY A 1234 17.91 -8.14 -6.35
CA GLY A 1234 19.04 -7.24 -6.19
C GLY A 1234 20.28 -7.89 -5.60
N LEU A 1235 20.18 -9.13 -5.15
CA LEU A 1235 21.31 -9.84 -4.55
C LEU A 1235 22.11 -10.56 -5.63
N SER A 1236 23.39 -10.79 -5.33
CA SER A 1236 24.24 -11.56 -6.22
C SER A 1236 23.90 -13.04 -6.12
N PRO A 1237 24.26 -13.83 -7.14
CA PRO A 1237 24.04 -15.29 -7.04
C PRO A 1237 24.74 -15.91 -5.85
N MET A 1238 25.97 -15.47 -5.56
CA MET A 1238 26.69 -15.99 -4.40
C MET A 1238 25.93 -15.68 -3.11
N GLU A 1239 25.35 -14.49 -3.02
CA GLU A 1239 24.58 -14.13 -1.83
C GLU A 1239 23.30 -14.93 -1.74
N ARG A 1240 22.66 -15.20 -2.88
CA ARG A 1240 21.42 -15.98 -2.86
C ARG A 1240 21.69 -17.45 -2.55
N ARG A 1241 22.75 -18.02 -3.13
CA ARG A 1241 23.11 -19.40 -2.82
C ARG A 1241 23.53 -19.56 -1.36
N LEU A 1242 24.12 -18.52 -0.77
CA LEU A 1242 24.55 -18.60 0.62
C LEU A 1242 23.35 -18.62 1.55
N VAL A 1243 22.37 -17.72 1.33
CA VAL A 1243 21.20 -17.67 2.19
C VAL A 1243 20.36 -18.95 2.03
N GLU A 1244 20.28 -19.48 0.81
CA GLU A 1244 19.55 -20.73 0.61
C GLU A 1244 20.28 -21.90 1.23
N GLN A 1245 21.62 -21.87 1.25
CA GLN A 1245 22.38 -22.95 1.86
C GLN A 1245 22.32 -22.90 3.38
N LEU A 1246 22.38 -21.69 3.95
CA LEU A 1246 22.28 -21.55 5.40
C LEU A 1246 20.88 -21.87 5.89
N PHE A 1247 19.86 -21.69 5.05
CA PHE A 1247 18.49 -21.97 5.46
C PHE A 1247 18.20 -23.46 5.48
N SER A 1248 18.65 -24.19 4.45
CA SER A 1248 18.45 -25.63 4.44
C SER A 1248 19.30 -26.34 5.49
N SER A 1249 20.35 -25.67 6.00
CA SER A 1249 21.16 -26.25 7.05
C SER A 1249 20.54 -26.13 8.43
N GLY A 1250 19.52 -25.28 8.58
CA GLY A 1250 18.90 -25.05 9.87
C GLY A 1250 19.51 -23.95 10.68
N ALA A 1251 20.56 -23.29 10.18
CA ALA A 1251 21.18 -22.19 10.92
C ALA A 1251 20.20 -21.04 11.10
N ILE A 1252 19.61 -20.57 10.00
CA ILE A 1252 18.59 -19.54 10.04
C ILE A 1252 17.22 -20.21 9.87
N GLN A 1253 16.22 -19.66 10.55
CA GLN A 1253 14.89 -20.26 10.58
C GLN A 1253 13.91 -19.57 9.65
N VAL A 1254 14.24 -18.38 9.15
CA VAL A 1254 13.30 -17.57 8.37
C VAL A 1254 14.03 -17.01 7.16
N VAL A 1255 13.41 -17.13 5.99
CA VAL A 1255 13.81 -16.40 4.79
C VAL A 1255 12.61 -15.65 4.25
N VAL A 1256 12.83 -14.42 3.80
CA VAL A 1256 11.78 -13.58 3.25
C VAL A 1256 12.16 -13.30 1.80
N ALA A 1257 11.49 -13.99 0.88
CA ALA A 1257 11.82 -13.91 -0.54
C ALA A 1257 10.78 -13.10 -1.30
N SER A 1258 11.19 -12.62 -2.47
CA SER A 1258 10.30 -11.88 -3.36
C SER A 1258 9.35 -12.84 -4.08
N ARG A 1259 8.33 -12.25 -4.70
CA ARG A 1259 7.43 -13.04 -5.54
C ARG A 1259 8.16 -13.59 -6.76
N SER A 1260 9.05 -12.78 -7.35
CA SER A 1260 9.75 -13.19 -8.56
C SER A 1260 10.72 -14.34 -8.32
N LEU A 1261 11.07 -14.62 -7.07
CA LEU A 1261 12.01 -15.69 -6.74
C LEU A 1261 11.33 -16.97 -6.30
N CYS A 1262 10.00 -17.04 -6.34
CA CYS A 1262 9.30 -18.24 -5.90
C CYS A 1262 9.55 -19.44 -6.81
N TRP A 1263 10.12 -19.22 -8.00
CA TRP A 1263 10.44 -20.31 -8.91
C TRP A 1263 11.87 -20.82 -8.69
N GLY A 1264 12.85 -19.94 -8.83
CA GLY A 1264 14.24 -20.32 -8.66
C GLY A 1264 14.66 -20.40 -7.20
N MET A 1265 14.13 -21.37 -6.47
CA MET A 1265 14.44 -21.56 -5.06
C MET A 1265 14.51 -23.06 -4.77
N ASN A 1266 15.71 -23.57 -4.58
CA ASN A 1266 15.92 -24.95 -4.16
C ASN A 1266 15.80 -25.10 -2.64
N VAL A 1267 14.69 -24.61 -2.10
CA VAL A 1267 14.53 -24.49 -0.65
C VAL A 1267 13.07 -24.74 -0.28
N ALA A 1268 12.86 -25.59 0.72
CA ALA A 1268 11.54 -25.86 1.28
C ALA A 1268 11.54 -25.49 2.76
N ALA A 1269 10.35 -25.51 3.36
CA ALA A 1269 10.20 -25.14 4.76
C ALA A 1269 8.96 -25.81 5.34
N HIS A 1270 8.74 -25.57 6.63
CA HIS A 1270 7.59 -26.12 7.34
C HIS A 1270 6.38 -25.18 7.28
N LEU A 1271 6.61 -23.88 7.15
CA LEU A 1271 5.54 -22.89 7.10
C LEU A 1271 5.87 -21.87 6.02
N VAL A 1272 4.95 -21.72 5.06
CA VAL A 1272 5.10 -20.74 3.98
C VAL A 1272 4.02 -19.69 4.15
N ILE A 1273 4.44 -18.46 4.45
CA ILE A 1273 3.54 -17.34 4.64
C ILE A 1273 3.59 -16.46 3.40
N ILE A 1274 2.44 -16.24 2.78
CA ILE A 1274 2.32 -15.38 1.61
C ILE A 1274 1.85 -14.02 2.10
N MET A 1275 2.77 -13.04 2.11
CA MET A 1275 2.50 -11.70 2.64
C MET A 1275 1.27 -11.10 1.98
N ASP A 1276 1.38 -10.76 0.69
CA ASP A 1276 0.28 -10.21 -0.08
C ASP A 1276 0.00 -11.13 -1.27
N THR A 1277 -1.14 -10.89 -1.91
CA THR A 1277 -1.51 -11.60 -3.13
C THR A 1277 -1.71 -10.64 -4.30
N GLN A 1278 -1.08 -9.48 -4.26
CA GLN A 1278 -1.23 -8.46 -5.28
C GLN A 1278 0.09 -7.73 -5.49
N TYR A 1279 0.39 -7.42 -6.75
CA TYR A 1279 1.55 -6.63 -7.10
C TYR A 1279 1.12 -5.43 -7.95
N TYR A 1280 1.91 -4.38 -7.90
CA TYR A 1280 1.55 -3.14 -8.57
C TYR A 1280 1.86 -3.21 -10.06
N ASN A 1281 1.02 -2.58 -10.87
CA ASN A 1281 1.15 -2.55 -12.32
C ASN A 1281 1.03 -1.09 -12.76
N GLY A 1282 2.18 -0.44 -12.93
CA GLY A 1282 2.20 0.98 -13.27
C GLY A 1282 1.66 1.33 -14.64
N LYS A 1283 1.36 0.33 -15.47
CA LYS A 1283 0.78 0.62 -16.78
C LYS A 1283 -0.67 1.05 -16.66
N ILE A 1284 -1.41 0.50 -15.71
CA ILE A 1284 -2.81 0.83 -15.50
C ILE A 1284 -3.03 1.59 -14.20
N HIS A 1285 -1.97 1.83 -13.41
CA HIS A 1285 -2.07 2.54 -12.13
C HIS A 1285 -3.04 1.84 -11.19
N ALA A 1286 -2.84 0.54 -11.01
CA ALA A 1286 -3.69 -0.25 -10.13
C ALA A 1286 -2.96 -1.52 -9.74
N TYR A 1287 -3.41 -2.13 -8.65
CA TYR A 1287 -2.84 -3.38 -8.18
C TYR A 1287 -3.63 -4.56 -8.76
N VAL A 1288 -2.90 -5.57 -9.22
CA VAL A 1288 -3.49 -6.77 -9.79
C VAL A 1288 -3.08 -7.97 -8.93
N ASP A 1289 -3.95 -8.98 -8.90
CA ASP A 1289 -3.72 -10.14 -8.07
C ASP A 1289 -2.53 -10.95 -8.58
N TYR A 1290 -2.02 -11.82 -7.71
CA TYR A 1290 -1.01 -12.79 -8.13
C TYR A 1290 -1.60 -13.72 -9.18
N PRO A 1291 -0.80 -14.15 -10.16
CA PRO A 1291 -1.22 -15.30 -10.98
C PRO A 1291 -1.38 -16.51 -10.10
N ILE A 1292 -2.47 -17.27 -10.33
CA ILE A 1292 -2.83 -18.35 -9.43
C ILE A 1292 -1.70 -19.38 -9.32
N TYR A 1293 -0.93 -19.57 -10.40
CA TYR A 1293 0.17 -20.52 -10.35
C TYR A 1293 1.38 -20.00 -9.58
N ASP A 1294 1.51 -18.67 -9.45
CA ASP A 1294 2.52 -18.13 -8.53
C ASP A 1294 2.18 -18.49 -7.10
N VAL A 1295 0.90 -18.40 -6.73
CA VAL A 1295 0.47 -18.77 -5.39
C VAL A 1295 0.62 -20.27 -5.19
N LEU A 1296 0.27 -21.06 -6.20
CA LEU A 1296 0.39 -22.53 -6.09
C LEU A 1296 1.82 -22.94 -5.77
N GLN A 1297 2.79 -22.42 -6.54
CA GLN A 1297 4.18 -22.80 -6.32
C GLN A 1297 4.68 -22.32 -4.97
N MET A 1298 4.15 -21.21 -4.46
CA MET A 1298 4.55 -20.74 -3.13
C MET A 1298 4.08 -21.70 -2.05
N VAL A 1299 2.83 -22.15 -2.15
CA VAL A 1299 2.29 -23.10 -1.17
C VAL A 1299 3.07 -24.41 -1.22
N GLY A 1300 3.54 -24.80 -2.40
CA GLY A 1300 4.27 -26.05 -2.54
C GLY A 1300 5.58 -26.08 -1.76
N HIS A 1301 6.13 -24.92 -1.42
CA HIS A 1301 7.37 -24.88 -0.66
C HIS A 1301 7.19 -25.31 0.79
N ALA A 1302 5.95 -25.55 1.24
CA ALA A 1302 5.69 -26.08 2.56
C ALA A 1302 5.60 -27.61 2.51
N ASN A 1303 6.68 -28.22 2.05
CA ASN A 1303 6.74 -29.67 1.83
C ASN A 1303 8.11 -30.17 2.23
N ARG A 1304 8.20 -30.87 3.36
CA ARG A 1304 9.42 -31.52 3.79
C ARG A 1304 9.07 -32.92 4.27
N PRO A 1305 9.06 -33.91 3.36
CA PRO A 1305 8.65 -35.25 3.75
C PRO A 1305 9.65 -35.96 4.66
N LEU A 1306 10.94 -35.67 4.52
CA LEU A 1306 11.93 -36.34 5.35
C LEU A 1306 11.93 -35.80 6.78
N GLN A 1307 11.64 -34.53 6.96
CA GLN A 1307 11.73 -33.87 8.25
C GLN A 1307 10.37 -33.61 8.87
N ASP A 1308 9.54 -32.77 8.25
CA ASP A 1308 8.30 -32.33 8.85
C ASP A 1308 7.20 -33.37 8.66
N ASP A 1309 6.33 -33.47 9.67
CA ASP A 1309 5.17 -34.35 9.60
C ASP A 1309 3.99 -33.73 8.87
N GLU A 1310 4.03 -32.43 8.60
CA GLU A 1310 2.93 -31.75 7.92
C GLU A 1310 3.44 -30.46 7.30
N GLY A 1311 2.70 -29.99 6.31
CA GLY A 1311 2.96 -28.71 5.67
C GLY A 1311 1.92 -27.69 6.11
N ARG A 1312 2.34 -26.43 6.22
CA ARG A 1312 1.46 -25.37 6.70
C ARG A 1312 1.70 -24.12 5.86
N CYS A 1313 0.63 -23.60 5.27
CA CYS A 1313 0.70 -22.36 4.51
C CYS A 1313 -0.34 -21.39 5.03
N VAL A 1314 0.08 -20.13 5.21
CA VAL A 1314 -0.80 -19.05 5.65
C VAL A 1314 -0.82 -17.99 4.57
N ILE A 1315 -1.97 -17.83 3.93
CA ILE A 1315 -2.16 -16.81 2.90
C ILE A 1315 -2.82 -15.60 3.54
N MET A 1316 -2.16 -14.46 3.47
CA MET A 1316 -2.69 -13.19 3.95
C MET A 1316 -3.03 -12.34 2.74
N CYS A 1317 -4.32 -12.02 2.59
CA CYS A 1317 -4.79 -11.31 1.41
C CYS A 1317 -5.90 -10.35 1.79
N GLN A 1318 -6.18 -9.42 0.88
CA GLN A 1318 -7.32 -8.53 1.04
C GLN A 1318 -8.61 -9.34 1.09
N GLY A 1319 -9.53 -8.92 1.96
CA GLY A 1319 -10.76 -9.66 2.15
C GLY A 1319 -11.55 -9.85 0.86
N SER A 1320 -11.39 -8.94 -0.09
CA SER A 1320 -12.08 -9.08 -1.37
C SER A 1320 -11.57 -10.26 -2.19
N LYS A 1321 -10.38 -10.78 -1.87
CA LYS A 1321 -9.80 -11.90 -2.58
C LYS A 1321 -9.77 -13.17 -1.75
N LYS A 1322 -10.34 -13.17 -0.55
CA LYS A 1322 -10.25 -14.34 0.32
C LYS A 1322 -11.10 -15.48 -0.20
N ASP A 1323 -12.35 -15.19 -0.59
CA ASP A 1323 -13.22 -16.22 -1.14
C ASP A 1323 -12.67 -16.80 -2.44
N PHE A 1324 -11.77 -16.08 -3.11
CA PHE A 1324 -11.14 -16.60 -4.31
C PHE A 1324 -10.19 -17.76 -3.97
N PHE A 1325 -9.28 -17.53 -3.03
CA PHE A 1325 -8.36 -18.59 -2.60
C PHE A 1325 -9.07 -19.67 -1.79
N LYS A 1326 -10.23 -19.35 -1.20
CA LYS A 1326 -10.93 -20.29 -0.33
C LYS A 1326 -11.43 -21.52 -1.07
N LYS A 1327 -11.41 -21.52 -2.40
CA LYS A 1327 -11.88 -22.69 -3.16
C LYS A 1327 -10.99 -23.07 -4.33
N PHE A 1328 -10.13 -22.20 -4.85
CA PHE A 1328 -9.24 -22.55 -5.93
C PHE A 1328 -7.95 -23.20 -5.45
N LEU A 1329 -7.80 -23.41 -4.14
CA LEU A 1329 -6.67 -24.13 -3.58
C LEU A 1329 -7.06 -25.42 -2.89
N TYR A 1330 -8.26 -25.48 -2.30
CA TYR A 1330 -8.78 -26.73 -1.74
C TYR A 1330 -9.28 -27.68 -2.82
N GLU A 1331 -9.65 -27.15 -3.98
CA GLU A 1331 -10.18 -27.92 -5.10
C GLU A 1331 -9.15 -28.01 -6.23
N PRO A 1332 -9.31 -28.97 -7.14
CA PRO A 1332 -8.44 -29.01 -8.31
C PRO A 1332 -8.60 -27.77 -9.17
N LEU A 1333 -7.56 -27.45 -9.92
CA LEU A 1333 -7.52 -26.22 -10.70
C LEU A 1333 -8.02 -26.46 -12.11
N PRO A 1334 -9.12 -25.86 -12.53
CA PRO A 1334 -9.52 -25.94 -13.93
C PRO A 1334 -8.63 -25.07 -14.80
N VAL A 1335 -8.37 -25.55 -16.02
CA VAL A 1335 -7.44 -24.90 -16.93
C VAL A 1335 -8.10 -24.70 -18.28
N GLU A 1336 -7.73 -23.60 -18.93
CA GLU A 1336 -8.24 -23.24 -20.25
C GLU A 1336 -7.07 -22.81 -21.13
N SER A 1337 -7.34 -22.67 -22.43
CA SER A 1337 -6.33 -22.30 -23.41
C SER A 1337 -6.43 -20.82 -23.74
N HIS A 1338 -5.35 -20.29 -24.32
CA HIS A 1338 -5.29 -18.90 -24.77
C HIS A 1338 -4.65 -18.80 -26.15
N LEU A 1339 -4.84 -19.81 -26.99
CA LEU A 1339 -4.18 -19.82 -28.30
C LEU A 1339 -4.83 -18.83 -29.26
N ASP A 1340 -6.12 -18.54 -29.09
CA ASP A 1340 -6.80 -17.65 -30.02
C ASP A 1340 -6.28 -16.22 -29.93
N HIS A 1341 -5.92 -15.78 -28.72
CA HIS A 1341 -5.39 -14.43 -28.53
C HIS A 1341 -3.91 -14.31 -28.87
N CYS A 1342 -3.26 -15.42 -29.27
CA CYS A 1342 -1.86 -15.43 -29.66
C CYS A 1342 -1.71 -16.51 -30.74
N MET A 1343 -2.24 -16.21 -31.93
CA MET A 1343 -2.32 -17.18 -33.01
C MET A 1343 -1.58 -16.76 -34.27
N HIS A 1344 -1.36 -15.46 -34.48
CA HIS A 1344 -0.82 -15.00 -35.75
C HIS A 1344 0.62 -15.44 -35.95
N ASP A 1345 1.47 -15.26 -34.93
CA ASP A 1345 2.88 -15.59 -35.07
C ASP A 1345 3.08 -17.08 -35.35
N HIS A 1346 2.31 -17.93 -34.69
CA HIS A 1346 2.44 -19.36 -34.92
C HIS A 1346 1.82 -19.78 -36.25
N PHE A 1347 0.82 -19.03 -36.71
CA PHE A 1347 0.31 -19.26 -38.07
C PHE A 1347 1.26 -18.71 -39.11
N ASN A 1348 1.80 -17.50 -38.88
CA ASN A 1348 2.74 -16.91 -39.83
C ASN A 1348 4.00 -17.77 -39.96
N ALA A 1349 4.45 -18.39 -38.87
CA ALA A 1349 5.60 -19.28 -38.94
C ALA A 1349 5.24 -20.64 -39.52
N GLU A 1350 3.97 -21.06 -39.43
CA GLU A 1350 3.58 -22.34 -39.99
C GLU A 1350 3.50 -22.29 -41.51
N ILE A 1351 3.27 -21.12 -42.08
CA ILE A 1351 3.16 -20.98 -43.53
C ILE A 1351 4.52 -20.81 -44.18
N VAL A 1352 5.44 -20.11 -43.52
CA VAL A 1352 6.80 -19.98 -44.06
C VAL A 1352 7.47 -21.34 -44.12
N THR A 1353 7.25 -22.17 -43.11
CA THR A 1353 7.76 -23.54 -43.09
C THR A 1353 6.90 -24.50 -43.91
N LYS A 1354 5.91 -23.97 -44.65
CA LYS A 1354 5.05 -24.75 -45.53
C LYS A 1354 4.27 -25.83 -44.79
N THR A 1355 4.08 -25.67 -43.47
CA THR A 1355 3.23 -26.60 -42.73
C THR A 1355 1.75 -26.32 -42.98
N ILE A 1356 1.38 -25.05 -43.14
CA ILE A 1356 0.03 -24.66 -43.51
C ILE A 1356 0.09 -24.14 -44.94
N GLU A 1357 -0.53 -24.88 -45.86
CA GLU A 1357 -0.51 -24.52 -47.27
C GLU A 1357 -1.77 -23.83 -47.74
N ASN A 1358 -2.90 -24.07 -47.07
CA ASN A 1358 -4.17 -23.47 -47.44
C ASN A 1358 -4.99 -23.25 -46.17
N LYS A 1359 -6.20 -22.72 -46.35
CA LYS A 1359 -7.07 -22.45 -45.21
C LYS A 1359 -7.51 -23.75 -44.53
N GLN A 1360 -7.72 -24.81 -45.32
CA GLN A 1360 -8.10 -26.10 -44.72
C GLN A 1360 -6.97 -26.67 -43.89
N ASP A 1361 -5.71 -26.38 -44.25
CA ASP A 1361 -4.58 -26.81 -43.42
C ASP A 1361 -4.55 -26.06 -42.10
N ALA A 1362 -4.97 -24.80 -42.10
CA ALA A 1362 -5.05 -24.06 -40.84
C ALA A 1362 -6.14 -24.63 -39.94
N VAL A 1363 -7.25 -25.08 -40.53
CA VAL A 1363 -8.29 -25.74 -39.75
C VAL A 1363 -7.80 -27.08 -39.23
N ASP A 1364 -6.97 -27.78 -40.02
CA ASP A 1364 -6.42 -29.05 -39.57
C ASP A 1364 -5.39 -28.86 -38.47
N TYR A 1365 -4.63 -27.75 -38.52
CA TYR A 1365 -3.64 -27.49 -37.49
C TYR A 1365 -4.29 -27.36 -36.11
N LEU A 1366 -5.44 -26.69 -36.05
CA LEU A 1366 -6.13 -26.52 -34.78
C LEU A 1366 -6.69 -27.81 -34.21
N THR A 1367 -6.71 -28.90 -34.99
CA THR A 1367 -7.21 -30.17 -34.49
C THR A 1367 -6.26 -30.82 -33.49
N TRP A 1368 -5.01 -30.37 -33.43
CA TRP A 1368 -4.03 -30.93 -32.52
C TRP A 1368 -3.82 -30.08 -31.26
N THR A 1369 -4.46 -28.93 -31.16
CA THR A 1369 -4.23 -28.03 -30.04
C THR A 1369 -5.15 -28.37 -28.87
N PHE A 1370 -4.75 -27.90 -27.69
CA PHE A 1370 -5.59 -28.03 -26.50
C PHE A 1370 -6.82 -27.13 -26.59
N LEU A 1371 -6.77 -26.07 -27.40
CA LEU A 1371 -7.93 -25.23 -27.63
C LEU A 1371 -9.06 -26.02 -28.28
N TYR A 1372 -8.72 -27.01 -29.11
CA TYR A 1372 -9.75 -27.82 -29.77
C TYR A 1372 -10.54 -28.63 -28.77
N ARG A 1373 -9.87 -29.19 -27.75
CA ARG A 1373 -10.55 -30.01 -26.77
C ARG A 1373 -11.36 -29.19 -25.77
N ARG A 1374 -11.03 -27.92 -25.56
CA ARG A 1374 -11.69 -27.09 -24.57
C ARG A 1374 -12.81 -26.24 -25.14
N MET A 1375 -12.78 -25.92 -26.43
CA MET A 1375 -13.83 -25.10 -27.03
C MET A 1375 -15.20 -25.78 -26.96
N THR A 1376 -15.24 -27.10 -26.86
CA THR A 1376 -16.50 -27.83 -26.84
C THR A 1376 -17.08 -28.00 -25.44
N GLN A 1377 -16.26 -27.92 -24.40
CA GLN A 1377 -16.71 -28.13 -23.03
C GLN A 1377 -16.97 -26.85 -22.28
N ASN A 1378 -16.09 -25.85 -22.39
CA ASN A 1378 -16.31 -24.52 -21.83
C ASN A 1378 -16.47 -23.55 -22.99
N PRO A 1379 -17.67 -23.40 -23.54
CA PRO A 1379 -17.84 -22.60 -24.76
C PRO A 1379 -17.71 -21.10 -24.53
N ASN A 1380 -18.39 -20.57 -23.52
CA ASN A 1380 -18.44 -19.12 -23.33
C ASN A 1380 -17.09 -18.53 -22.95
N TYR A 1381 -16.15 -19.34 -22.45
CA TYR A 1381 -14.82 -18.81 -22.16
C TYR A 1381 -14.15 -18.29 -23.42
N TYR A 1382 -14.31 -19.01 -24.53
CA TYR A 1382 -13.81 -18.58 -25.83
C TYR A 1382 -14.89 -17.93 -26.68
N ASN A 1383 -16.00 -17.52 -26.05
CA ASN A 1383 -17.12 -16.87 -26.71
C ASN A 1383 -17.71 -17.75 -27.82
N LEU A 1384 -18.03 -18.98 -27.45
CA LEU A 1384 -18.75 -19.90 -28.32
C LEU A 1384 -20.22 -19.80 -27.99
N GLN A 1385 -21.00 -19.18 -28.89
CA GLN A 1385 -22.42 -18.98 -28.63
C GLN A 1385 -23.20 -20.29 -28.59
N GLY A 1386 -22.70 -21.35 -29.24
CA GLY A 1386 -23.38 -22.62 -29.22
C GLY A 1386 -22.42 -23.73 -28.82
N ILE A 1387 -23.01 -24.86 -28.43
CA ILE A 1387 -22.24 -26.03 -28.02
C ILE A 1387 -22.20 -27.13 -29.07
N SER A 1388 -23.16 -27.14 -30.00
CA SER A 1388 -23.21 -28.18 -31.02
C SER A 1388 -21.99 -28.08 -31.94
N HIS A 1389 -21.77 -29.14 -32.71
CA HIS A 1389 -20.64 -29.18 -33.64
C HIS A 1389 -20.80 -28.17 -34.76
N ARG A 1390 -22.03 -27.75 -35.08
CA ARG A 1390 -22.22 -26.74 -36.11
C ARG A 1390 -21.51 -25.44 -35.75
N HIS A 1391 -21.53 -25.05 -34.47
CA HIS A 1391 -20.84 -23.85 -34.03
C HIS A 1391 -19.35 -24.07 -33.88
N LEU A 1392 -18.91 -25.31 -33.66
CA LEU A 1392 -17.49 -25.59 -33.51
C LEU A 1392 -16.72 -25.30 -34.79
N SER A 1393 -17.18 -25.88 -35.91
CA SER A 1393 -16.50 -25.64 -37.18
C SER A 1393 -16.65 -24.19 -37.63
N ASP A 1394 -17.77 -23.55 -37.29
CA ASP A 1394 -17.96 -22.16 -37.68
C ASP A 1394 -17.00 -21.24 -36.93
N HIS A 1395 -16.85 -21.45 -35.62
CA HIS A 1395 -15.93 -20.63 -34.84
C HIS A 1395 -14.48 -20.91 -35.21
N LEU A 1396 -14.15 -22.16 -35.53
CA LEU A 1396 -12.80 -22.48 -35.98
C LEU A 1396 -12.52 -21.85 -37.34
N SER A 1397 -13.47 -21.96 -38.27
CA SER A 1397 -13.29 -21.34 -39.58
C SER A 1397 -13.22 -19.82 -39.45
N GLU A 1398 -14.05 -19.23 -38.59
CA GLU A 1398 -13.95 -17.80 -38.34
C GLU A 1398 -12.64 -17.43 -37.68
N LEU A 1399 -12.06 -18.36 -36.89
CA LEU A 1399 -10.81 -18.07 -36.21
C LEU A 1399 -9.64 -18.08 -37.19
N VAL A 1400 -9.56 -19.11 -38.04
CA VAL A 1400 -8.46 -19.18 -39.01
C VAL A 1400 -8.63 -18.11 -40.08
N GLU A 1401 -9.87 -17.72 -40.39
CA GLU A 1401 -10.08 -16.68 -41.40
C GLU A 1401 -9.64 -15.33 -40.87
N GLN A 1402 -10.02 -14.99 -39.63
CA GLN A 1402 -9.64 -13.71 -39.06
C GLN A 1402 -8.15 -13.62 -38.78
N THR A 1403 -7.52 -14.75 -38.42
CA THR A 1403 -6.09 -14.73 -38.15
C THR A 1403 -5.29 -14.56 -39.43
N LEU A 1404 -5.68 -15.25 -40.51
CA LEU A 1404 -4.98 -15.08 -41.78
C LEU A 1404 -5.28 -13.72 -42.41
N SER A 1405 -6.47 -13.18 -42.17
CA SER A 1405 -6.80 -11.86 -42.72
C SER A 1405 -5.98 -10.76 -42.09
N ASP A 1406 -5.60 -10.91 -40.82
CA ASP A 1406 -4.72 -9.94 -40.19
C ASP A 1406 -3.33 -9.97 -40.83
N LEU A 1407 -2.83 -11.16 -41.16
CA LEU A 1407 -1.55 -11.27 -41.84
C LEU A 1407 -1.63 -10.81 -43.29
N GLU A 1408 -2.84 -10.74 -43.85
CA GLU A 1408 -2.99 -10.29 -45.24
C GLU A 1408 -2.61 -8.83 -45.39
N GLN A 1409 -3.28 -7.94 -44.65
CA GLN A 1409 -2.99 -6.52 -44.74
C GLN A 1409 -1.70 -6.14 -44.02
N SER A 1410 -1.09 -7.07 -43.29
CA SER A 1410 0.21 -6.85 -42.68
C SER A 1410 1.37 -7.25 -43.57
N LYS A 1411 1.09 -7.64 -44.83
CA LYS A 1411 2.08 -8.02 -45.82
C LYS A 1411 2.90 -9.23 -45.40
N CYS A 1412 2.42 -10.00 -44.42
CA CYS A 1412 3.13 -11.21 -44.01
C CYS A 1412 2.83 -12.38 -44.94
N ILE A 1413 1.56 -12.57 -45.29
CA ILE A 1413 1.17 -13.61 -46.23
C ILE A 1413 0.39 -12.98 -47.38
N SER A 1414 -0.04 -13.80 -48.34
CA SER A 1414 -0.79 -13.31 -49.49
C SER A 1414 -1.93 -14.29 -49.75
N ILE A 1415 -3.16 -13.83 -49.58
CA ILE A 1415 -4.35 -14.62 -49.88
C ILE A 1415 -4.70 -14.40 -51.36
N GLU A 1416 -4.72 -15.48 -52.13
CA GLU A 1416 -5.05 -15.43 -53.54
C GLU A 1416 -6.41 -16.03 -53.86
N ASP A 1417 -6.65 -17.26 -53.44
CA ASP A 1417 -7.95 -17.91 -53.61
C ASP A 1417 -8.60 -18.05 -52.23
N GLU A 1418 -9.81 -18.63 -52.23
CA GLU A 1418 -10.49 -18.91 -50.98
C GLU A 1418 -9.80 -20.01 -50.18
N MET A 1419 -8.78 -20.66 -50.74
CA MET A 1419 -8.09 -21.76 -50.07
C MET A 1419 -6.62 -21.46 -49.85
N ASP A 1420 -5.84 -21.29 -50.92
CA ASP A 1420 -4.39 -21.24 -50.80
C ASP A 1420 -3.90 -19.94 -50.17
N VAL A 1421 -2.82 -20.06 -49.39
CA VAL A 1421 -2.11 -18.93 -48.82
C VAL A 1421 -0.62 -19.14 -49.05
N ALA A 1422 0.13 -18.04 -49.08
CA ALA A 1422 1.56 -18.10 -49.36
C ALA A 1422 2.29 -17.04 -48.55
N PRO A 1423 3.48 -17.35 -48.04
CA PRO A 1423 4.24 -16.36 -47.26
C PRO A 1423 4.87 -15.31 -48.14
N LEU A 1424 5.19 -14.16 -47.51
CA LEU A 1424 5.81 -13.05 -48.21
C LEU A 1424 7.10 -12.63 -47.52
N ASN A 1425 7.67 -11.50 -47.95
CA ASN A 1425 8.93 -11.04 -47.39
C ASN A 1425 8.80 -10.71 -45.91
N LEU A 1426 7.77 -9.94 -45.55
CA LEU A 1426 7.56 -9.59 -44.15
C LEU A 1426 7.23 -10.81 -43.30
N GLY A 1427 6.63 -11.83 -43.90
CA GLY A 1427 6.27 -13.02 -43.14
C GLY A 1427 7.44 -13.92 -42.84
N MET A 1428 8.42 -13.98 -43.72
CA MET A 1428 9.59 -14.84 -43.49
C MET A 1428 10.52 -14.25 -42.44
N ILE A 1429 10.72 -12.93 -42.45
CA ILE A 1429 11.62 -12.31 -41.49
C ILE A 1429 11.02 -12.34 -40.09
N ALA A 1430 9.68 -12.41 -39.98
CA ALA A 1430 9.04 -12.49 -38.68
C ALA A 1430 9.13 -13.89 -38.07
N ALA A 1431 9.11 -14.93 -38.91
CA ALA A 1431 9.29 -16.30 -38.45
C ALA A 1431 10.74 -16.69 -38.28
N TYR A 1432 11.67 -16.04 -39.00
CA TYR A 1432 13.08 -16.37 -38.89
C TYR A 1432 13.63 -15.95 -37.53
N TYR A 1433 13.37 -14.71 -37.12
CA TYR A 1433 13.93 -14.16 -35.90
C TYR A 1433 13.01 -14.35 -34.69
N TYR A 1434 11.93 -15.11 -34.83
CA TYR A 1434 10.92 -15.26 -33.78
C TYR A 1434 10.39 -13.89 -33.34
N ILE A 1435 10.20 -13.01 -34.31
CA ILE A 1435 9.74 -11.64 -34.07
C ILE A 1435 8.26 -11.56 -34.39
N ASN A 1436 7.52 -10.86 -33.53
CA ASN A 1436 6.08 -10.69 -33.75
C ASN A 1436 5.82 -9.98 -35.08
N TYR A 1437 4.71 -10.35 -35.72
CA TYR A 1437 4.41 -9.83 -37.05
C TYR A 1437 4.09 -8.34 -37.01
N THR A 1438 3.57 -7.83 -35.89
CA THR A 1438 3.33 -6.40 -35.77
C THR A 1438 4.61 -5.60 -35.61
N THR A 1439 5.68 -6.23 -35.11
CA THR A 1439 6.94 -5.52 -34.95
C THR A 1439 7.57 -5.21 -36.30
N ILE A 1440 7.72 -6.22 -37.16
CA ILE A 1440 8.24 -5.99 -38.50
C ILE A 1440 7.29 -5.16 -39.33
N GLU A 1441 6.00 -5.18 -39.02
CA GLU A 1441 5.07 -4.28 -39.68
C GLU A 1441 5.31 -2.84 -39.26
N LEU A 1442 5.60 -2.62 -37.97
CA LEU A 1442 5.98 -1.29 -37.51
C LEU A 1442 7.30 -0.85 -38.12
N PHE A 1443 8.22 -1.79 -38.33
CA PHE A 1443 9.49 -1.45 -38.97
C PHE A 1443 9.27 -0.98 -40.40
N SER A 1444 8.49 -1.73 -41.17
CA SER A 1444 8.18 -1.33 -42.54
C SER A 1444 7.33 -0.06 -42.59
N MET A 1445 6.67 0.29 -41.50
CA MET A 1445 5.84 1.49 -41.43
C MET A 1445 6.64 2.73 -41.09
N SER A 1446 7.64 2.60 -40.21
CA SER A 1446 8.39 3.75 -39.71
C SER A 1446 9.73 3.97 -40.42
N LEU A 1447 10.35 2.92 -40.96
CA LEU A 1447 11.65 3.06 -41.57
C LEU A 1447 11.54 3.75 -42.93
N ASN A 1448 12.20 4.90 -43.06
CA ASN A 1448 12.33 5.60 -44.34
C ASN A 1448 13.78 5.61 -44.75
N ALA A 1449 14.10 6.42 -45.77
CA ALA A 1449 15.45 6.48 -46.32
C ALA A 1449 16.37 7.40 -45.53
N LYS A 1450 15.92 7.95 -44.40
CA LYS A 1450 16.72 8.89 -43.63
C LYS A 1450 16.80 8.55 -42.14
N THR A 1451 16.37 7.35 -41.75
CA THR A 1451 16.45 6.96 -40.34
C THR A 1451 17.91 6.83 -39.93
N LYS A 1452 18.35 7.72 -39.03
CA LYS A 1452 19.73 7.77 -38.58
C LYS A 1452 19.91 6.80 -37.42
N VAL A 1453 20.98 6.97 -36.63
CA VAL A 1453 21.23 6.09 -35.50
C VAL A 1453 20.20 6.33 -34.39
N ARG A 1454 19.96 7.61 -34.06
CA ARG A 1454 18.97 7.91 -33.03
C ARG A 1454 17.55 7.66 -33.53
N GLY A 1455 17.33 7.77 -34.84
CA GLY A 1455 16.02 7.41 -35.38
C GLY A 1455 15.74 5.94 -35.27
N LEU A 1456 16.76 5.10 -35.44
CA LEU A 1456 16.59 3.67 -35.25
C LEU A 1456 16.39 3.32 -33.79
N ILE A 1457 17.08 4.03 -32.90
CA ILE A 1457 16.96 3.78 -31.46
C ILE A 1457 15.51 3.88 -31.02
N GLU A 1458 14.77 4.85 -31.57
CA GLU A 1458 13.38 5.03 -31.19
C GLU A 1458 12.48 3.95 -31.79
N ILE A 1459 12.83 3.41 -32.94
CA ILE A 1459 11.97 2.44 -33.63
C ILE A 1459 12.08 1.07 -32.97
N ILE A 1460 13.31 0.61 -32.72
CA ILE A 1460 13.48 -0.71 -32.11
C ILE A 1460 12.91 -0.74 -30.70
N SER A 1461 12.97 0.38 -29.97
CA SER A 1461 12.40 0.43 -28.64
C SER A 1461 10.89 0.24 -28.66
N ASN A 1462 10.24 0.63 -29.77
CA ASN A 1462 8.79 0.48 -29.91
C ASN A 1462 8.38 -0.91 -30.37
N ALA A 1463 9.29 -1.88 -30.33
CA ALA A 1463 8.96 -3.23 -30.76
C ALA A 1463 7.95 -3.86 -29.81
N ALA A 1464 7.09 -4.72 -30.37
CA ALA A 1464 6.06 -5.38 -29.58
C ALA A 1464 6.63 -6.36 -28.58
N GLU A 1465 7.88 -6.81 -28.77
CA GLU A 1465 8.50 -7.71 -27.81
C GLU A 1465 8.80 -7.02 -26.48
N TYR A 1466 8.93 -5.71 -26.47
CA TYR A 1466 9.17 -4.93 -25.26
C TYR A 1466 7.88 -4.49 -24.58
N GLU A 1467 6.73 -5.05 -24.98
CA GLU A 1467 5.46 -4.64 -24.39
C GLU A 1467 5.34 -5.09 -22.95
N ASN A 1468 5.91 -6.24 -22.60
CA ASN A 1468 5.79 -6.79 -21.26
C ASN A 1468 6.89 -6.32 -20.32
N ILE A 1469 7.65 -5.30 -20.70
CA ILE A 1469 8.60 -4.68 -19.78
C ILE A 1469 7.75 -3.97 -18.73
N PRO A 1470 7.84 -4.37 -17.45
CA PRO A 1470 6.87 -3.89 -16.47
C PRO A 1470 7.14 -2.47 -16.02
N ILE A 1471 6.05 -1.79 -15.65
CA ILE A 1471 6.09 -0.49 -14.99
C ILE A 1471 5.70 -0.72 -13.54
N ARG A 1472 6.60 -0.41 -12.62
CA ARG A 1472 6.42 -0.71 -11.21
C ARG A 1472 6.18 0.57 -10.42
N HIS A 1473 6.09 0.42 -9.10
CA HIS A 1473 5.69 1.52 -8.23
C HIS A 1473 6.82 2.54 -8.12
N HIS A 1474 6.41 3.82 -8.06
CA HIS A 1474 7.34 4.95 -7.90
C HIS A 1474 8.37 5.01 -9.02
N GLU A 1475 7.95 4.63 -10.23
CA GLU A 1475 8.78 4.79 -11.42
C GLU A 1475 8.21 5.82 -12.38
N ASP A 1476 7.02 6.37 -12.09
CA ASP A 1476 6.46 7.42 -12.94
C ASP A 1476 7.32 8.67 -12.93
N ASN A 1477 8.03 8.93 -11.83
CA ASN A 1477 8.97 10.04 -11.75
C ASN A 1477 10.42 9.59 -11.69
N LEU A 1478 10.68 8.30 -11.48
CA LEU A 1478 12.05 7.81 -11.52
C LEU A 1478 12.58 7.78 -12.95
N LEU A 1479 11.73 7.37 -13.91
CA LEU A 1479 12.11 7.44 -15.31
C LEU A 1479 12.15 8.87 -15.82
N ARG A 1480 11.44 9.79 -15.15
CA ARG A 1480 11.51 11.20 -15.51
C ARG A 1480 12.90 11.79 -15.28
N GLN A 1481 13.68 11.20 -14.37
CA GLN A 1481 15.04 11.67 -14.15
C GLN A 1481 15.96 11.29 -15.31
N LEU A 1482 15.74 10.13 -15.91
CA LEU A 1482 16.61 9.67 -16.99
C LEU A 1482 16.43 10.52 -18.26
N ALA A 1483 15.24 11.08 -18.47
CA ALA A 1483 15.01 11.91 -19.64
C ALA A 1483 15.90 13.16 -19.62
N GLN A 1484 16.21 13.66 -18.44
CA GLN A 1484 17.10 14.82 -18.29
C GLN A 1484 18.57 14.42 -18.25
N LYS A 1485 18.88 13.14 -18.37
CA LYS A 1485 20.26 12.66 -18.35
C LYS A 1485 20.72 12.09 -19.68
N VAL A 1486 19.82 11.51 -20.47
CA VAL A 1486 20.17 10.88 -21.73
C VAL A 1486 20.40 11.95 -22.79
N PRO A 1487 21.33 11.74 -23.73
CA PRO A 1487 21.62 12.78 -24.73
C PRO A 1487 20.50 13.02 -25.73
N HIS A 1488 19.55 12.08 -25.87
CA HIS A 1488 18.46 12.20 -26.85
C HIS A 1488 17.13 12.05 -26.11
N LYS A 1489 16.68 13.12 -25.47
CA LYS A 1489 15.39 13.10 -24.80
C LYS A 1489 14.26 13.05 -25.81
N LEU A 1490 13.17 12.40 -25.42
CA LEU A 1490 12.03 12.20 -26.31
C LEU A 1490 11.00 13.31 -26.12
N ASN A 1491 10.17 13.48 -27.14
CA ASN A 1491 9.06 14.44 -27.10
C ASN A 1491 7.77 13.72 -26.72
N ASN A 1492 7.02 14.33 -25.82
CA ASN A 1492 5.80 13.76 -25.26
C ASN A 1492 6.02 12.37 -24.66
N PRO A 1493 6.86 12.24 -23.61
CA PRO A 1493 6.99 10.96 -22.94
C PRO A 1493 6.14 10.88 -21.67
N LYS A 1494 5.34 9.83 -21.54
CA LYS A 1494 4.48 9.68 -20.37
C LYS A 1494 5.10 8.86 -19.26
N PHE A 1495 6.24 8.21 -19.52
CA PHE A 1495 7.03 7.52 -18.50
C PHE A 1495 6.30 6.34 -17.86
N ASN A 1496 5.05 6.12 -18.23
CA ASN A 1496 4.31 4.92 -17.83
C ASN A 1496 4.15 3.95 -18.98
N ASP A 1497 4.76 4.24 -20.14
CA ASP A 1497 4.77 3.41 -21.33
C ASP A 1497 6.03 2.57 -21.34
N PRO A 1498 5.91 1.24 -21.52
CA PRO A 1498 7.13 0.42 -21.59
C PRO A 1498 8.04 0.79 -22.75
N HIS A 1499 7.48 1.22 -23.88
CA HIS A 1499 8.31 1.61 -25.01
C HIS A 1499 9.09 2.88 -24.73
N VAL A 1500 8.50 3.82 -23.97
CA VAL A 1500 9.27 4.97 -23.51
C VAL A 1500 10.28 4.56 -22.47
N LYS A 1501 9.97 3.52 -21.68
CA LYS A 1501 10.92 3.01 -20.70
C LYS A 1501 12.11 2.35 -21.39
N THR A 1502 11.84 1.40 -22.30
CA THR A 1502 12.92 0.71 -22.98
C THR A 1502 13.80 1.65 -23.78
N ASN A 1503 13.23 2.76 -24.28
CA ASN A 1503 14.03 3.74 -25.01
C ASN A 1503 15.04 4.41 -24.08
N LEU A 1504 14.65 4.69 -22.84
CA LEU A 1504 15.55 5.32 -21.90
C LEU A 1504 16.52 4.33 -21.27
N LEU A 1505 16.15 3.05 -21.20
CA LEU A 1505 17.02 2.06 -20.58
C LEU A 1505 18.27 1.82 -21.41
N LEU A 1506 18.15 1.81 -22.73
CA LEU A 1506 19.33 1.64 -23.58
C LEU A 1506 20.02 2.97 -23.83
N GLN A 1507 19.29 4.09 -23.76
CA GLN A 1507 19.95 5.39 -23.84
C GLN A 1507 20.86 5.62 -22.65
N ALA A 1508 20.54 5.02 -21.50
CA ALA A 1508 21.46 5.01 -20.37
C ALA A 1508 22.48 3.89 -20.49
N HIS A 1509 22.08 2.77 -21.10
CA HIS A 1509 23.04 1.69 -21.37
C HIS A 1509 24.08 2.13 -22.39
N LEU A 1510 23.68 2.93 -23.37
CA LEU A 1510 24.63 3.44 -24.35
C LEU A 1510 25.65 4.38 -23.69
N SER A 1511 25.18 5.28 -22.83
CA SER A 1511 26.05 6.22 -22.13
C SER A 1511 26.81 5.58 -20.97
N ARG A 1512 26.72 4.25 -20.82
CA ARG A 1512 27.41 3.52 -19.75
C ARG A 1512 27.01 4.02 -18.37
N MET A 1513 25.80 4.55 -18.25
CA MET A 1513 25.30 5.01 -16.95
C MET A 1513 24.97 3.82 -16.06
N GLN A 1514 25.15 4.01 -14.76
CA GLN A 1514 24.83 2.96 -13.81
C GLN A 1514 23.33 2.65 -13.85
N LEU A 1515 22.99 1.43 -13.44
CA LEU A 1515 21.66 0.88 -13.68
C LEU A 1515 20.67 1.18 -12.56
N SER A 1516 21.15 1.59 -11.38
CA SER A 1516 20.32 2.09 -10.29
C SER A 1516 19.18 1.13 -9.93
N ALA A 1517 19.46 -0.17 -10.03
CA ALA A 1517 18.55 -1.22 -9.57
C ALA A 1517 17.19 -1.20 -10.27
N GLU A 1518 16.30 -2.11 -9.86
CA GLU A 1518 14.95 -2.24 -10.39
C GLU A 1518 14.87 -2.14 -11.90
N LEU A 1519 15.04 -0.93 -12.45
CA LEU A 1519 15.00 -0.72 -13.88
C LEU A 1519 16.20 -1.35 -14.57
N GLN A 1520 17.00 -2.10 -13.81
CA GLN A 1520 18.15 -2.81 -14.36
C GLN A 1520 17.84 -4.26 -14.70
N SER A 1521 16.93 -4.90 -13.96
CA SER A 1521 16.55 -6.27 -14.29
C SER A 1521 15.70 -6.34 -15.55
N ASP A 1522 15.14 -5.21 -15.97
CA ASP A 1522 14.41 -5.15 -17.24
C ASP A 1522 15.36 -4.90 -18.41
N THR A 1523 16.47 -4.20 -18.18
CA THR A 1523 17.42 -3.94 -19.26
C THR A 1523 18.02 -5.24 -19.78
N GLU A 1524 18.31 -6.19 -18.89
CA GLU A 1524 18.79 -7.49 -19.33
C GLU A 1524 17.74 -8.21 -20.18
N GLU A 1525 16.45 -8.01 -19.88
CA GLU A 1525 15.41 -8.59 -20.72
C GLU A 1525 15.35 -7.92 -22.09
N ILE A 1526 15.69 -6.64 -22.16
CA ILE A 1526 15.71 -5.94 -23.44
C ILE A 1526 16.87 -6.44 -24.30
N LEU A 1527 18.05 -6.58 -23.70
CA LEU A 1527 19.23 -6.98 -24.45
C LEU A 1527 19.16 -8.43 -24.94
N SER A 1528 18.29 -9.24 -24.34
CA SER A 1528 18.12 -10.62 -24.81
C SER A 1528 17.50 -10.65 -26.19
N LYS A 1529 16.45 -9.85 -26.41
CA LYS A 1529 15.78 -9.77 -27.70
C LYS A 1529 16.29 -8.62 -28.56
N ALA A 1530 17.42 -8.01 -28.18
CA ALA A 1530 17.92 -6.83 -28.89
C ALA A 1530 18.58 -7.18 -30.21
N ILE A 1531 19.24 -8.34 -30.28
CA ILE A 1531 20.00 -8.68 -31.49
C ILE A 1531 19.06 -8.96 -32.65
N ARG A 1532 18.02 -9.76 -32.42
CA ARG A 1532 17.11 -10.13 -33.49
C ARG A 1532 16.33 -8.93 -34.02
N LEU A 1533 16.08 -7.93 -33.18
CA LEU A 1533 15.29 -6.78 -33.62
C LEU A 1533 16.10 -5.85 -34.52
N ILE A 1534 17.41 -5.73 -34.26
CA ILE A 1534 18.23 -4.87 -35.11
C ILE A 1534 18.50 -5.55 -36.44
N GLN A 1535 18.70 -6.87 -36.43
CA GLN A 1535 18.91 -7.60 -37.67
C GLN A 1535 17.67 -7.57 -38.56
N ALA A 1536 16.49 -7.43 -37.95
CA ALA A 1536 15.27 -7.27 -38.73
C ALA A 1536 15.27 -5.93 -39.46
N CYS A 1537 15.73 -4.87 -38.79
CA CYS A 1537 15.85 -3.57 -39.46
C CYS A 1537 16.85 -3.62 -40.59
N VAL A 1538 17.89 -4.44 -40.46
CA VAL A 1538 18.87 -4.59 -41.54
C VAL A 1538 18.21 -5.21 -42.76
N ASP A 1539 17.33 -6.20 -42.54
CA ASP A 1539 16.67 -6.86 -43.66
C ASP A 1539 15.57 -6.00 -44.28
N VAL A 1540 14.83 -5.26 -43.44
CA VAL A 1540 13.78 -4.40 -43.96
C VAL A 1540 14.37 -3.24 -44.76
N LEU A 1541 15.46 -2.65 -44.27
CA LEU A 1541 16.11 -1.56 -44.99
C LEU A 1541 16.82 -2.06 -46.24
N SER A 1542 17.28 -3.32 -46.23
CA SER A 1542 17.88 -3.88 -47.43
C SER A 1542 16.81 -4.20 -48.48
N SER A 1543 15.64 -4.67 -48.03
CA SER A 1543 14.55 -4.97 -48.96
C SER A 1543 14.01 -3.69 -49.59
N ASN A 1544 14.07 -2.57 -48.89
CA ASN A 1544 13.62 -1.29 -49.43
C ASN A 1544 14.68 -0.57 -50.24
N GLY A 1545 15.95 -0.99 -50.14
CA GLY A 1545 17.00 -0.41 -50.95
C GLY A 1545 17.57 0.88 -50.41
N TRP A 1546 17.94 0.89 -49.13
CA TRP A 1546 18.53 2.06 -48.48
C TRP A 1546 19.79 1.63 -47.75
N LEU A 1547 20.91 2.29 -48.05
CA LEU A 1547 22.18 1.92 -47.44
C LEU A 1547 22.54 2.76 -46.22
N SER A 1548 22.28 4.07 -46.26
CA SER A 1548 22.61 4.91 -45.11
C SER A 1548 21.85 4.50 -43.84
N PRO A 1549 20.54 4.21 -43.87
CA PRO A 1549 19.91 3.64 -42.67
C PRO A 1549 20.38 2.24 -42.36
N ALA A 1550 20.77 1.46 -43.38
CA ALA A 1550 21.22 0.09 -43.14
C ALA A 1550 22.59 0.08 -42.47
N LEU A 1551 23.49 0.97 -42.90
CA LEU A 1551 24.80 1.03 -42.27
C LEU A 1551 24.71 1.53 -40.83
N ALA A 1552 23.77 2.43 -40.54
CA ALA A 1552 23.56 2.87 -39.18
C ALA A 1552 22.95 1.77 -38.31
N ALA A 1553 22.12 0.91 -38.91
CA ALA A 1553 21.56 -0.20 -38.16
C ALA A 1553 22.61 -1.25 -37.82
N MET A 1554 23.55 -1.48 -38.75
CA MET A 1554 24.63 -2.42 -38.47
C MET A 1554 25.55 -1.92 -37.36
N GLU A 1555 25.70 -0.60 -37.23
CA GLU A 1555 26.46 -0.05 -36.12
C GLU A 1555 25.73 -0.20 -34.80
N LEU A 1556 24.40 -0.35 -34.82
CA LEU A 1556 23.64 -0.38 -33.59
C LEU A 1556 23.93 -1.64 -32.78
N ALA A 1557 23.99 -2.79 -33.45
CA ALA A 1557 24.33 -4.03 -32.74
C ALA A 1557 25.75 -3.98 -32.17
N GLN A 1558 26.62 -3.18 -32.78
CA GLN A 1558 27.97 -3.01 -32.25
C GLN A 1558 27.96 -2.20 -30.96
N MET A 1559 27.35 -1.02 -31.01
CA MET A 1559 27.30 -0.11 -29.86
C MET A 1559 26.37 -0.60 -28.76
N VAL A 1560 25.79 -1.78 -28.90
CA VAL A 1560 24.95 -2.36 -27.86
C VAL A 1560 25.72 -3.38 -27.02
N THR A 1561 26.53 -4.21 -27.67
CA THR A 1561 27.29 -5.23 -26.94
C THR A 1561 28.37 -4.61 -26.07
N GLN A 1562 29.04 -3.58 -26.56
CA GLN A 1562 30.07 -2.88 -25.80
C GLN A 1562 29.60 -1.56 -25.24
N ALA A 1563 28.33 -1.21 -25.43
CA ALA A 1563 27.73 0.01 -24.88
C ALA A 1563 28.48 1.27 -25.32
N MET A 1564 28.25 1.70 -26.56
CA MET A 1564 28.85 2.91 -27.10
C MET A 1564 27.74 3.77 -27.70
N TRP A 1565 28.09 5.03 -27.97
CA TRP A 1565 27.19 5.96 -28.63
C TRP A 1565 27.61 6.14 -30.08
N SER A 1566 26.93 7.07 -30.78
CA SER A 1566 27.21 7.28 -32.20
C SER A 1566 28.59 7.88 -32.41
N LYS A 1567 29.02 8.76 -31.51
CA LYS A 1567 30.31 9.43 -31.61
C LYS A 1567 31.21 9.11 -30.43
N ASP A 1568 31.09 7.90 -29.88
CA ASP A 1568 31.84 7.50 -28.71
C ASP A 1568 33.29 7.15 -29.10
N SER A 1569 34.09 6.87 -28.09
CA SER A 1569 35.48 6.48 -28.30
C SER A 1569 35.58 5.00 -28.62
N TYR A 1570 36.60 4.65 -29.41
CA TYR A 1570 36.77 3.26 -29.82
C TYR A 1570 37.42 2.39 -28.75
N LEU A 1571 38.14 2.99 -27.80
CA LEU A 1571 38.83 2.25 -26.76
C LEU A 1571 37.90 1.85 -25.61
N LYS A 1572 36.59 1.96 -25.77
CA LYS A 1572 35.64 1.62 -24.73
C LYS A 1572 35.46 0.12 -24.54
N GLN A 1573 36.36 -0.69 -25.10
CA GLN A 1573 36.36 -2.13 -24.88
C GLN A 1573 37.44 -2.56 -23.91
N LEU A 1574 38.11 -1.62 -23.26
CA LEU A 1574 39.24 -1.95 -22.41
C LEU A 1574 38.70 -2.40 -21.04
N PRO A 1575 39.25 -3.47 -20.46
CA PRO A 1575 38.66 -3.98 -19.21
C PRO A 1575 38.73 -3.03 -18.01
N HIS A 1576 39.55 -1.97 -18.07
CA HIS A 1576 39.70 -1.03 -16.95
C HIS A 1576 40.03 0.34 -17.53
N PHE A 1577 38.99 1.08 -17.90
CA PHE A 1577 39.18 2.37 -18.56
C PHE A 1577 37.97 3.25 -18.24
N THR A 1578 38.17 4.28 -17.42
CA THR A 1578 37.08 5.16 -17.01
C THR A 1578 36.76 6.16 -18.12
N SER A 1579 35.73 6.99 -17.88
CA SER A 1579 35.33 7.96 -18.88
C SER A 1579 36.35 9.09 -19.02
N GLU A 1580 37.01 9.47 -17.93
CA GLU A 1580 38.05 10.48 -17.95
C GLU A 1580 39.42 9.91 -18.23
N HIS A 1581 39.51 8.86 -19.06
CA HIS A 1581 40.78 8.24 -19.40
C HIS A 1581 41.19 8.43 -20.85
N ILE A 1582 40.25 8.73 -21.75
CA ILE A 1582 40.61 8.99 -23.14
C ILE A 1582 41.35 10.30 -23.27
N LYS A 1583 41.24 11.20 -22.29
CA LYS A 1583 41.94 12.47 -22.32
C LYS A 1583 43.44 12.31 -22.08
N ARG A 1584 43.90 11.11 -21.70
CA ARG A 1584 45.33 10.89 -21.51
C ARG A 1584 46.09 10.86 -22.84
N CYS A 1585 45.39 10.67 -23.96
CA CYS A 1585 46.00 10.56 -25.28
C CYS A 1585 45.15 11.33 -26.29
N THR A 1586 45.16 12.66 -26.17
CA THR A 1586 44.43 13.53 -27.09
C THR A 1586 45.32 14.52 -27.83
N ASP A 1587 46.51 14.83 -27.31
CA ASP A 1587 47.40 15.76 -28.00
C ASP A 1587 48.10 15.07 -29.17
N LYS A 1588 48.84 13.99 -28.89
CA LYS A 1588 49.49 13.19 -29.93
C LYS A 1588 49.44 11.71 -29.59
N GLY A 1589 48.43 11.28 -28.85
CA GLY A 1589 48.34 9.92 -28.38
C GLY A 1589 47.59 9.00 -29.33
N VAL A 1590 47.08 7.91 -28.76
CA VAL A 1590 46.43 6.85 -29.52
C VAL A 1590 44.95 7.17 -29.67
N GLU A 1591 44.40 6.85 -30.86
CA GLU A 1591 42.99 7.04 -31.13
C GLU A 1591 42.27 5.77 -31.59
N SER A 1592 43.00 4.73 -31.97
CA SER A 1592 42.39 3.51 -32.50
C SER A 1592 42.95 2.30 -31.77
N VAL A 1593 42.36 1.14 -32.06
CA VAL A 1593 42.80 -0.12 -31.47
C VAL A 1593 43.87 -0.81 -32.31
N PHE A 1594 44.22 -0.24 -33.46
CA PHE A 1594 45.21 -0.86 -34.34
C PHE A 1594 46.63 -0.41 -34.02
N ASP A 1595 46.82 0.87 -33.70
CA ASP A 1595 48.16 1.37 -33.38
C ASP A 1595 48.64 0.96 -32.00
N ILE A 1596 47.80 0.29 -31.20
CA ILE A 1596 48.28 -0.32 -29.97
C ILE A 1596 48.88 -1.70 -30.20
N MET A 1597 48.57 -2.34 -31.33
CA MET A 1597 49.16 -3.62 -31.71
C MET A 1597 50.14 -3.50 -32.87
N GLU A 1598 49.89 -2.61 -33.82
CA GLU A 1598 50.87 -2.33 -34.86
C GLU A 1598 52.17 -1.81 -34.26
N MET A 1599 52.07 -1.08 -33.15
CA MET A 1599 53.25 -0.71 -32.37
C MET A 1599 53.94 -1.98 -31.87
N GLU A 1600 54.84 -2.54 -32.68
CA GLU A 1600 55.48 -3.80 -32.33
C GLU A 1600 56.31 -3.66 -31.05
N ASP A 1601 56.77 -2.45 -30.75
CA ASP A 1601 57.43 -2.19 -29.46
C ASP A 1601 56.40 -2.33 -28.35
N GLU A 1602 56.48 -3.43 -27.60
CA GLU A 1602 55.52 -3.71 -26.54
C GLU A 1602 55.58 -2.66 -25.44
N GLU A 1603 55.11 -1.45 -25.73
CA GLU A 1603 55.11 -0.39 -24.73
C GLU A 1603 54.08 -0.68 -23.65
N ARG A 1604 52.83 -0.89 -24.04
CA ARG A 1604 51.75 -1.25 -23.12
C ARG A 1604 51.63 -0.25 -21.97
N ASN A 1605 51.78 -0.74 -20.73
CA ASN A 1605 51.66 0.10 -19.54
C ASN A 1605 52.98 0.85 -19.31
N ALA A 1606 53.26 1.79 -20.22
CA ALA A 1606 54.41 2.67 -20.08
C ALA A 1606 54.09 4.13 -20.36
N LEU A 1607 52.93 4.44 -20.94
CA LEU A 1607 52.49 5.82 -21.07
C LEU A 1607 51.55 6.24 -19.96
N LEU A 1608 50.73 5.33 -19.44
CA LEU A 1608 49.91 5.56 -18.27
C LEU A 1608 49.52 4.22 -17.68
N GLN A 1609 49.45 4.16 -16.35
CA GLN A 1609 49.27 2.91 -15.63
C GLN A 1609 48.16 3.06 -14.60
N LEU A 1610 47.32 2.03 -14.50
CA LEU A 1610 46.34 1.96 -13.43
C LEU A 1610 46.35 0.63 -12.69
N THR A 1611 46.45 -0.50 -13.40
CA THR A 1611 46.47 -1.82 -12.77
C THR A 1611 47.38 -2.74 -13.55
N ASP A 1612 48.22 -3.49 -12.83
CA ASP A 1612 49.17 -4.41 -13.43
C ASP A 1612 48.71 -5.86 -13.38
N SER A 1613 47.90 -6.23 -12.39
CA SER A 1613 47.42 -7.59 -12.27
C SER A 1613 46.21 -7.88 -13.16
N GLN A 1614 45.63 -6.86 -13.79
CA GLN A 1614 44.44 -7.02 -14.61
C GLN A 1614 44.69 -6.63 -16.06
N ILE A 1615 45.93 -6.70 -16.53
CA ILE A 1615 46.24 -6.47 -17.93
C ILE A 1615 46.27 -7.82 -18.64
N ALA A 1616 45.90 -8.88 -17.93
CA ALA A 1616 45.71 -10.18 -18.55
C ALA A 1616 44.35 -10.31 -19.22
N ASP A 1617 43.47 -9.33 -19.03
CA ASP A 1617 42.16 -9.31 -19.68
C ASP A 1617 42.17 -8.50 -20.97
N VAL A 1618 42.93 -7.41 -21.00
CA VAL A 1618 43.05 -6.62 -22.23
C VAL A 1618 43.74 -7.45 -23.32
N ALA A 1619 44.72 -8.28 -22.92
CA ALA A 1619 45.38 -9.16 -23.87
C ALA A 1619 44.42 -10.20 -24.46
N ARG A 1620 43.28 -10.44 -23.80
CA ARG A 1620 42.31 -11.40 -24.32
C ARG A 1620 41.46 -10.77 -25.43
N PHE A 1621 40.88 -9.61 -25.16
CA PHE A 1621 40.06 -8.97 -26.18
C PHE A 1621 40.89 -8.30 -27.28
N CYS A 1622 42.21 -8.23 -27.11
CA CYS A 1622 43.06 -7.64 -28.15
C CYS A 1622 43.17 -8.56 -29.36
N ASN A 1623 43.57 -9.82 -29.13
CA ASN A 1623 43.67 -10.76 -30.24
C ASN A 1623 42.33 -11.35 -30.64
N ARG A 1624 41.26 -11.09 -29.89
CA ARG A 1624 39.92 -11.40 -30.38
C ARG A 1624 39.39 -10.30 -31.28
N TYR A 1625 39.78 -9.04 -31.01
CA TYR A 1625 39.48 -7.89 -31.84
C TYR A 1625 40.08 -8.11 -33.22
N PRO A 1626 39.27 -8.43 -34.24
CA PRO A 1626 39.83 -8.90 -35.51
C PRO A 1626 40.26 -7.74 -36.41
N ASN A 1627 41.48 -7.87 -36.95
CA ASN A 1627 41.92 -6.98 -38.01
C ASN A 1627 41.34 -7.41 -39.33
N ILE A 1628 41.41 -6.54 -40.33
CA ILE A 1628 40.83 -6.79 -41.65
C ILE A 1628 41.93 -6.88 -42.69
N GLU A 1629 41.76 -7.80 -43.63
CA GLU A 1629 42.61 -7.90 -44.82
C GLU A 1629 41.66 -8.25 -45.97
N LEU A 1630 41.13 -7.22 -46.62
CA LEU A 1630 40.07 -7.37 -47.59
C LEU A 1630 40.49 -6.75 -48.91
N SER A 1631 40.03 -7.37 -50.02
CA SER A 1631 40.37 -6.88 -51.36
C SER A 1631 39.34 -7.48 -52.32
N TYR A 1632 38.29 -6.72 -52.62
CA TYR A 1632 37.25 -7.17 -53.52
C TYR A 1632 37.81 -7.56 -54.88
N GLU A 1633 37.07 -8.43 -55.57
CA GLU A 1633 37.48 -8.92 -56.88
C GLU A 1633 36.35 -8.69 -57.87
N VAL A 1634 36.61 -7.88 -58.89
CA VAL A 1634 35.67 -7.63 -59.98
C VAL A 1634 36.41 -7.69 -61.29
N VAL A 1635 35.84 -8.39 -62.27
CA VAL A 1635 36.44 -8.53 -63.58
C VAL A 1635 35.61 -7.73 -64.57
N ASP A 1636 36.27 -7.25 -65.64
CA ASP A 1636 35.63 -6.40 -66.62
C ASP A 1636 35.09 -7.17 -67.82
N LYS A 1637 35.43 -8.45 -67.95
CA LYS A 1637 35.01 -9.22 -69.12
C LYS A 1637 33.81 -10.11 -68.86
N ASP A 1638 33.63 -10.62 -67.64
CA ASP A 1638 32.48 -11.47 -67.35
C ASP A 1638 31.17 -10.70 -67.35
N SER A 1639 31.24 -9.37 -67.23
CA SER A 1639 30.05 -8.53 -67.31
C SER A 1639 30.46 -7.14 -67.77
N ILE A 1640 29.71 -6.60 -68.73
CA ILE A 1640 30.01 -5.28 -69.28
C ILE A 1640 28.73 -4.74 -69.90
N ARG A 1641 28.60 -3.40 -69.91
CA ARG A 1641 27.46 -2.72 -70.52
C ARG A 1641 26.14 -3.15 -69.89
N SER A 1642 26.16 -3.44 -68.60
CA SER A 1642 24.97 -3.80 -67.81
C SER A 1642 24.35 -5.06 -68.42
N GLY A 1643 23.03 -5.16 -68.50
CA GLY A 1643 22.38 -6.33 -69.05
C GLY A 1643 22.42 -7.52 -68.13
N GLY A 1644 23.51 -8.30 -68.20
CA GLY A 1644 23.64 -9.49 -67.40
C GLY A 1644 24.01 -9.18 -65.97
N PRO A 1645 24.12 -10.24 -65.17
CA PRO A 1645 24.47 -10.07 -63.75
C PRO A 1645 25.93 -9.67 -63.57
N VAL A 1646 26.22 -9.13 -62.40
CA VAL A 1646 27.57 -8.75 -62.00
C VAL A 1646 27.89 -9.44 -60.69
N VAL A 1647 28.96 -10.24 -60.67
CA VAL A 1647 29.33 -11.05 -59.51
C VAL A 1647 30.59 -10.46 -58.88
N VAL A 1648 30.58 -10.36 -57.55
CA VAL A 1648 31.71 -9.86 -56.78
C VAL A 1648 32.04 -10.87 -55.70
N LEU A 1649 33.34 -11.11 -55.48
CA LEU A 1649 33.81 -12.02 -54.44
C LEU A 1649 34.72 -11.26 -53.47
N VAL A 1650 34.61 -11.60 -52.19
CA VAL A 1650 35.34 -10.92 -51.13
C VAL A 1650 36.17 -11.96 -50.36
N GLN A 1651 37.07 -11.49 -49.52
CA GLN A 1651 38.02 -12.34 -48.83
C GLN A 1651 37.31 -13.19 -47.77
N LEU A 1652 38.07 -14.16 -47.23
CA LEU A 1652 37.51 -15.15 -46.31
C LEU A 1652 38.42 -15.49 -45.14
N GLU A 1653 39.73 -15.47 -45.29
CA GLU A 1653 40.66 -15.88 -44.24
C GLU A 1653 41.22 -14.66 -43.52
N ARG A 1654 41.42 -14.80 -42.21
CA ARG A 1654 41.98 -13.75 -41.38
C ARG A 1654 43.16 -14.30 -40.59
N GLU A 1655 43.88 -13.38 -39.93
CA GLU A 1655 45.15 -13.69 -39.27
C GLU A 1655 45.01 -14.75 -38.18
N GLU A 1656 44.64 -14.32 -36.97
CA GLU A 1656 44.63 -15.21 -35.82
C GLU A 1656 43.57 -16.29 -35.98
N GLU A 1657 44.00 -17.56 -35.84
CA GLU A 1657 43.07 -18.68 -35.78
C GLU A 1657 42.32 -18.59 -34.46
N VAL A 1658 41.26 -17.79 -34.46
CA VAL A 1658 40.52 -17.45 -33.25
C VAL A 1658 39.42 -18.48 -33.02
N THR A 1659 39.38 -19.04 -31.83
CA THR A 1659 38.30 -19.91 -31.37
C THR A 1659 37.78 -19.42 -30.03
N GLY A 1660 37.68 -18.10 -29.86
CA GLY A 1660 37.21 -17.51 -28.63
C GLY A 1660 35.94 -16.72 -28.84
N PRO A 1661 35.06 -16.72 -27.85
CA PRO A 1661 33.79 -16.00 -27.98
C PRO A 1661 34.00 -14.50 -27.99
N VAL A 1662 32.92 -13.79 -28.35
CA VAL A 1662 32.94 -12.33 -28.35
C VAL A 1662 32.91 -11.83 -26.91
N ILE A 1663 33.75 -10.83 -26.61
CA ILE A 1663 33.74 -10.23 -25.29
C ILE A 1663 32.42 -9.46 -25.11
N ALA A 1664 31.73 -9.75 -24.02
CA ALA A 1664 30.44 -9.13 -23.71
C ALA A 1664 30.44 -8.68 -22.26
N PRO A 1665 31.17 -7.59 -21.96
CA PRO A 1665 31.21 -7.13 -20.56
C PRO A 1665 29.88 -6.54 -20.10
N LEU A 1666 29.17 -5.84 -20.99
CA LEU A 1666 27.87 -5.27 -20.65
C LEU A 1666 26.72 -6.03 -21.27
N PHE A 1667 26.96 -6.82 -22.30
CA PHE A 1667 25.92 -7.64 -22.90
C PHE A 1667 25.77 -8.93 -22.09
N PRO A 1668 24.60 -9.19 -21.49
CA PRO A 1668 24.46 -10.38 -20.65
C PRO A 1668 24.45 -11.69 -21.41
N GLN A 1669 24.49 -11.66 -22.74
CA GLN A 1669 24.46 -12.86 -23.56
C GLN A 1669 25.76 -13.00 -24.31
N LYS A 1670 26.42 -14.15 -24.18
CA LYS A 1670 27.52 -14.52 -25.05
C LYS A 1670 27.09 -14.42 -26.51
N ARG A 1671 27.99 -13.93 -27.35
CA ARG A 1671 27.66 -13.62 -28.73
C ARG A 1671 28.71 -14.18 -29.67
N GLU A 1672 28.38 -14.17 -30.96
CA GLU A 1672 29.29 -14.55 -32.03
C GLU A 1672 29.50 -13.35 -32.96
N GLU A 1673 30.65 -13.31 -33.61
CA GLU A 1673 30.96 -12.22 -34.53
C GLU A 1673 30.19 -12.42 -35.83
N GLY A 1674 29.35 -11.44 -36.17
CA GLY A 1674 28.62 -11.47 -37.41
C GLY A 1674 28.91 -10.24 -38.26
N TRP A 1675 29.16 -10.44 -39.55
CA TRP A 1675 29.58 -9.36 -40.43
C TRP A 1675 28.70 -9.31 -41.67
N TRP A 1676 28.37 -8.10 -42.08
CA TRP A 1676 27.58 -7.86 -43.29
C TRP A 1676 28.51 -7.38 -44.40
N VAL A 1677 28.52 -8.12 -45.50
CA VAL A 1677 29.29 -7.75 -46.69
C VAL A 1677 28.32 -7.05 -47.63
N VAL A 1678 28.36 -5.72 -47.64
CA VAL A 1678 27.38 -4.90 -48.35
C VAL A 1678 28.08 -4.16 -49.48
N ILE A 1679 27.48 -4.21 -50.67
CA ILE A 1679 27.89 -3.40 -51.81
C ILE A 1679 26.76 -2.43 -52.11
N GLY A 1680 27.05 -1.13 -52.02
CA GLY A 1680 26.04 -0.12 -52.27
C GLY A 1680 26.59 0.99 -53.14
N ASP A 1681 25.68 1.88 -53.55
CA ASP A 1681 26.06 3.00 -54.38
C ASP A 1681 26.97 3.95 -53.60
N ALA A 1682 27.66 4.82 -54.34
CA ALA A 1682 28.57 5.77 -53.72
C ALA A 1682 27.86 6.65 -52.70
N LYS A 1683 26.91 7.45 -53.14
CA LYS A 1683 26.09 8.24 -52.24
C LYS A 1683 24.73 8.51 -52.88
N SER A 1684 24.09 7.45 -53.36
CA SER A 1684 22.72 7.53 -53.88
C SER A 1684 21.73 6.80 -52.99
N ASN A 1685 22.17 6.33 -51.82
CA ASN A 1685 21.33 5.58 -50.87
C ASN A 1685 20.72 4.36 -51.53
N SER A 1686 21.53 3.65 -52.32
CA SER A 1686 21.09 2.44 -53.02
C SER A 1686 21.93 1.26 -52.53
N LEU A 1687 21.34 0.45 -51.67
CA LEU A 1687 22.00 -0.78 -51.22
C LEU A 1687 21.77 -1.87 -52.25
N ILE A 1688 22.85 -2.33 -52.87
CA ILE A 1688 22.74 -3.23 -54.01
C ILE A 1688 22.83 -4.70 -53.60
N SER A 1689 23.73 -5.04 -52.68
CA SER A 1689 23.89 -6.43 -52.28
C SER A 1689 24.24 -6.49 -50.80
N ILE A 1690 23.89 -7.60 -50.17
CA ILE A 1690 24.09 -7.78 -48.73
C ILE A 1690 23.95 -9.25 -48.38
N LYS A 1691 24.86 -9.77 -47.56
CA LYS A 1691 24.80 -11.15 -47.10
C LYS A 1691 25.19 -11.22 -45.63
N ARG A 1692 24.36 -11.85 -44.82
CA ARG A 1692 24.61 -12.02 -43.40
C ARG A 1692 25.01 -13.48 -43.16
N LEU A 1693 26.31 -13.70 -43.00
CA LEU A 1693 26.85 -15.03 -42.74
C LEU A 1693 27.70 -15.00 -41.47
N THR A 1694 27.70 -16.12 -40.76
CA THR A 1694 28.54 -16.24 -39.57
C THR A 1694 30.01 -16.15 -39.94
N LEU A 1695 30.80 -15.56 -39.04
CA LEU A 1695 32.21 -15.34 -39.31
C LEU A 1695 33.02 -16.59 -38.98
N GLN A 1696 33.88 -16.99 -39.92
CA GLN A 1696 34.74 -18.14 -39.72
C GLN A 1696 36.13 -17.86 -40.29
N GLN A 1697 36.71 -18.84 -40.98
CA GLN A 1697 37.97 -18.66 -41.68
C GLN A 1697 37.87 -18.93 -43.17
N LYS A 1698 36.78 -19.52 -43.63
CA LYS A 1698 36.59 -19.82 -45.06
C LYS A 1698 35.10 -20.00 -45.31
N ALA A 1699 34.58 -19.30 -46.31
CA ALA A 1699 33.17 -19.38 -46.65
C ALA A 1699 33.04 -19.18 -48.17
N LYS A 1700 31.85 -18.79 -48.61
CA LYS A 1700 31.58 -18.52 -50.02
C LYS A 1700 30.81 -17.20 -50.12
N VAL A 1701 31.49 -16.15 -50.57
CA VAL A 1701 30.85 -14.85 -50.73
C VAL A 1701 29.88 -14.90 -51.89
N LYS A 1702 28.63 -15.22 -51.60
CA LYS A 1702 27.58 -15.31 -52.62
C LYS A 1702 26.87 -13.97 -52.72
N LEU A 1703 27.29 -13.15 -53.69
CA LEU A 1703 26.62 -11.87 -53.93
C LEU A 1703 26.69 -11.57 -55.42
N ASP A 1704 25.59 -11.06 -55.95
CA ASP A 1704 25.51 -10.68 -57.36
C ASP A 1704 24.34 -9.72 -57.53
N PHE A 1705 24.36 -9.00 -58.65
CA PHE A 1705 23.35 -7.98 -58.89
C PHE A 1705 23.30 -7.66 -60.38
N VAL A 1706 22.24 -6.98 -60.77
CA VAL A 1706 22.06 -6.50 -62.14
C VAL A 1706 22.57 -5.07 -62.23
N ALA A 1707 23.31 -4.77 -63.32
CA ALA A 1707 23.93 -3.45 -63.41
C ALA A 1707 23.03 -2.47 -64.15
N PRO A 1708 23.10 -1.19 -63.80
CA PRO A 1708 22.33 -0.17 -64.53
C PRO A 1708 23.02 0.21 -65.83
N ALA A 1709 22.24 0.88 -66.69
CA ALA A 1709 22.68 1.23 -68.05
C ALA A 1709 23.93 2.10 -68.06
N THR A 1710 24.43 2.41 -69.25
CA THR A 1710 25.68 3.15 -69.48
C THR A 1710 26.80 2.30 -68.86
N GLY A 1711 27.70 2.87 -68.07
CA GLY A 1711 28.78 2.08 -67.50
C GLY A 1711 29.50 2.76 -66.35
N ALA A 1712 29.58 4.09 -66.38
CA ALA A 1712 30.28 4.85 -65.35
C ALA A 1712 29.41 4.87 -64.09
N HIS A 1713 29.80 4.07 -63.10
CA HIS A 1713 29.07 4.00 -61.84
C HIS A 1713 30.06 3.80 -60.70
N ASN A 1714 30.11 4.75 -59.78
CA ASN A 1714 30.97 4.64 -58.60
C ASN A 1714 30.26 3.83 -57.54
N TYR A 1715 30.85 2.70 -57.16
CA TYR A 1715 30.30 1.81 -56.15
C TYR A 1715 31.12 1.92 -54.87
N THR A 1716 30.68 1.20 -53.84
CA THR A 1716 31.38 1.16 -52.56
C THR A 1716 31.07 -0.15 -51.86
N LEU A 1717 32.12 -0.83 -51.39
CA LEU A 1717 31.98 -2.09 -50.67
C LEU A 1717 32.06 -1.82 -49.18
N TYR A 1718 30.99 -2.12 -48.47
CA TYR A 1718 30.92 -1.94 -47.02
C TYR A 1718 31.02 -3.30 -46.34
N PHE A 1719 31.85 -3.39 -45.30
CA PHE A 1719 32.06 -4.61 -44.54
C PHE A 1719 31.84 -4.30 -43.05
N MET A 1720 30.58 -4.12 -42.68
CA MET A 1720 30.21 -3.75 -41.32
C MET A 1720 30.11 -4.99 -40.43
N SER A 1721 30.18 -4.75 -39.13
CA SER A 1721 30.13 -5.80 -38.12
C SER A 1721 28.87 -5.66 -37.28
N ASP A 1722 28.72 -6.56 -36.31
CA ASP A 1722 27.61 -6.52 -35.37
C ASP A 1722 28.03 -6.65 -33.91
N ALA A 1723 29.31 -6.85 -33.64
CA ALA A 1723 29.82 -7.01 -32.28
C ALA A 1723 30.65 -5.81 -31.87
N TYR A 1724 31.81 -5.60 -32.49
CA TYR A 1724 32.68 -4.47 -32.19
C TYR A 1724 32.52 -3.38 -33.24
N MET A 1725 33.12 -2.23 -32.94
CA MET A 1725 33.19 -1.12 -33.88
C MET A 1725 34.63 -0.64 -33.98
N GLY A 1726 35.11 -0.43 -35.20
CA GLY A 1726 36.49 -0.05 -35.41
C GLY A 1726 37.12 -0.88 -36.51
N CYS A 1727 36.80 -2.17 -36.54
CA CYS A 1727 37.29 -3.05 -37.58
C CYS A 1727 36.57 -2.84 -38.91
N ASP A 1728 35.50 -2.06 -38.94
CA ASP A 1728 34.78 -1.80 -40.18
C ASP A 1728 35.60 -0.90 -41.09
N GLN A 1729 35.62 -1.22 -42.37
CA GLN A 1729 36.34 -0.45 -43.36
C GLN A 1729 35.52 -0.36 -44.65
N GLU A 1730 35.76 0.69 -45.42
CA GLU A 1730 35.07 0.92 -46.67
C GLU A 1730 36.02 0.76 -47.85
N TYR A 1731 35.46 0.44 -49.01
CA TYR A 1731 36.22 0.21 -50.23
C TYR A 1731 35.45 0.78 -51.40
N LYS A 1732 35.97 1.86 -51.99
CA LYS A 1732 35.34 2.52 -53.12
C LYS A 1732 35.96 2.01 -54.43
N PHE A 1733 35.11 1.72 -55.40
CA PHE A 1733 35.57 1.20 -56.69
C PHE A 1733 34.53 1.53 -57.75
N SER A 1734 34.81 1.09 -58.97
CA SER A 1734 33.91 1.30 -60.10
C SER A 1734 34.16 0.21 -61.14
N VAL A 1735 33.08 -0.23 -61.78
CA VAL A 1735 33.14 -1.25 -62.81
C VAL A 1735 32.43 -0.73 -64.06
N ASP A 1736 32.47 -1.53 -65.12
CA ASP A 1736 31.81 -1.21 -66.39
C ASP A 1736 32.28 0.13 -66.95
#